data_7O2Y
# 
_entry.id   7O2Y 
# 
_audit_conform.dict_name       mmcif_pdbx.dic 
_audit_conform.dict_version    5.398 
_audit_conform.dict_location   http://mmcif.pdb.org/dictionaries/ascii/mmcif_pdbx.dic 
# 
loop_
_database_2.database_id 
_database_2.database_code 
_database_2.pdbx_database_accession 
_database_2.pdbx_DOI 
PDB   7O2Y         pdb_00007o2y 10.2210/pdb7o2y/pdb 
WWPDB D_1292113649 ?            ?                   
# 
loop_
_pdbx_audit_revision_history.ordinal 
_pdbx_audit_revision_history.data_content_type 
_pdbx_audit_revision_history.major_revision 
_pdbx_audit_revision_history.minor_revision 
_pdbx_audit_revision_history.revision_date 
1 'Structure model' 1 0 2022-04-13 
2 'Structure model' 1 1 2022-08-17 
3 'Structure model' 1 2 2024-01-31 
4 'Structure model' 1 3 2024-11-06 
# 
_pdbx_audit_revision_details.ordinal             1 
_pdbx_audit_revision_details.revision_ordinal    1 
_pdbx_audit_revision_details.data_content_type   'Structure model' 
_pdbx_audit_revision_details.provider            repository 
_pdbx_audit_revision_details.type                'Initial release' 
_pdbx_audit_revision_details.description         ? 
_pdbx_audit_revision_details.details             ? 
# 
loop_
_pdbx_audit_revision_group.ordinal 
_pdbx_audit_revision_group.revision_ordinal 
_pdbx_audit_revision_group.data_content_type 
_pdbx_audit_revision_group.group 
1 2 'Structure model' 'Database references'    
2 2 'Structure model' 'Derived calculations'   
3 3 'Structure model' 'Data collection'        
4 3 'Structure model' 'Refinement description' 
5 4 'Structure model' 'Structure summary'      
# 
loop_
_pdbx_audit_revision_category.ordinal 
_pdbx_audit_revision_category.revision_ordinal 
_pdbx_audit_revision_category.data_content_type 
_pdbx_audit_revision_category.category 
1 2 'Structure model' atom_type                     
2 2 'Structure model' citation                      
3 2 'Structure model' citation_author               
4 3 'Structure model' chem_comp_atom                
5 3 'Structure model' chem_comp_bond                
6 3 'Structure model' pdbx_initial_refinement_model 
7 4 'Structure model' pdbx_entry_details            
8 4 'Structure model' pdbx_modification_feature     
# 
loop_
_pdbx_audit_revision_item.ordinal 
_pdbx_audit_revision_item.revision_ordinal 
_pdbx_audit_revision_item.data_content_type 
_pdbx_audit_revision_item.item 
1  2 'Structure model' '_atom_type.pdbx_N_electrons'                  
2  2 'Structure model' '_atom_type.pdbx_scat_Z'                       
3  2 'Structure model' '_citation.country'                            
4  2 'Structure model' '_citation.journal_abbrev'                     
5  2 'Structure model' '_citation.journal_id_CSD'                     
6  2 'Structure model' '_citation.journal_id_ISSN'                    
7  2 'Structure model' '_citation.journal_volume'                     
8  2 'Structure model' '_citation.page_first'                         
9  2 'Structure model' '_citation.page_last'                          
10 2 'Structure model' '_citation.pdbx_database_id_DOI'               
11 2 'Structure model' '_citation.pdbx_database_id_PubMed'            
12 2 'Structure model' '_citation.title'                              
13 2 'Structure model' '_citation.year'                               
14 4 'Structure model' '_pdbx_entry_details.has_protein_modification' 
# 
_pdbx_database_status.status_code                     REL 
_pdbx_database_status.status_code_sf                  REL 
_pdbx_database_status.status_code_mr                  ? 
_pdbx_database_status.entry_id                        7O2Y 
_pdbx_database_status.recvd_initial_deposition_date   2021-03-31 
_pdbx_database_status.SG_entry                        N 
_pdbx_database_status.deposit_site                    PDBE 
_pdbx_database_status.process_site                    PDBE 
_pdbx_database_status.status_code_cs                  ? 
_pdbx_database_status.status_code_nmr_data            ? 
_pdbx_database_status.methods_development_category    ? 
_pdbx_database_status.pdb_format_compatible           N 
# 
loop_
_audit_author.name 
_audit_author.pdbx_ordinal 
_audit_author.identifier_ORCID 
'Ghosh, S.'     1 0000-0003-1063-0674 
'Yadav, K.'     2 0000-0002-7979-4477 
'Ramaswamy, S.' 3 0000-0002-6709-190X 
# 
_citation.abstract                  ? 
_citation.abstract_id_CAS           ? 
_citation.book_id_ISBN              ? 
_citation.book_publisher            ? 
_citation.book_publisher_city       ? 
_citation.book_title                ? 
_citation.coordinate_linkage        ? 
_citation.country                   UK 
_citation.database_id_Medline       ? 
_citation.details                   ? 
_citation.id                        primary 
_citation.journal_abbrev            'Rsc Adv' 
_citation.journal_id_ASTM           ? 
_citation.journal_id_CSD            ? 
_citation.journal_id_ISSN           2046-2069 
_citation.journal_full              ? 
_citation.journal_issue             ? 
_citation.journal_volume            12 
_citation.language                  ? 
_citation.page_first                20296 
_citation.page_last                 20304 
_citation.title                     'Modulation of biliverdin dynamics and spectral properties by Sandercyanin.' 
_citation.year                      2022 
_citation.database_id_CSD           ? 
_citation.pdbx_database_id_DOI      10.1039/d2ra02880h 
_citation.pdbx_database_id_PubMed   35919616 
_citation.pdbx_database_id_patent   ? 
_citation.unpublished_flag          ? 
# 
loop_
_citation_author.citation_id 
_citation_author.name 
_citation_author.ordinal 
_citation_author.identifier_ORCID 
primary 'Ghosh, S.'       1 0000-0003-1063-0674 
primary 'Mondal, S.'      2 0000-0003-1051-8797 
primary 'Yadav, K.'       3 0000-0002-7979-4477 
primary 'Aggarwal, S.'    4 ?                   
primary 'Schaefer, W.F.'  5 0000-0002-2151-1219 
primary 'Narayana, C.'    6 0000-0001-6256-8994 
primary 'Subramanian, R.' 7 0000-0002-6709-190X 
# 
loop_
_entity.id 
_entity.type 
_entity.src_method 
_entity.pdbx_description 
_entity.formula_weight 
_entity.pdbx_number_of_molecules 
_entity.pdbx_ec 
_entity.pdbx_mutation 
_entity.pdbx_fragment 
_entity.details 
1 polymer     man 'Sandercyanin Fluorescent Protein' 20189.730 1  ? ? ? ? 
2 non-polymer syn 'BILIVERDINE IX ALPHA'             582.646   1  ? ? ? ? 
3 water       nat water                              18.015    51 ? ? ? ? 
# 
_entity_poly.entity_id                      1 
_entity_poly.type                           'polypeptide(L)' 
_entity_poly.nstd_linkage                   no 
_entity_poly.nstd_monomer                   no 
_entity_poly.pdbx_seq_one_letter_code       
;MFIKPGRCPKPAVQEDFDAARYLGVWYDIQRLPNKFQKGECATATYSLSPGEGFSVFNRERLANGTIKSVIGSAIAEDPC
EPAKLQFFHENAAPVPYWVLSTDYDNYALVYSCINLGASHAAYASIVSRQPTLPEETIKKLQGTMSSFGVGVDTLLTTNQ
DAAYCSAMNQKLAAALEHHHHHH
;
_entity_poly.pdbx_seq_one_letter_code_can   
;MFIKPGRCPKPAVQEDFDAARYLGVWYDIQRLPNKFQKGECATATYSLSPGEGFSVFNRERLANGTIKSVIGSAIAEDPC
EPAKLQFFHENAAPVPYWVLSTDYDNYALVYSCINLGASHAAYASIVSRQPTLPEETIKKLQGTMSSFGVGVDTLLTTNQ
DAAYCSAMNQKLAAALEHHHHHH
;
_entity_poly.pdbx_strand_id                 AAA 
_entity_poly.pdbx_target_identifier         ? 
# 
loop_
_pdbx_entity_nonpoly.entity_id 
_pdbx_entity_nonpoly.name 
_pdbx_entity_nonpoly.comp_id 
2 'BILIVERDINE IX ALPHA' BLA 
3 water                  HOH 
# 
loop_
_entity_poly_seq.entity_id 
_entity_poly_seq.num 
_entity_poly_seq.mon_id 
_entity_poly_seq.hetero 
1 1   MET n 
1 2   PHE n 
1 3   ILE n 
1 4   LYS n 
1 5   PRO n 
1 6   GLY n 
1 7   ARG n 
1 8   CYS n 
1 9   PRO n 
1 10  LYS n 
1 11  PRO n 
1 12  ALA n 
1 13  VAL n 
1 14  GLN n 
1 15  GLU n 
1 16  ASP n 
1 17  PHE n 
1 18  ASP n 
1 19  ALA n 
1 20  ALA n 
1 21  ARG n 
1 22  TYR n 
1 23  LEU n 
1 24  GLY n 
1 25  VAL n 
1 26  TRP n 
1 27  TYR n 
1 28  ASP n 
1 29  ILE n 
1 30  GLN n 
1 31  ARG n 
1 32  LEU n 
1 33  PRO n 
1 34  ASN n 
1 35  LYS n 
1 36  PHE n 
1 37  GLN n 
1 38  LYS n 
1 39  GLY n 
1 40  GLU n 
1 41  CYS n 
1 42  ALA n 
1 43  THR n 
1 44  ALA n 
1 45  THR n 
1 46  TYR n 
1 47  SER n 
1 48  LEU n 
1 49  SER n 
1 50  PRO n 
1 51  GLY n 
1 52  GLU n 
1 53  GLY n 
1 54  PHE n 
1 55  SER n 
1 56  VAL n 
1 57  PHE n 
1 58  ASN n 
1 59  ARG n 
1 60  GLU n 
1 61  ARG n 
1 62  LEU n 
1 63  ALA n 
1 64  ASN n 
1 65  GLY n 
1 66  THR n 
1 67  ILE n 
1 68  LYS n 
1 69  SER n 
1 70  VAL n 
1 71  ILE n 
1 72  GLY n 
1 73  SER n 
1 74  ALA n 
1 75  ILE n 
1 76  ALA n 
1 77  GLU n 
1 78  ASP n 
1 79  PRO n 
1 80  CYS n 
1 81  GLU n 
1 82  PRO n 
1 83  ALA n 
1 84  LYS n 
1 85  LEU n 
1 86  GLN n 
1 87  PHE n 
1 88  PHE n 
1 89  HIS n 
1 90  GLU n 
1 91  ASN n 
1 92  ALA n 
1 93  ALA n 
1 94  PRO n 
1 95  VAL n 
1 96  PRO n 
1 97  TYR n 
1 98  TRP n 
1 99  VAL n 
1 100 LEU n 
1 101 SER n 
1 102 THR n 
1 103 ASP n 
1 104 TYR n 
1 105 ASP n 
1 106 ASN n 
1 107 TYR n 
1 108 ALA n 
1 109 LEU n 
1 110 VAL n 
1 111 TYR n 
1 112 SER n 
1 113 CYS n 
1 114 ILE n 
1 115 ASN n 
1 116 LEU n 
1 117 GLY n 
1 118 ALA n 
1 119 SER n 
1 120 HIS n 
1 121 ALA n 
1 122 ALA n 
1 123 TYR n 
1 124 ALA n 
1 125 SER n 
1 126 ILE n 
1 127 VAL n 
1 128 SER n 
1 129 ARG n 
1 130 GLN n 
1 131 PRO n 
1 132 THR n 
1 133 LEU n 
1 134 PRO n 
1 135 GLU n 
1 136 GLU n 
1 137 THR n 
1 138 ILE n 
1 139 LYS n 
1 140 LYS n 
1 141 LEU n 
1 142 GLN n 
1 143 GLY n 
1 144 THR n 
1 145 MET n 
1 146 SER n 
1 147 SER n 
1 148 PHE n 
1 149 GLY n 
1 150 VAL n 
1 151 GLY n 
1 152 VAL n 
1 153 ASP n 
1 154 THR n 
1 155 LEU n 
1 156 LEU n 
1 157 THR n 
1 158 THR n 
1 159 ASN n 
1 160 GLN n 
1 161 ASP n 
1 162 ALA n 
1 163 ALA n 
1 164 TYR n 
1 165 CYS n 
1 166 SER n 
1 167 ALA n 
1 168 MET n 
1 169 ASN n 
1 170 GLN n 
1 171 LYS n 
1 172 LEU n 
1 173 ALA n 
1 174 ALA n 
1 175 ALA n 
1 176 LEU n 
1 177 GLU n 
1 178 HIS n 
1 179 HIS n 
1 180 HIS n 
1 181 HIS n 
1 182 HIS n 
1 183 HIS n 
# 
_entity_src_gen.entity_id                          1 
_entity_src_gen.pdbx_src_id                        1 
_entity_src_gen.pdbx_alt_source_flag               sample 
_entity_src_gen.pdbx_seq_type                      'Biological sequence' 
_entity_src_gen.pdbx_beg_seq_num                   1 
_entity_src_gen.pdbx_end_seq_num                   183 
_entity_src_gen.gene_src_common_name               'Walleye, Perca vitrea' 
_entity_src_gen.gene_src_genus                     ? 
_entity_src_gen.pdbx_gene_src_gene                 ? 
_entity_src_gen.gene_src_species                   ? 
_entity_src_gen.gene_src_strain                    ? 
_entity_src_gen.gene_src_tissue                    ? 
_entity_src_gen.gene_src_tissue_fraction           ? 
_entity_src_gen.gene_src_details                   ? 
_entity_src_gen.pdbx_gene_src_fragment             ? 
_entity_src_gen.pdbx_gene_src_scientific_name      'Sander vitreus' 
_entity_src_gen.pdbx_gene_src_ncbi_taxonomy_id     283036 
_entity_src_gen.pdbx_gene_src_variant              ? 
_entity_src_gen.pdbx_gene_src_cell_line            ? 
_entity_src_gen.pdbx_gene_src_atcc                 ? 
_entity_src_gen.pdbx_gene_src_organ                ? 
_entity_src_gen.pdbx_gene_src_organelle            ? 
_entity_src_gen.pdbx_gene_src_cell                 ? 
_entity_src_gen.pdbx_gene_src_cellular_location    ? 
_entity_src_gen.host_org_common_name               ? 
_entity_src_gen.pdbx_host_org_scientific_name      'Escherichia coli BL21(DE3)' 
_entity_src_gen.pdbx_host_org_ncbi_taxonomy_id     469008 
_entity_src_gen.host_org_genus                     ? 
_entity_src_gen.pdbx_host_org_gene                 ? 
_entity_src_gen.pdbx_host_org_organ                ? 
_entity_src_gen.host_org_species                   ? 
_entity_src_gen.pdbx_host_org_tissue               ? 
_entity_src_gen.pdbx_host_org_tissue_fraction      ? 
_entity_src_gen.pdbx_host_org_strain               ? 
_entity_src_gen.pdbx_host_org_variant              ? 
_entity_src_gen.pdbx_host_org_cell_line            ? 
_entity_src_gen.pdbx_host_org_atcc                 ? 
_entity_src_gen.pdbx_host_org_culture_collection   ? 
_entity_src_gen.pdbx_host_org_cell                 ? 
_entity_src_gen.pdbx_host_org_organelle            ? 
_entity_src_gen.pdbx_host_org_cellular_location    ? 
_entity_src_gen.pdbx_host_org_vector_type          ? 
_entity_src_gen.pdbx_host_org_vector               ? 
_entity_src_gen.host_org_details                   ? 
_entity_src_gen.expression_system_id               ? 
_entity_src_gen.plasmid_name                       ? 
_entity_src_gen.plasmid_details                    ? 
_entity_src_gen.pdbx_description                   ? 
# 
loop_
_chem_comp.id 
_chem_comp.type 
_chem_comp.mon_nstd_flag 
_chem_comp.name 
_chem_comp.pdbx_synonyms 
_chem_comp.formula 
_chem_comp.formula_weight 
ALA 'L-peptide linking' y ALANINE                ? 'C3 H7 N O2'     89.093  
ARG 'L-peptide linking' y ARGININE               ? 'C6 H15 N4 O2 1' 175.209 
ASN 'L-peptide linking' y ASPARAGINE             ? 'C4 H8 N2 O3'    132.118 
ASP 'L-peptide linking' y 'ASPARTIC ACID'        ? 'C4 H7 N O4'     133.103 
BLA non-polymer         . 'BILIVERDINE IX ALPHA' ? 'C33 H34 N4 O6'  582.646 
CYS 'L-peptide linking' y CYSTEINE               ? 'C3 H7 N O2 S'   121.158 
GLN 'L-peptide linking' y GLUTAMINE              ? 'C5 H10 N2 O3'   146.144 
GLU 'L-peptide linking' y 'GLUTAMIC ACID'        ? 'C5 H9 N O4'     147.129 
GLY 'peptide linking'   y GLYCINE                ? 'C2 H5 N O2'     75.067  
HIS 'L-peptide linking' y HISTIDINE              ? 'C6 H10 N3 O2 1' 156.162 
HOH non-polymer         . WATER                  ? 'H2 O'           18.015  
ILE 'L-peptide linking' y ISOLEUCINE             ? 'C6 H13 N O2'    131.173 
LEU 'L-peptide linking' y LEUCINE                ? 'C6 H13 N O2'    131.173 
LYS 'L-peptide linking' y LYSINE                 ? 'C6 H15 N2 O2 1' 147.195 
MET 'L-peptide linking' y METHIONINE             ? 'C5 H11 N O2 S'  149.211 
PHE 'L-peptide linking' y PHENYLALANINE          ? 'C9 H11 N O2'    165.189 
PRO 'L-peptide linking' y PROLINE                ? 'C5 H9 N O2'     115.130 
SER 'L-peptide linking' y SERINE                 ? 'C3 H7 N O3'     105.093 
THR 'L-peptide linking' y THREONINE              ? 'C4 H9 N O3'     119.119 
TRP 'L-peptide linking' y TRYPTOPHAN             ? 'C11 H12 N2 O2'  204.225 
TYR 'L-peptide linking' y TYROSINE               ? 'C9 H11 N O3'    181.189 
VAL 'L-peptide linking' y VALINE                 ? 'C5 H11 N O2'    117.146 
# 
loop_
_pdbx_poly_seq_scheme.asym_id 
_pdbx_poly_seq_scheme.entity_id 
_pdbx_poly_seq_scheme.seq_id 
_pdbx_poly_seq_scheme.mon_id 
_pdbx_poly_seq_scheme.ndb_seq_num 
_pdbx_poly_seq_scheme.pdb_seq_num 
_pdbx_poly_seq_scheme.auth_seq_num 
_pdbx_poly_seq_scheme.pdb_mon_id 
_pdbx_poly_seq_scheme.auth_mon_id 
_pdbx_poly_seq_scheme.pdb_strand_id 
_pdbx_poly_seq_scheme.pdb_ins_code 
_pdbx_poly_seq_scheme.hetero 
A 1 1   MET 1   20  20  MET MET AAA . n 
A 1 2   PHE 2   21  21  PHE PHE AAA . n 
A 1 3   ILE 3   22  22  ILE ILE AAA . n 
A 1 4   LYS 4   23  23  LYS LYS AAA . n 
A 1 5   PRO 5   24  24  PRO PRO AAA . n 
A 1 6   GLY 6   25  25  GLY GLY AAA . n 
A 1 7   ARG 7   26  26  ARG ARG AAA . n 
A 1 8   CYS 8   27  27  CYS CYS AAA . n 
A 1 9   PRO 9   28  28  PRO PRO AAA . n 
A 1 10  LYS 10  29  29  LYS LYS AAA . n 
A 1 11  PRO 11  30  30  PRO PRO AAA . n 
A 1 12  ALA 12  31  31  ALA ALA AAA . n 
A 1 13  VAL 13  32  32  VAL VAL AAA . n 
A 1 14  GLN 14  33  33  GLN GLN AAA . n 
A 1 15  GLU 15  34  34  GLU GLU AAA . n 
A 1 16  ASP 16  35  35  ASP ASP AAA . n 
A 1 17  PHE 17  36  36  PHE PHE AAA . n 
A 1 18  ASP 18  37  37  ASP ASP AAA . n 
A 1 19  ALA 19  38  38  ALA ALA AAA . n 
A 1 20  ALA 20  39  39  ALA ALA AAA . n 
A 1 21  ARG 21  40  40  ARG ARG AAA . n 
A 1 22  TYR 22  41  41  TYR TYR AAA . n 
A 1 23  LEU 23  42  42  LEU LEU AAA . n 
A 1 24  GLY 24  43  43  GLY GLY AAA . n 
A 1 25  VAL 25  44  44  VAL VAL AAA . n 
A 1 26  TRP 26  45  45  TRP TRP AAA . n 
A 1 27  TYR 27  46  46  TYR TYR AAA . n 
A 1 28  ASP 28  47  47  ASP ASP AAA . n 
A 1 29  ILE 29  48  48  ILE ILE AAA . n 
A 1 30  GLN 30  49  49  GLN GLN AAA . n 
A 1 31  ARG 31  50  50  ARG ARG AAA . n 
A 1 32  LEU 32  51  51  LEU LEU AAA . n 
A 1 33  PRO 33  52  52  PRO PRO AAA . n 
A 1 34  ASN 34  53  53  ASN ASN AAA . n 
A 1 35  LYS 35  54  54  LYS LYS AAA . n 
A 1 36  PHE 36  55  55  PHE PHE AAA . n 
A 1 37  GLN 37  56  56  GLN GLN AAA . n 
A 1 38  LYS 38  57  57  LYS LYS AAA . n 
A 1 39  GLY 39  58  58  GLY GLY AAA . n 
A 1 40  GLU 40  59  59  GLU GLU AAA . n 
A 1 41  CYS 41  60  60  CYS CYS AAA . n 
A 1 42  ALA 42  61  61  ALA ALA AAA . n 
A 1 43  THR 43  62  62  THR THR AAA . n 
A 1 44  ALA 44  63  63  ALA ALA AAA . n 
A 1 45  THR 45  64  64  THR THR AAA . n 
A 1 46  TYR 46  65  65  TYR TYR AAA . n 
A 1 47  SER 47  66  66  SER SER AAA . n 
A 1 48  LEU 48  67  67  LEU LEU AAA . n 
A 1 49  SER 49  68  68  SER SER AAA . n 
A 1 50  PRO 50  69  69  PRO PRO AAA . n 
A 1 51  GLY 51  70  70  GLY GLY AAA . n 
A 1 52  GLU 52  71  71  GLU GLU AAA . n 
A 1 53  GLY 53  72  72  GLY GLY AAA . n 
A 1 54  PHE 54  73  73  PHE PHE AAA . n 
A 1 55  SER 55  74  74  SER SER AAA . n 
A 1 56  VAL 56  75  75  VAL VAL AAA . n 
A 1 57  PHE 57  76  76  PHE PHE AAA . n 
A 1 58  ASN 58  77  77  ASN ASN AAA . n 
A 1 59  ARG 59  78  78  ARG ARG AAA . n 
A 1 60  GLU 60  79  79  GLU GLU AAA . n 
A 1 61  ARG 61  80  80  ARG ARG AAA . n 
A 1 62  LEU 62  81  81  LEU LEU AAA . n 
A 1 63  ALA 63  82  82  ALA ALA AAA . n 
A 1 64  ASN 64  83  83  ASN ASN AAA . n 
A 1 65  GLY 65  84  84  GLY GLY AAA . n 
A 1 66  THR 66  85  85  THR THR AAA . n 
A 1 67  ILE 67  86  86  ILE ILE AAA . n 
A 1 68  LYS 68  87  87  LYS LYS AAA . n 
A 1 69  SER 69  88  88  SER SER AAA . n 
A 1 70  VAL 70  89  89  VAL VAL AAA . n 
A 1 71  ILE 71  90  90  ILE ILE AAA . n 
A 1 72  GLY 72  91  91  GLY GLY AAA . n 
A 1 73  SER 73  92  92  SER SER AAA . n 
A 1 74  ALA 74  93  93  ALA ALA AAA . n 
A 1 75  ILE 75  94  94  ILE ILE AAA . n 
A 1 76  ALA 76  95  95  ALA ALA AAA . n 
A 1 77  GLU 77  96  96  GLU GLU AAA . n 
A 1 78  ASP 78  97  97  ASP ASP AAA . n 
A 1 79  PRO 79  98  98  PRO PRO AAA . n 
A 1 80  CYS 80  99  99  CYS CYS AAA . n 
A 1 81  GLU 81  100 100 GLU GLU AAA . n 
A 1 82  PRO 82  101 101 PRO PRO AAA . n 
A 1 83  ALA 83  102 102 ALA ALA AAA . n 
A 1 84  LYS 84  103 103 LYS LYS AAA . n 
A 1 85  LEU 85  104 104 LEU LEU AAA . n 
A 1 86  GLN 86  105 105 GLN GLN AAA . n 
A 1 87  PHE 87  106 106 PHE PHE AAA . n 
A 1 88  PHE 88  107 107 PHE PHE AAA . n 
A 1 89  HIS 89  108 108 HIS HIS AAA . n 
A 1 90  GLU 90  109 109 GLU GLU AAA . n 
A 1 91  ASN 91  110 110 ASN ASN AAA . n 
A 1 92  ALA 92  111 111 ALA ALA AAA . n 
A 1 93  ALA 93  112 112 ALA ALA AAA . n 
A 1 94  PRO 94  113 113 PRO PRO AAA . n 
A 1 95  VAL 95  114 114 VAL VAL AAA . n 
A 1 96  PRO 96  115 115 PRO PRO AAA . n 
A 1 97  TYR 97  116 116 TYR TYR AAA . n 
A 1 98  TRP 98  117 117 TRP TRP AAA . n 
A 1 99  VAL 99  118 118 VAL VAL AAA . n 
A 1 100 LEU 100 119 119 LEU LEU AAA . n 
A 1 101 SER 101 120 120 SER SER AAA . n 
A 1 102 THR 102 121 121 THR THR AAA . n 
A 1 103 ASP 103 122 122 ASP ASP AAA . n 
A 1 104 TYR 104 123 123 TYR TYR AAA . n 
A 1 105 ASP 105 124 124 ASP ASP AAA . n 
A 1 106 ASN 106 125 125 ASN ASN AAA . n 
A 1 107 TYR 107 126 126 TYR TYR AAA . n 
A 1 108 ALA 108 127 127 ALA ALA AAA . n 
A 1 109 LEU 109 128 128 LEU LEU AAA . n 
A 1 110 VAL 110 129 129 VAL VAL AAA . n 
A 1 111 TYR 111 130 130 TYR TYR AAA . n 
A 1 112 SER 112 131 131 SER SER AAA . n 
A 1 113 CYS 113 132 132 CYS CYS AAA . n 
A 1 114 ILE 114 133 133 ILE ILE AAA . n 
A 1 115 ASN 115 134 134 ASN ASN AAA . n 
A 1 116 LEU 116 135 135 LEU LEU AAA . n 
A 1 117 GLY 117 136 136 GLY GLY AAA . n 
A 1 118 ALA 118 137 137 ALA ALA AAA . n 
A 1 119 SER 119 138 138 SER SER AAA . n 
A 1 120 HIS 120 139 139 HIS HIS AAA . n 
A 1 121 ALA 121 140 140 ALA ALA AAA . n 
A 1 122 ALA 122 141 141 ALA ALA AAA . n 
A 1 123 TYR 123 142 142 TYR TYR AAA . n 
A 1 124 ALA 124 143 143 ALA ALA AAA . n 
A 1 125 SER 125 144 144 SER SER AAA . n 
A 1 126 ILE 126 145 145 ILE ILE AAA . n 
A 1 127 VAL 127 146 146 VAL VAL AAA . n 
A 1 128 SER 128 147 147 SER SER AAA . n 
A 1 129 ARG 129 148 148 ARG ARG AAA . n 
A 1 130 GLN 130 149 149 GLN GLN AAA . n 
A 1 131 PRO 131 150 150 PRO PRO AAA . n 
A 1 132 THR 132 151 151 THR THR AAA . n 
A 1 133 LEU 133 152 152 LEU LEU AAA . n 
A 1 134 PRO 134 153 153 PRO PRO AAA . n 
A 1 135 GLU 135 154 154 GLU GLU AAA . n 
A 1 136 GLU 136 155 155 GLU GLU AAA . n 
A 1 137 THR 137 156 156 THR THR AAA . n 
A 1 138 ILE 138 157 157 ILE ILE AAA . n 
A 1 139 LYS 139 158 158 LYS LYS AAA . n 
A 1 140 LYS 140 159 159 LYS LYS AAA . n 
A 1 141 LEU 141 160 160 LEU LEU AAA . n 
A 1 142 GLN 142 161 161 GLN GLN AAA . n 
A 1 143 GLY 143 162 162 GLY GLY AAA . n 
A 1 144 THR 144 163 163 THR THR AAA . n 
A 1 145 MET 145 164 164 MET MET AAA . n 
A 1 146 SER 146 165 165 SER SER AAA . n 
A 1 147 SER 147 166 166 SER SER AAA . n 
A 1 148 PHE 148 167 167 PHE PHE AAA . n 
A 1 149 GLY 149 168 168 GLY GLY AAA . n 
A 1 150 VAL 150 169 169 VAL VAL AAA . n 
A 1 151 GLY 151 170 170 GLY GLY AAA . n 
A 1 152 VAL 152 171 171 VAL VAL AAA . n 
A 1 153 ASP 153 172 172 ASP ASP AAA . n 
A 1 154 THR 154 173 173 THR THR AAA . n 
A 1 155 LEU 155 174 174 LEU LEU AAA . n 
A 1 156 LEU 156 175 175 LEU LEU AAA . n 
A 1 157 THR 157 176 176 THR THR AAA . n 
A 1 158 THR 158 177 177 THR THR AAA . n 
A 1 159 ASN 159 178 178 ASN ASN AAA . n 
A 1 160 GLN 160 179 179 GLN GLN AAA . n 
A 1 161 ASP 161 180 180 ASP ASP AAA . n 
A 1 162 ALA 162 181 181 ALA ALA AAA . n 
A 1 163 ALA 163 182 182 ALA ALA AAA . n 
A 1 164 TYR 164 183 183 TYR TYR AAA . n 
A 1 165 CYS 165 184 184 CYS CYS AAA . n 
A 1 166 SER 166 185 185 SER SER AAA . n 
A 1 167 ALA 167 186 ?   ?   ?   AAA . n 
A 1 168 MET 168 187 ?   ?   ?   AAA . n 
A 1 169 ASN 169 188 ?   ?   ?   AAA . n 
A 1 170 GLN 170 189 ?   ?   ?   AAA . n 
A 1 171 LYS 171 190 ?   ?   ?   AAA . n 
A 1 172 LEU 172 191 ?   ?   ?   AAA . n 
A 1 173 ALA 173 192 ?   ?   ?   AAA . n 
A 1 174 ALA 174 193 ?   ?   ?   AAA . n 
A 1 175 ALA 175 194 ?   ?   ?   AAA . n 
A 1 176 LEU 176 195 ?   ?   ?   AAA . n 
A 1 177 GLU 177 196 ?   ?   ?   AAA . n 
A 1 178 HIS 178 197 ?   ?   ?   AAA . n 
A 1 179 HIS 179 198 ?   ?   ?   AAA . n 
A 1 180 HIS 180 199 ?   ?   ?   AAA . n 
A 1 181 HIS 181 200 ?   ?   ?   AAA . n 
A 1 182 HIS 182 201 ?   ?   ?   AAA . n 
A 1 183 HIS 183 202 ?   ?   ?   AAA . n 
# 
_pdbx_entity_instance_feature.ordinal        1 
_pdbx_entity_instance_feature.comp_id        BLA 
_pdbx_entity_instance_feature.asym_id        ? 
_pdbx_entity_instance_feature.seq_num        ? 
_pdbx_entity_instance_feature.auth_comp_id   BLA 
_pdbx_entity_instance_feature.auth_asym_id   ? 
_pdbx_entity_instance_feature.auth_seq_num   ? 
_pdbx_entity_instance_feature.feature_type   'SUBJECT OF INVESTIGATION' 
_pdbx_entity_instance_feature.details        ? 
# 
loop_
_pdbx_nonpoly_scheme.asym_id 
_pdbx_nonpoly_scheme.entity_id 
_pdbx_nonpoly_scheme.mon_id 
_pdbx_nonpoly_scheme.ndb_seq_num 
_pdbx_nonpoly_scheme.pdb_seq_num 
_pdbx_nonpoly_scheme.auth_seq_num 
_pdbx_nonpoly_scheme.pdb_mon_id 
_pdbx_nonpoly_scheme.auth_mon_id 
_pdbx_nonpoly_scheme.pdb_strand_id 
_pdbx_nonpoly_scheme.pdb_ins_code 
B 2 BLA 1  301 201 BLA BLA AAA . 
C 3 HOH 1  401 20  HOH HOH AAA . 
C 3 HOH 2  402 68  HOH HOH AAA . 
C 3 HOH 3  403 71  HOH HOH AAA . 
C 3 HOH 4  404 56  HOH HOH AAA . 
C 3 HOH 5  405 4   HOH HOH AAA . 
C 3 HOH 6  406 60  HOH HOH AAA . 
C 3 HOH 7  407 22  HOH HOH AAA . 
C 3 HOH 8  408 19  HOH HOH AAA . 
C 3 HOH 9  409 63  HOH HOH AAA . 
C 3 HOH 10 410 26  HOH HOH AAA . 
C 3 HOH 11 411 1   HOH HOH AAA . 
C 3 HOH 12 412 48  HOH HOH AAA . 
C 3 HOH 13 413 29  HOH HOH AAA . 
C 3 HOH 14 414 55  HOH HOH AAA . 
C 3 HOH 15 415 35  HOH HOH AAA . 
C 3 HOH 16 416 18  HOH HOH AAA . 
C 3 HOH 17 417 37  HOH HOH AAA . 
C 3 HOH 18 418 21  HOH HOH AAA . 
C 3 HOH 19 419 53  HOH HOH AAA . 
C 3 HOH 20 420 24  HOH HOH AAA . 
C 3 HOH 21 421 52  HOH HOH AAA . 
C 3 HOH 22 422 70  HOH HOH AAA . 
C 3 HOH 23 423 33  HOH HOH AAA . 
C 3 HOH 24 424 54  HOH HOH AAA . 
C 3 HOH 25 425 11  HOH HOH AAA . 
C 3 HOH 26 426 27  HOH HOH AAA . 
C 3 HOH 27 427 41  HOH HOH AAA . 
C 3 HOH 28 428 49  HOH HOH AAA . 
C 3 HOH 29 429 61  HOH HOH AAA . 
C 3 HOH 30 430 31  HOH HOH AAA . 
C 3 HOH 31 431 50  HOH HOH AAA . 
C 3 HOH 32 432 23  HOH HOH AAA . 
C 3 HOH 33 433 67  HOH HOH AAA . 
C 3 HOH 34 434 59  HOH HOH AAA . 
C 3 HOH 35 435 34  HOH HOH AAA . 
C 3 HOH 36 436 3   HOH HOH AAA . 
C 3 HOH 37 437 51  HOH HOH AAA . 
C 3 HOH 38 438 28  HOH HOH AAA . 
C 3 HOH 39 439 62  HOH HOH AAA . 
C 3 HOH 40 440 38  HOH HOH AAA . 
C 3 HOH 41 441 69  HOH HOH AAA . 
C 3 HOH 42 442 65  HOH HOH AAA . 
C 3 HOH 43 443 10  HOH HOH AAA . 
C 3 HOH 44 444 43  HOH HOH AAA . 
C 3 HOH 45 445 57  HOH HOH AAA . 
C 3 HOH 46 446 46  HOH HOH AAA . 
C 3 HOH 47 447 25  HOH HOH AAA . 
C 3 HOH 48 448 58  HOH HOH AAA . 
C 3 HOH 49 449 44  HOH HOH AAA . 
C 3 HOH 50 450 12  HOH HOH AAA . 
C 3 HOH 51 451 5   HOH HOH AAA . 
# 
loop_
_software.citation_id 
_software.classification 
_software.compiler_name 
_software.compiler_version 
_software.contact_author 
_software.contact_author_email 
_software.date 
_software.description 
_software.dependencies 
_software.hardware 
_software.language 
_software.location 
_software.mods 
_software.name 
_software.os 
_software.os_version 
_software.type 
_software.version 
_software.pdbx_ordinal 
? refinement       ? ? ? ? ? ? ? ? ? ? ? REFMAC ? ? ? 5.8.0267 1 
? 'data reduction' ? ? ? ? ? ? ? ? ? ? ? XDS    ? ? ? .        2 
? 'data scaling'   ? ? ? ? ? ? ? ? ? ? ? XDS    ? ? ? .        3 
? phasing          ? ? ? ? ? ? ? ? ? ? ? PHASER ? ? ? .        4 
# 
_cell.angle_alpha                  90.000 
_cell.angle_alpha_esd              ? 
_cell.angle_beta                   90.000 
_cell.angle_beta_esd               ? 
_cell.angle_gamma                  90.000 
_cell.angle_gamma_esd              ? 
_cell.entry_id                     7O2Y 
_cell.details                      ? 
_cell.formula_units_Z              ? 
_cell.length_a                     38.466 
_cell.length_a_esd                 ? 
_cell.length_b                     38.466 
_cell.length_b_esd                 ? 
_cell.length_c                     117.601 
_cell.length_c_esd                 ? 
_cell.volume                       ? 
_cell.volume_esd                   ? 
_cell.Z_PDB                        4 
_cell.reciprocal_angle_alpha       ? 
_cell.reciprocal_angle_beta        ? 
_cell.reciprocal_angle_gamma       ? 
_cell.reciprocal_angle_alpha_esd   ? 
_cell.reciprocal_angle_beta_esd    ? 
_cell.reciprocal_angle_gamma_esd   ? 
_cell.reciprocal_length_a          ? 
_cell.reciprocal_length_b          ? 
_cell.reciprocal_length_c          ? 
_cell.reciprocal_length_a_esd      ? 
_cell.reciprocal_length_b_esd      ? 
_cell.reciprocal_length_c_esd      ? 
_cell.pdbx_unique_axis             ? 
# 
_symmetry.entry_id                         7O2Y 
_symmetry.cell_setting                     ? 
_symmetry.Int_Tables_number                76 
_symmetry.space_group_name_Hall            ? 
_symmetry.space_group_name_H-M             'P 41' 
_symmetry.pdbx_full_space_group_name_H-M   ? 
# 
_exptl.absorpt_coefficient_mu     ? 
_exptl.absorpt_correction_T_max   ? 
_exptl.absorpt_correction_T_min   ? 
_exptl.absorpt_correction_type    ? 
_exptl.absorpt_process_details    ? 
_exptl.entry_id                   7O2Y 
_exptl.crystals_number            1 
_exptl.details                    ? 
_exptl.method                     'X-RAY DIFFRACTION' 
_exptl.method_details             ? 
# 
_exptl_crystal.colour                      ? 
_exptl_crystal.density_diffrn              ? 
_exptl_crystal.density_Matthews            2.15 
_exptl_crystal.density_method              ? 
_exptl_crystal.density_percent_sol         42.91 
_exptl_crystal.description                 ? 
_exptl_crystal.F_000                       ? 
_exptl_crystal.id                          1 
_exptl_crystal.preparation                 ? 
_exptl_crystal.size_max                    ? 
_exptl_crystal.size_mid                    ? 
_exptl_crystal.size_min                    ? 
_exptl_crystal.size_rad                    ? 
_exptl_crystal.colour_lustre               ? 
_exptl_crystal.colour_modifier             ? 
_exptl_crystal.colour_primary              ? 
_exptl_crystal.density_meas                ? 
_exptl_crystal.density_meas_esd            ? 
_exptl_crystal.density_meas_gt             ? 
_exptl_crystal.density_meas_lt             ? 
_exptl_crystal.density_meas_temp           ? 
_exptl_crystal.density_meas_temp_esd       ? 
_exptl_crystal.density_meas_temp_gt        ? 
_exptl_crystal.density_meas_temp_lt        ? 
_exptl_crystal.pdbx_crystal_image_url      ? 
_exptl_crystal.pdbx_crystal_image_format   ? 
_exptl_crystal.pdbx_mosaicity              ? 
_exptl_crystal.pdbx_mosaicity_esd          ? 
# 
_exptl_crystal_grow.apparatus       ? 
_exptl_crystal_grow.atmosphere      ? 
_exptl_crystal_grow.crystal_id      1 
_exptl_crystal_grow.details         ? 
_exptl_crystal_grow.method          'VAPOR DIFFUSION, HANGING DROP' 
_exptl_crystal_grow.method_ref      ? 
_exptl_crystal_grow.pH              ? 
_exptl_crystal_grow.pressure        ? 
_exptl_crystal_grow.pressure_esd    ? 
_exptl_crystal_grow.seeding         ? 
_exptl_crystal_grow.seeding_ref     ? 
_exptl_crystal_grow.temp            277 
_exptl_crystal_grow.temp_details    ? 
_exptl_crystal_grow.temp_esd        ? 
_exptl_crystal_grow.time            ? 
_exptl_crystal_grow.pdbx_details    
;11mg/mL
0.2M calcium chloride dihydrate, 
20% (w/v) PEG 3350, pH 5.1
;
_exptl_crystal_grow.pdbx_pH_range   ? 
# 
_diffrn.ambient_environment              ? 
_diffrn.ambient_temp                     100 
_diffrn.ambient_temp_details             ? 
_diffrn.ambient_temp_esd                 ? 
_diffrn.crystal_id                       1 
_diffrn.crystal_support                  ? 
_diffrn.crystal_treatment                ? 
_diffrn.details                          ? 
_diffrn.id                               1 
_diffrn.ambient_pressure                 ? 
_diffrn.ambient_pressure_esd             ? 
_diffrn.ambient_pressure_gt              ? 
_diffrn.ambient_pressure_lt              ? 
_diffrn.ambient_temp_gt                  ? 
_diffrn.ambient_temp_lt                  ? 
_diffrn.pdbx_serial_crystal_experiment   N 
# 
_diffrn_detector.details                      ? 
_diffrn_detector.detector                     CCD 
_diffrn_detector.diffrn_id                    1 
_diffrn_detector.type                         'MAR CCD 130 mm' 
_diffrn_detector.area_resol_mean              ? 
_diffrn_detector.dtime                        ? 
_diffrn_detector.pdbx_frames_total            ? 
_diffrn_detector.pdbx_collection_time_total   ? 
_diffrn_detector.pdbx_collection_date         2013-10-05 
_diffrn_detector.pdbx_frequency               ? 
# 
_diffrn_radiation.collimation                      ? 
_diffrn_radiation.diffrn_id                        1 
_diffrn_radiation.filter_edge                      ? 
_diffrn_radiation.inhomogeneity                    ? 
_diffrn_radiation.monochromator                    ? 
_diffrn_radiation.polarisn_norm                    ? 
_diffrn_radiation.polarisn_ratio                   ? 
_diffrn_radiation.probe                            ? 
_diffrn_radiation.type                             ? 
_diffrn_radiation.xray_symbol                      ? 
_diffrn_radiation.wavelength_id                    1 
_diffrn_radiation.pdbx_monochromatic_or_laue_m_l   M 
_diffrn_radiation.pdbx_wavelength_list             ? 
_diffrn_radiation.pdbx_wavelength                  ? 
_diffrn_radiation.pdbx_diffrn_protocol             'SINGLE WAVELENGTH' 
_diffrn_radiation.pdbx_analyzer                    ? 
_diffrn_radiation.pdbx_scattering_type             x-ray 
# 
_diffrn_radiation_wavelength.id           1 
_diffrn_radiation_wavelength.wavelength   0.8729 
_diffrn_radiation_wavelength.wt           1.0 
# 
_diffrn_source.current                     ? 
_diffrn_source.details                     ? 
_diffrn_source.diffrn_id                   1 
_diffrn_source.power                       ? 
_diffrn_source.size                        ? 
_diffrn_source.source                      SYNCHROTRON 
_diffrn_source.target                      ? 
_diffrn_source.type                        'ESRF BEAMLINE ID23-2' 
_diffrn_source.voltage                     ? 
_diffrn_source.take-off_angle              ? 
_diffrn_source.pdbx_wavelength_list        0.8729 
_diffrn_source.pdbx_wavelength             ? 
_diffrn_source.pdbx_synchrotron_beamline   ID23-2 
_diffrn_source.pdbx_synchrotron_site       ESRF 
# 
_reflns.B_iso_Wilson_estimate                          ? 
_reflns.entry_id                                       7O2Y 
_reflns.data_reduction_details                         ? 
_reflns.data_reduction_method                          ? 
_reflns.d_resolution_high                              2.50 
_reflns.d_resolution_low                               38.84 
_reflns.details                                        ? 
_reflns.limit_h_max                                    ? 
_reflns.limit_h_min                                    ? 
_reflns.limit_k_max                                    ? 
_reflns.limit_k_min                                    ? 
_reflns.limit_l_max                                    ? 
_reflns.limit_l_min                                    ? 
_reflns.number_all                                     ? 
_reflns.number_obs                                     41927 
_reflns.observed_criterion                             ? 
_reflns.observed_criterion_F_max                       ? 
_reflns.observed_criterion_F_min                       ? 
_reflns.observed_criterion_I_max                       ? 
_reflns.observed_criterion_I_min                       ? 
_reflns.observed_criterion_sigma_F                     ? 
_reflns.observed_criterion_sigma_I                     ? 
_reflns.percent_possible_obs                           99.6 
_reflns.R_free_details                                 ? 
_reflns.Rmerge_F_all                                   ? 
_reflns.Rmerge_F_obs                                   ? 
_reflns.Friedel_coverage                               ? 
_reflns.number_gt                                      ? 
_reflns.threshold_expression                           ? 
_reflns.pdbx_redundancy                                6.8 
_reflns.pdbx_Rmerge_I_obs                              ? 
_reflns.pdbx_Rmerge_I_all                              ? 
_reflns.pdbx_Rsym_value                                ? 
_reflns.pdbx_netI_over_av_sigmaI                       ? 
_reflns.pdbx_netI_over_sigmaI                          10.4 
_reflns.pdbx_res_netI_over_av_sigmaI_2                 ? 
_reflns.pdbx_res_netI_over_sigmaI_2                    ? 
_reflns.pdbx_chi_squared                               ? 
_reflns.pdbx_scaling_rejects                           ? 
_reflns.pdbx_d_res_high_opt                            ? 
_reflns.pdbx_d_res_low_opt                             ? 
_reflns.pdbx_d_res_opt_method                          ? 
_reflns.phase_calculation_details                      ? 
_reflns.pdbx_Rrim_I_all                                ? 
_reflns.pdbx_Rpim_I_all                                ? 
_reflns.pdbx_d_opt                                     ? 
_reflns.pdbx_number_measured_all                       ? 
_reflns.pdbx_diffrn_id                                 1 
_reflns.pdbx_ordinal                                   1 
_reflns.pdbx_CC_half                                   0.990 
_reflns.pdbx_CC_star                                   ? 
_reflns.pdbx_R_split                                   ? 
_reflns.pdbx_aniso_diffraction_limit_axis_1_ortho[1]   ? 
_reflns.pdbx_aniso_diffraction_limit_axis_1_ortho[2]   ? 
_reflns.pdbx_aniso_diffraction_limit_axis_1_ortho[3]   ? 
_reflns.pdbx_aniso_diffraction_limit_axis_2_ortho[1]   ? 
_reflns.pdbx_aniso_diffraction_limit_axis_2_ortho[2]   ? 
_reflns.pdbx_aniso_diffraction_limit_axis_2_ortho[3]   ? 
_reflns.pdbx_aniso_diffraction_limit_axis_3_ortho[1]   ? 
_reflns.pdbx_aniso_diffraction_limit_axis_3_ortho[2]   ? 
_reflns.pdbx_aniso_diffraction_limit_axis_3_ortho[3]   ? 
_reflns.pdbx_aniso_diffraction_limit_1                 ? 
_reflns.pdbx_aniso_diffraction_limit_2                 ? 
_reflns.pdbx_aniso_diffraction_limit_3                 ? 
_reflns.pdbx_aniso_B_tensor_eigenvector_1_ortho[1]     ? 
_reflns.pdbx_aniso_B_tensor_eigenvector_1_ortho[2]     ? 
_reflns.pdbx_aniso_B_tensor_eigenvector_1_ortho[3]     ? 
_reflns.pdbx_aniso_B_tensor_eigenvector_2_ortho[1]     ? 
_reflns.pdbx_aniso_B_tensor_eigenvector_2_ortho[2]     ? 
_reflns.pdbx_aniso_B_tensor_eigenvector_2_ortho[3]     ? 
_reflns.pdbx_aniso_B_tensor_eigenvector_3_ortho[1]     ? 
_reflns.pdbx_aniso_B_tensor_eigenvector_3_ortho[2]     ? 
_reflns.pdbx_aniso_B_tensor_eigenvector_3_ortho[3]     ? 
_reflns.pdbx_aniso_B_tensor_eigenvalue_1               ? 
_reflns.pdbx_aniso_B_tensor_eigenvalue_2               ? 
_reflns.pdbx_aniso_B_tensor_eigenvalue_3               ? 
_reflns.pdbx_orthogonalization_convention              ? 
_reflns.pdbx_percent_possible_ellipsoidal              ? 
_reflns.pdbx_percent_possible_spherical                ? 
_reflns.pdbx_percent_possible_ellipsoidal_anomalous    ? 
_reflns.pdbx_percent_possible_spherical_anomalous      ? 
_reflns.pdbx_redundancy_anomalous                      ? 
_reflns.pdbx_CC_half_anomalous                         ? 
_reflns.pdbx_absDiff_over_sigma_anomalous              ? 
_reflns.pdbx_percent_possible_anomalous                ? 
_reflns.pdbx_observed_signal_threshold                 ? 
_reflns.pdbx_signal_type                               ? 
_reflns.pdbx_signal_details                            ? 
_reflns.pdbx_signal_software_id                        ? 
# 
_reflns_shell.d_res_high                                    2.50 
_reflns_shell.d_res_low                                     2.60 
_reflns_shell.meanI_over_sigI_all                           ? 
_reflns_shell.meanI_over_sigI_obs                           ? 
_reflns_shell.number_measured_all                           ? 
_reflns_shell.number_measured_obs                           ? 
_reflns_shell.number_possible                               ? 
_reflns_shell.number_unique_all                             ? 
_reflns_shell.number_unique_obs                             3399 
_reflns_shell.percent_possible_all                          ? 
_reflns_shell.percent_possible_obs                          ? 
_reflns_shell.Rmerge_F_all                                  ? 
_reflns_shell.Rmerge_F_obs                                  ? 
_reflns_shell.Rmerge_I_all                                  ? 
_reflns_shell.Rmerge_I_obs                                  ? 
_reflns_shell.meanI_over_sigI_gt                            ? 
_reflns_shell.meanI_over_uI_all                             ? 
_reflns_shell.meanI_over_uI_gt                              ? 
_reflns_shell.number_measured_gt                            ? 
_reflns_shell.number_unique_gt                              ? 
_reflns_shell.percent_possible_gt                           ? 
_reflns_shell.Rmerge_F_gt                                   ? 
_reflns_shell.Rmerge_I_gt                                   ? 
_reflns_shell.pdbx_redundancy                               ? 
_reflns_shell.pdbx_Rsym_value                               ? 
_reflns_shell.pdbx_chi_squared                              ? 
_reflns_shell.pdbx_netI_over_sigmaI_all                     ? 
_reflns_shell.pdbx_netI_over_sigmaI_obs                     ? 
_reflns_shell.pdbx_Rrim_I_all                               ? 
_reflns_shell.pdbx_Rpim_I_all                               ? 
_reflns_shell.pdbx_rejects                                  ? 
_reflns_shell.pdbx_ordinal                                  1 
_reflns_shell.pdbx_diffrn_id                                1 
_reflns_shell.pdbx_CC_half                                  0.306 
_reflns_shell.pdbx_CC_star                                  ? 
_reflns_shell.pdbx_R_split                                  ? 
_reflns_shell.pdbx_percent_possible_ellipsoidal             ? 
_reflns_shell.pdbx_percent_possible_spherical               ? 
_reflns_shell.pdbx_percent_possible_ellipsoidal_anomalous   ? 
_reflns_shell.pdbx_percent_possible_spherical_anomalous     ? 
_reflns_shell.pdbx_redundancy_anomalous                     ? 
_reflns_shell.pdbx_CC_half_anomalous                        ? 
_reflns_shell.pdbx_absDiff_over_sigma_anomalous             ? 
_reflns_shell.pdbx_percent_possible_anomalous               ? 
# 
_refine.aniso_B[1][1]                            1.079 
_refine.aniso_B[1][2]                            -0.000 
_refine.aniso_B[1][3]                            -0.000 
_refine.aniso_B[2][2]                            1.079 
_refine.aniso_B[2][3]                            -0.000 
_refine.aniso_B[3][3]                            -2.157 
_refine.B_iso_max                                ? 
_refine.B_iso_mean                               36.55 
_refine.B_iso_min                                ? 
_refine.correlation_coeff_Fo_to_Fc               0.953 
_refine.correlation_coeff_Fo_to_Fc_free          0.878 
_refine.details                                  'Hydrogens have been added in their riding positions' 
_refine.diff_density_max                         ? 
_refine.diff_density_max_esd                     ? 
_refine.diff_density_min                         ? 
_refine.diff_density_min_esd                     ? 
_refine.diff_density_rms                         ? 
_refine.diff_density_rms_esd                     ? 
_refine.entry_id                                 7O2Y 
_refine.pdbx_refine_id                           'X-RAY DIFFRACTION' 
_refine.ls_abs_structure_details                 ? 
_refine.ls_abs_structure_Flack                   ? 
_refine.ls_abs_structure_Flack_esd               ? 
_refine.ls_abs_structure_Rogers                  ? 
_refine.ls_abs_structure_Rogers_esd              ? 
_refine.ls_d_res_high                            2.500 
_refine.ls_d_res_low                             36.56 
_refine.ls_extinction_coef                       ? 
_refine.ls_extinction_coef_esd                   ? 
_refine.ls_extinction_expression                 ? 
_refine.ls_extinction_method                     ? 
_refine.ls_goodness_of_fit_all                   ? 
_refine.ls_goodness_of_fit_all_esd               ? 
_refine.ls_goodness_of_fit_obs                   ? 
_refine.ls_goodness_of_fit_obs_esd               ? 
_refine.ls_hydrogen_treatment                    ? 
_refine.ls_matrix_type                           ? 
_refine.ls_number_constraints                    ? 
_refine.ls_number_parameters                     ? 
_refine.ls_number_reflns_all                     ? 
_refine.ls_number_reflns_obs                     5920 
_refine.ls_number_reflns_R_free                  296 
_refine.ls_number_reflns_R_work                  5625 
_refine.ls_number_restraints                     ? 
_refine.ls_percent_reflns_obs                    99.70 
_refine.ls_percent_reflns_R_free                 4.999 
_refine.ls_R_factor_all                          0.177 
_refine.ls_R_factor_obs                          ? 
_refine.ls_R_factor_R_free                       0.2535 
_refine.ls_R_factor_R_free_error                 ? 
_refine.ls_R_factor_R_free_error_details         ? 
_refine.ls_R_factor_R_work                       0.1732 
_refine.ls_R_Fsqd_factor_obs                     ? 
_refine.ls_R_I_factor_obs                        ? 
_refine.ls_redundancy_reflns_all                 ? 
_refine.ls_redundancy_reflns_obs                 ? 
_refine.ls_restrained_S_all                      ? 
_refine.ls_restrained_S_obs                      ? 
_refine.ls_shift_over_esd_max                    ? 
_refine.ls_shift_over_esd_mean                   ? 
_refine.ls_structure_factor_coef                 ? 
_refine.ls_weighting_details                     ? 
_refine.ls_weighting_scheme                      ? 
_refine.ls_wR_factor_all                         ? 
_refine.ls_wR_factor_obs                         ? 
_refine.ls_wR_factor_R_free                      ? 
_refine.ls_wR_factor_R_work                      ? 
_refine.occupancy_max                            ? 
_refine.occupancy_min                            ? 
_refine.solvent_model_details                    'MASK BULK SOLVENT' 
_refine.solvent_model_param_bsol                 ? 
_refine.solvent_model_param_ksol                 ? 
_refine.pdbx_R_complete                          ? 
_refine.ls_R_factor_gt                           ? 
_refine.ls_goodness_of_fit_gt                    ? 
_refine.ls_goodness_of_fit_ref                   ? 
_refine.ls_shift_over_su_max                     ? 
_refine.ls_shift_over_su_max_lt                  ? 
_refine.ls_shift_over_su_mean                    ? 
_refine.ls_shift_over_su_mean_lt                 ? 
_refine.pdbx_ls_sigma_I                          ? 
_refine.pdbx_ls_sigma_F                          ? 
_refine.pdbx_ls_sigma_Fsqd                       ? 
_refine.pdbx_data_cutoff_high_absF               ? 
_refine.pdbx_data_cutoff_high_rms_absF           ? 
_refine.pdbx_data_cutoff_low_absF                ? 
_refine.pdbx_isotropic_thermal_model             ? 
_refine.pdbx_ls_cross_valid_method               'FREE R-VALUE' 
_refine.pdbx_method_to_determine_struct          'MOLECULAR REPLACEMENT' 
_refine.pdbx_starting_model                      5EZ2 
_refine.pdbx_stereochemistry_target_values       ? 
_refine.pdbx_R_Free_selection_details            ? 
_refine.pdbx_stereochem_target_val_spec_case     ? 
_refine.pdbx_overall_ESU_R                       1.4 
_refine.pdbx_overall_ESU_R_Free                  0.319 
_refine.pdbx_solvent_vdw_probe_radii             1.200 
_refine.pdbx_solvent_ion_probe_radii             0.800 
_refine.pdbx_solvent_shrinkage_radii             0.800 
_refine.pdbx_real_space_R                        ? 
_refine.pdbx_density_correlation                 ? 
_refine.pdbx_pd_number_of_powder_patterns        ? 
_refine.pdbx_pd_number_of_points                 ? 
_refine.pdbx_pd_meas_number_of_points            ? 
_refine.pdbx_pd_proc_ls_prof_R_factor            ? 
_refine.pdbx_pd_proc_ls_prof_wR_factor           ? 
_refine.pdbx_pd_Marquardt_correlation_coeff      ? 
_refine.pdbx_pd_Fsqrd_R_factor                   ? 
_refine.pdbx_pd_ls_matrix_band_width             ? 
_refine.pdbx_overall_phase_error                 ? 
_refine.pdbx_overall_SU_R_free_Cruickshank_DPI   ? 
_refine.pdbx_overall_SU_R_free_Blow_DPI          ? 
_refine.pdbx_overall_SU_R_Blow_DPI               ? 
_refine.pdbx_TLS_residual_ADP_flag               ? 
_refine.pdbx_diffrn_id                           1 
_refine.overall_SU_B                             8.641 
_refine.overall_SU_ML                            0.202 
_refine.overall_SU_R_Cruickshank_DPI             ? 
_refine.overall_SU_R_free                        ? 
_refine.overall_FOM_free_R_set                   ? 
_refine.overall_FOM_work_R_set                   ? 
_refine.pdbx_average_fsc_overall                 ? 
_refine.pdbx_average_fsc_work                    ? 
_refine.pdbx_average_fsc_free                    ? 
# 
_refine_hist.pdbx_refine_id                   'X-RAY DIFFRACTION' 
_refine_hist.cycle_id                         LAST 
_refine_hist.details                          ? 
_refine_hist.d_res_high                       2.500 
_refine_hist.d_res_low                        36.56 
_refine_hist.number_atoms_solvent             51 
_refine_hist.number_atoms_total               1375 
_refine_hist.number_reflns_all                ? 
_refine_hist.number_reflns_obs                ? 
_refine_hist.number_reflns_R_free             ? 
_refine_hist.number_reflns_R_work             ? 
_refine_hist.R_factor_all                     ? 
_refine_hist.R_factor_obs                     ? 
_refine_hist.R_factor_R_free                  ? 
_refine_hist.R_factor_R_work                  ? 
_refine_hist.pdbx_number_residues_total       ? 
_refine_hist.pdbx_B_iso_mean_ligand           ? 
_refine_hist.pdbx_B_iso_mean_solvent          ? 
_refine_hist.pdbx_number_atoms_protein        1281 
_refine_hist.pdbx_number_atoms_nucleic_acid   0 
_refine_hist.pdbx_number_atoms_ligand         43 
_refine_hist.pdbx_number_atoms_lipid          ? 
_refine_hist.pdbx_number_atoms_carb           ? 
_refine_hist.pdbx_pseudo_atom_details         ? 
# 
loop_
_refine_ls_restr.pdbx_refine_id 
_refine_ls_restr.criterion 
_refine_ls_restr.dev_ideal 
_refine_ls_restr.dev_ideal_target 
_refine_ls_restr.number 
_refine_ls_restr.rejects 
_refine_ls_restr.type 
_refine_ls_restr.weight 
_refine_ls_restr.pdbx_restraint_function 
'X-RAY DIFFRACTION' ? 0.008  0.013  1362 ? r_bond_refined_d               ? ? 
'X-RAY DIFFRACTION' ? 0.001  0.017  1236 ? r_bond_other_d                 ? ? 
'X-RAY DIFFRACTION' ? 1.613  1.659  1860 ? r_angle_refined_deg            ? ? 
'X-RAY DIFFRACTION' ? 1.125  1.574  2847 ? r_angle_other_deg              ? ? 
'X-RAY DIFFRACTION' ? 8.435  5.000  165  ? r_dihedral_angle_1_deg         ? ? 
'X-RAY DIFFRACTION' ? 36.760 21.370 73   ? r_dihedral_angle_2_deg         ? ? 
'X-RAY DIFFRACTION' ? 18.761 15.000 202  ? r_dihedral_angle_3_deg         ? ? 
'X-RAY DIFFRACTION' ? 19.760 15.000 6    ? r_dihedral_angle_4_deg         ? ? 
'X-RAY DIFFRACTION' ? 0.066  0.200  173  ? r_chiral_restr                 ? ? 
'X-RAY DIFFRACTION' ? 0.007  0.020  1598 ? r_gen_planes_refined           ? ? 
'X-RAY DIFFRACTION' ? 0.001  0.020  316  ? r_gen_planes_other             ? ? 
'X-RAY DIFFRACTION' ? 0.189  0.200  265  ? r_nbd_refined                  ? ? 
'X-RAY DIFFRACTION' ? 0.190  0.200  1160 ? r_symmetry_nbd_other           ? ? 
'X-RAY DIFFRACTION' ? 0.163  0.200  620  ? r_nbtor_refined                ? ? 
'X-RAY DIFFRACTION' ? 0.078  0.200  669  ? r_symmetry_nbtor_other         ? ? 
'X-RAY DIFFRACTION' ? 0.201  0.200  64   ? r_xyhbond_nbd_refined          ? ? 
'X-RAY DIFFRACTION' ? 0.057  0.200  1    ? r_symmetry_xyhbond_nbd_other   ? ? 
'X-RAY DIFFRACTION' ? 0.149  0.200  2    ? r_symmetry_nbd_refined         ? ? 
'X-RAY DIFFRACTION' ? 0.155  0.200  26   ? r_nbd_other                    ? ? 
'X-RAY DIFFRACTION' ? 0.185  0.200  7    ? r_symmetry_xyhbond_nbd_refined ? ? 
'X-RAY DIFFRACTION' ? 3.379  3.768  663  ? r_mcbond_it                    ? ? 
'X-RAY DIFFRACTION' ? 3.375  3.764  662  ? r_mcbond_other                 ? ? 
'X-RAY DIFFRACTION' ? 5.234  5.634  827  ? r_mcangle_it                   ? ? 
'X-RAY DIFFRACTION' ? 5.233  5.638  828  ? r_mcangle_other                ? ? 
'X-RAY DIFFRACTION' ? 3.775  4.254  699  ? r_scbond_it                    ? ? 
'X-RAY DIFFRACTION' ? 3.772  4.254  700  ? r_scbond_other                 ? ? 
'X-RAY DIFFRACTION' ? 5.991  6.180  1033 ? r_scangle_it                   ? ? 
'X-RAY DIFFRACTION' ? 5.988  6.180  1033 ? r_scangle_other                ? ? 
'X-RAY DIFFRACTION' ? 9.108  44.179 1452 ? r_lrange_it                    ? ? 
'X-RAY DIFFRACTION' ? 9.088  44.156 1449 ? r_lrange_other                 ? ? 
# 
loop_
_refine_ls_shell.pdbx_refine_id 
_refine_ls_shell.d_res_high 
_refine_ls_shell.d_res_low 
_refine_ls_shell.number_reflns_all 
_refine_ls_shell.number_reflns_obs 
_refine_ls_shell.number_reflns_R_free 
_refine_ls_shell.number_reflns_R_work 
_refine_ls_shell.percent_reflns_obs 
_refine_ls_shell.percent_reflns_R_free 
_refine_ls_shell.R_factor_all 
_refine_ls_shell.R_factor_obs 
_refine_ls_shell.R_factor_R_free 
_refine_ls_shell.R_factor_R_free_error 
_refine_ls_shell.R_factor_R_work 
_refine_ls_shell.redundancy_reflns_all 
_refine_ls_shell.redundancy_reflns_obs 
_refine_ls_shell.wR_factor_all 
_refine_ls_shell.wR_factor_obs 
_refine_ls_shell.wR_factor_R_free 
_refine_ls_shell.wR_factor_R_work 
_refine_ls_shell.pdbx_R_complete 
_refine_ls_shell.pdbx_total_number_of_bins_used 
_refine_ls_shell.pdbx_phase_error 
_refine_ls_shell.pdbx_fsc_work 
_refine_ls_shell.pdbx_fsc_free 
'X-RAY DIFFRACTION' 2.500  2.565  . . 18 434 98.4749  . . . 0.249 . 0.180 . . . . . . . . . . . 
'X-RAY DIFFRACTION' 2.565  2.635  . . 17 381 100.0000 . . . 0.195 . 0.165 . . . . . . . . . . . 
'X-RAY DIFFRACTION' 2.635  2.711  . . 25 407 100.0000 . . . 0.305 . 0.198 . . . . . . . . . . . 
'X-RAY DIFFRACTION' 2.711  2.794  . . 20 370 100.0000 . . . 0.274 . 0.207 . . . . . . . . . . . 
'X-RAY DIFFRACTION' 2.794  2.885  . . 20 374 100.0000 . . . 0.223 . 0.191 . . . . . . . . . . . 
'X-RAY DIFFRACTION' 2.885  2.986  . . 19 356 100.0000 . . . 0.248 . 0.186 . . . . . . . . . . . 
'X-RAY DIFFRACTION' 2.986  3.098  . . 15 344 100.0000 . . . 0.204 . 0.214 . . . . . . . . . . . 
'X-RAY DIFFRACTION' 3.098  3.223  . . 23 342 100.0000 . . . 0.248 . 0.195 . . . . . . . . . . . 
'X-RAY DIFFRACTION' 3.223  3.366  . . 14 303 100.0000 . . . 0.250 . 0.193 . . . . . . . . . . . 
'X-RAY DIFFRACTION' 3.366  3.529  . . 19 312 100.0000 . . . 0.411 . 0.171 . . . . . . . . . . . 
'X-RAY DIFFRACTION' 3.529  3.718  . . 7  285 100.0000 . . . 0.255 . 0.163 . . . . . . . . . . . 
'X-RAY DIFFRACTION' 3.718  3.941  . . 16 288 100.0000 . . . 0.266 . 0.148 . . . . . . . . . . . 
'X-RAY DIFFRACTION' 3.941  4.210  . . 17 254 100.0000 . . . 0.180 . 0.150 . . . . . . . . . . . 
'X-RAY DIFFRACTION' 4.210  4.543  . . 17 237 100.0000 . . . 0.223 . 0.135 . . . . . . . . . . . 
'X-RAY DIFFRACTION' 4.543  4.969  . . 21 209 99.5671  . . . 0.196 . 0.134 . . . . . . . . . . . 
'X-RAY DIFFRACTION' 4.969  5.544  . . 10 201 99.5283  . . . 0.493 . 0.158 . . . . . . . . . . . 
'X-RAY DIFFRACTION' 5.544  6.380  . . 5  185 100.0000 . . . 0.384 . 0.197 . . . . . . . . . . . 
'X-RAY DIFFRACTION' 6.380  7.761  . . 9  155 98.7952  . . . 0.227 . 0.188 . . . . . . . . . . . 
'X-RAY DIFFRACTION' 7.761  10.758 . . 0  118 99.1597  . . . .     . 0.166 . . . . . . . . . . . 
'X-RAY DIFFRACTION' 10.758 36.56  . . 4  70  96.1039  . . . 0.192 . 0.242 . . . . . . . . . . . 
# 
_struct.entry_id                     7O2Y 
_struct.title                        'Sandercyanin Fluorescent Protein variant V71E bound to biliverdin IX-alpha' 
_struct.pdbx_model_details           ? 
_struct.pdbx_formula_weight          ? 
_struct.pdbx_formula_weight_method   ? 
_struct.pdbx_model_type_details      ? 
_struct.pdbx_CASP_flag               N 
# 
_struct_keywords.entry_id        7O2Y 
_struct_keywords.text            
'Blue fish protein, lipocalin, Biliverdin-binding protein, red-fluorescent protein, FLUORESCENT PROTEIN' 
_struct_keywords.pdbx_keywords   'FLUORESCENT PROTEIN' 
# 
loop_
_struct_asym.id 
_struct_asym.pdbx_blank_PDB_chainid_flag 
_struct_asym.pdbx_modified 
_struct_asym.entity_id 
_struct_asym.details 
A N N 1 ? 
B N N 2 ? 
C N N 3 ? 
# 
_struct_ref.id                         1 
_struct_ref.db_name                    UNP 
_struct_ref.db_code                    A0A1D5B367_SANVI 
_struct_ref.pdbx_db_accession          A0A1D5B367 
_struct_ref.pdbx_db_isoform            ? 
_struct_ref.entity_id                  1 
_struct_ref.pdbx_seq_one_letter_code   
;MFIKPGRCPKPAVQEDFDAARYLGVWYDIQRLPNKFQKGECATATYSLSPGVGFSVFNRERLANGTIKSVIGSAIAEDPC
EPAKLQFFHENAAPVPYWVLSTDYDNYALVYSCINLGASHAAYASIVSRQPTLPEETIKKLQGTMSSFGVGVDTLLTTNQ
DAAYCSAMNQKLAAALEHHHHHH
;
_struct_ref.pdbx_align_begin           1 
# 
_struct_ref_seq.align_id                      1 
_struct_ref_seq.ref_id                        1 
_struct_ref_seq.pdbx_PDB_id_code              7O2Y 
_struct_ref_seq.pdbx_strand_id                AAA 
_struct_ref_seq.seq_align_beg                 1 
_struct_ref_seq.pdbx_seq_align_beg_ins_code   ? 
_struct_ref_seq.seq_align_end                 183 
_struct_ref_seq.pdbx_seq_align_end_ins_code   ? 
_struct_ref_seq.pdbx_db_accession             A0A1D5B367 
_struct_ref_seq.db_align_beg                  1 
_struct_ref_seq.pdbx_db_align_beg_ins_code    ? 
_struct_ref_seq.db_align_end                  183 
_struct_ref_seq.pdbx_db_align_end_ins_code    ? 
_struct_ref_seq.pdbx_auth_seq_align_beg       20 
_struct_ref_seq.pdbx_auth_seq_align_end       202 
# 
_struct_ref_seq_dif.align_id                     1 
_struct_ref_seq_dif.pdbx_pdb_id_code             7O2Y 
_struct_ref_seq_dif.mon_id                       GLU 
_struct_ref_seq_dif.pdbx_pdb_strand_id           AAA 
_struct_ref_seq_dif.seq_num                      52 
_struct_ref_seq_dif.pdbx_pdb_ins_code            ? 
_struct_ref_seq_dif.pdbx_seq_db_name             UNP 
_struct_ref_seq_dif.pdbx_seq_db_accession_code   A0A1D5B367 
_struct_ref_seq_dif.db_mon_id                    VAL 
_struct_ref_seq_dif.pdbx_seq_db_seq_num          52 
_struct_ref_seq_dif.details                      'engineered mutation' 
_struct_ref_seq_dif.pdbx_auth_seq_num            71 
_struct_ref_seq_dif.pdbx_ordinal                 1 
# 
_pdbx_struct_assembly.id                   1 
_pdbx_struct_assembly.details              author_and_software_defined_assembly 
_pdbx_struct_assembly.method_details       PISA 
_pdbx_struct_assembly.oligomeric_details   monomeric 
_pdbx_struct_assembly.oligomeric_count     1 
# 
loop_
_pdbx_struct_assembly_prop.biol_id 
_pdbx_struct_assembly_prop.type 
_pdbx_struct_assembly_prop.value 
_pdbx_struct_assembly_prop.details 
1 'ABSA (A^2)' 1250 ? 
1 MORE         -18  ? 
1 'SSA (A^2)'  8870 ? 
# 
_pdbx_struct_assembly_gen.assembly_id       1 
_pdbx_struct_assembly_gen.oper_expression   1 
_pdbx_struct_assembly_gen.asym_id_list      A,B,C 
# 
_pdbx_struct_assembly_auth_evidence.id                     1 
_pdbx_struct_assembly_auth_evidence.assembly_id            1 
_pdbx_struct_assembly_auth_evidence.experimental_support   'gel filtration' 
_pdbx_struct_assembly_auth_evidence.details                ? 
# 
_pdbx_struct_oper_list.id                   1 
_pdbx_struct_oper_list.type                 'identity operation' 
_pdbx_struct_oper_list.name                 1_555 
_pdbx_struct_oper_list.symmetry_operation   x,y,z 
_pdbx_struct_oper_list.matrix[1][1]         1.0000000000 
_pdbx_struct_oper_list.matrix[1][2]         0.0000000000 
_pdbx_struct_oper_list.matrix[1][3]         0.0000000000 
_pdbx_struct_oper_list.vector[1]            0.0000000000 
_pdbx_struct_oper_list.matrix[2][1]         0.0000000000 
_pdbx_struct_oper_list.matrix[2][2]         1.0000000000 
_pdbx_struct_oper_list.matrix[2][3]         0.0000000000 
_pdbx_struct_oper_list.vector[2]            0.0000000000 
_pdbx_struct_oper_list.matrix[3][1]         0.0000000000 
_pdbx_struct_oper_list.matrix[3][2]         0.0000000000 
_pdbx_struct_oper_list.matrix[3][3]         1.0000000000 
_pdbx_struct_oper_list.vector[3]            0.0000000000 
# 
loop_
_struct_conf.conf_type_id 
_struct_conf.id 
_struct_conf.pdbx_PDB_helix_id 
_struct_conf.beg_label_comp_id 
_struct_conf.beg_label_asym_id 
_struct_conf.beg_label_seq_id 
_struct_conf.pdbx_beg_PDB_ins_code 
_struct_conf.end_label_comp_id 
_struct_conf.end_label_asym_id 
_struct_conf.end_label_seq_id 
_struct_conf.pdbx_end_PDB_ins_code 
_struct_conf.beg_auth_comp_id 
_struct_conf.beg_auth_asym_id 
_struct_conf.beg_auth_seq_id 
_struct_conf.end_auth_comp_id 
_struct_conf.end_auth_asym_id 
_struct_conf.end_auth_seq_id 
_struct_conf.pdbx_PDB_helix_class 
_struct_conf.details 
_struct_conf.pdbx_PDB_helix_length 
HELX_P HELX_P1 AA1 PRO A 134 ? SER A 147 ? PRO AAA 153 SER AAA 166 1 ? 14 
HELX_P HELX_P2 AA2 ASP A 161 ? SER A 166 ? ASP AAA 180 SER AAA 185 1 ? 6  
# 
_struct_conf_type.id          HELX_P 
_struct_conf_type.criteria    ? 
_struct_conf_type.reference   ? 
# 
loop_
_struct_conn.id 
_struct_conn.conn_type_id 
_struct_conn.pdbx_leaving_atom_flag 
_struct_conn.pdbx_PDB_id 
_struct_conn.ptnr1_label_asym_id 
_struct_conn.ptnr1_label_comp_id 
_struct_conn.ptnr1_label_seq_id 
_struct_conn.ptnr1_label_atom_id 
_struct_conn.pdbx_ptnr1_label_alt_id 
_struct_conn.pdbx_ptnr1_PDB_ins_code 
_struct_conn.pdbx_ptnr1_standard_comp_id 
_struct_conn.ptnr1_symmetry 
_struct_conn.ptnr2_label_asym_id 
_struct_conn.ptnr2_label_comp_id 
_struct_conn.ptnr2_label_seq_id 
_struct_conn.ptnr2_label_atom_id 
_struct_conn.pdbx_ptnr2_label_alt_id 
_struct_conn.pdbx_ptnr2_PDB_ins_code 
_struct_conn.ptnr1_auth_asym_id 
_struct_conn.ptnr1_auth_comp_id 
_struct_conn.ptnr1_auth_seq_id 
_struct_conn.ptnr2_auth_asym_id 
_struct_conn.ptnr2_auth_comp_id 
_struct_conn.ptnr2_auth_seq_id 
_struct_conn.ptnr2_symmetry 
_struct_conn.pdbx_ptnr3_label_atom_id 
_struct_conn.pdbx_ptnr3_label_seq_id 
_struct_conn.pdbx_ptnr3_label_comp_id 
_struct_conn.pdbx_ptnr3_label_asym_id 
_struct_conn.pdbx_ptnr3_label_alt_id 
_struct_conn.pdbx_ptnr3_PDB_ins_code 
_struct_conn.details 
_struct_conn.pdbx_dist_value 
_struct_conn.pdbx_value_order 
_struct_conn.pdbx_role 
disulf1 disulf ? ? A CYS 8  SG ? ? ? 1_555 A CYS 113 SG ? ? AAA CYS 27 AAA CYS 132 1_555 ? ? ? ? ? ? ? 2.026 ? ? 
disulf2 disulf ? ? A CYS 41 SG ? ? ? 1_555 A CYS 165 SG ? ? AAA CYS 60 AAA CYS 184 1_555 ? ? ? ? ? ? ? 2.053 ? ? 
# 
_struct_conn_type.id          disulf 
_struct_conn_type.criteria    ? 
_struct_conn_type.reference   ? 
# 
loop_
_pdbx_modification_feature.ordinal 
_pdbx_modification_feature.label_comp_id 
_pdbx_modification_feature.label_asym_id 
_pdbx_modification_feature.label_seq_id 
_pdbx_modification_feature.label_alt_id 
_pdbx_modification_feature.modified_residue_label_comp_id 
_pdbx_modification_feature.modified_residue_label_asym_id 
_pdbx_modification_feature.modified_residue_label_seq_id 
_pdbx_modification_feature.modified_residue_label_alt_id 
_pdbx_modification_feature.auth_comp_id 
_pdbx_modification_feature.auth_asym_id 
_pdbx_modification_feature.auth_seq_id 
_pdbx_modification_feature.PDB_ins_code 
_pdbx_modification_feature.symmetry 
_pdbx_modification_feature.modified_residue_auth_comp_id 
_pdbx_modification_feature.modified_residue_auth_asym_id 
_pdbx_modification_feature.modified_residue_auth_seq_id 
_pdbx_modification_feature.modified_residue_PDB_ins_code 
_pdbx_modification_feature.modified_residue_symmetry 
_pdbx_modification_feature.comp_id_linking_atom 
_pdbx_modification_feature.modified_residue_id_linking_atom 
_pdbx_modification_feature.modified_residue_id 
_pdbx_modification_feature.ref_pcm_id 
_pdbx_modification_feature.ref_comp_id 
_pdbx_modification_feature.type 
_pdbx_modification_feature.category 
1 CYS A 8  ? CYS A 113 ? CYS AAA 27 ? 1_555 CYS AAA 132 ? 1_555 SG SG . . . None 'Disulfide bridge' 
2 CYS A 41 ? CYS A 165 ? CYS AAA 60 ? 1_555 CYS AAA 184 ? 1_555 SG SG . . . None 'Disulfide bridge' 
# 
loop_
_struct_sheet.id 
_struct_sheet.type 
_struct_sheet.number_strands 
_struct_sheet.details 
AA1 ? 4  ? 
AA2 ? 10 ? 
# 
loop_
_struct_sheet_order.sheet_id 
_struct_sheet_order.range_id_1 
_struct_sheet_order.range_id_2 
_struct_sheet_order.offset 
_struct_sheet_order.sense 
AA1 1 2  ? anti-parallel 
AA1 2 3  ? anti-parallel 
AA1 3 4  ? anti-parallel 
AA2 1 2  ? anti-parallel 
AA2 2 3  ? anti-parallel 
AA2 3 4  ? anti-parallel 
AA2 4 5  ? anti-parallel 
AA2 5 6  ? anti-parallel 
AA2 6 7  ? anti-parallel 
AA2 7 8  ? anti-parallel 
AA2 8 9  ? anti-parallel 
AA2 9 10 ? anti-parallel 
# 
loop_
_struct_sheet_range.sheet_id 
_struct_sheet_range.id 
_struct_sheet_range.beg_label_comp_id 
_struct_sheet_range.beg_label_asym_id 
_struct_sheet_range.beg_label_seq_id 
_struct_sheet_range.pdbx_beg_PDB_ins_code 
_struct_sheet_range.end_label_comp_id 
_struct_sheet_range.end_label_asym_id 
_struct_sheet_range.end_label_seq_id 
_struct_sheet_range.pdbx_end_PDB_ins_code 
_struct_sheet_range.beg_auth_comp_id 
_struct_sheet_range.beg_auth_asym_id 
_struct_sheet_range.beg_auth_seq_id 
_struct_sheet_range.end_auth_comp_id 
_struct_sheet_range.end_auth_asym_id 
_struct_sheet_range.end_auth_seq_id 
AA1 1  LYS A 4   ? PRO A 5   ? LYS AAA 23  PRO AAA 24  
AA1 2  SER A 119 ? SER A 128 ? SER AAA 138 SER AAA 147 
AA1 3  GLY A 24  ? ARG A 31  ? GLY AAA 43  ARG AAA 50  
AA1 4  LEU A 156 ? THR A 157 ? LEU AAA 175 THR AAA 176 
AA2 1  LYS A 4   ? PRO A 5   ? LYS AAA 23  PRO AAA 24  
AA2 2  SER A 119 ? SER A 128 ? SER AAA 138 SER AAA 147 
AA2 3  TYR A 107 ? LEU A 116 ? TYR AAA 126 LEU AAA 135 
AA2 4  VAL A 95  ? THR A 102 ? VAL AAA 114 THR AAA 121 
AA2 5  LYS A 84  ? PHE A 88  ? LYS AAA 103 PHE AAA 107 
AA2 6  ILE A 67  ? ALA A 76  ? ILE AAA 86  ALA AAA 95  
AA2 7  PHE A 54  ? ARG A 61  ? PHE AAA 73  ARG AAA 80  
AA2 8  GLU A 40  ? SER A 47  ? GLU AAA 59  SER AAA 66  
AA2 9  GLY A 24  ? ARG A 31  ? GLY AAA 43  ARG AAA 50  
AA2 10 LEU A 156 ? THR A 157 ? LEU AAA 175 THR AAA 176 
# 
loop_
_pdbx_struct_sheet_hbond.sheet_id 
_pdbx_struct_sheet_hbond.range_id_1 
_pdbx_struct_sheet_hbond.range_id_2 
_pdbx_struct_sheet_hbond.range_1_label_atom_id 
_pdbx_struct_sheet_hbond.range_1_label_comp_id 
_pdbx_struct_sheet_hbond.range_1_label_asym_id 
_pdbx_struct_sheet_hbond.range_1_label_seq_id 
_pdbx_struct_sheet_hbond.range_1_PDB_ins_code 
_pdbx_struct_sheet_hbond.range_1_auth_atom_id 
_pdbx_struct_sheet_hbond.range_1_auth_comp_id 
_pdbx_struct_sheet_hbond.range_1_auth_asym_id 
_pdbx_struct_sheet_hbond.range_1_auth_seq_id 
_pdbx_struct_sheet_hbond.range_2_label_atom_id 
_pdbx_struct_sheet_hbond.range_2_label_comp_id 
_pdbx_struct_sheet_hbond.range_2_label_asym_id 
_pdbx_struct_sheet_hbond.range_2_label_seq_id 
_pdbx_struct_sheet_hbond.range_2_PDB_ins_code 
_pdbx_struct_sheet_hbond.range_2_auth_atom_id 
_pdbx_struct_sheet_hbond.range_2_auth_comp_id 
_pdbx_struct_sheet_hbond.range_2_auth_asym_id 
_pdbx_struct_sheet_hbond.range_2_auth_seq_id 
AA1 1 2  N LYS A 4   ? N LYS AAA 23  O HIS A 120 ? O HIS AAA 139 
AA1 2 3  O SER A 128 ? O SER AAA 147 N TYR A 27  ? N TYR AAA 46  
AA1 3 4  N ARG A 31  ? N ARG AAA 50  O LEU A 156 ? O LEU AAA 175 
AA2 1 2  N LYS A 4   ? N LYS AAA 23  O HIS A 120 ? O HIS AAA 139 
AA2 2 3  O ALA A 121 ? O ALA AAA 140 N ILE A 114 ? N ILE AAA 133 
AA2 3 4  O TYR A 111 ? O TYR AAA 130 N TRP A 98  ? N TRP AAA 117 
AA2 4 5  O VAL A 95  ? O VAL AAA 114 N PHE A 87  ? N PHE AAA 106 
AA2 5 6  O PHE A 88  ? O PHE AAA 107 N SER A 73  ? N SER AAA 92  
AA2 6 7  O GLY A 72  ? O GLY AAA 91  N VAL A 56  ? N VAL AAA 75  
AA2 7 8  O ARG A 61  ? O ARG AAA 80  N GLU A 40  ? N GLU AAA 59  
AA2 8 9  O TYR A 46  ? O TYR AAA 65  N GLY A 24  ? N GLY AAA 43  
AA2 9 10 N ARG A 31  ? N ARG AAA 50  O LEU A 156 ? O LEU AAA 175 
# 
_pdbx_entry_details.entry_id                   7O2Y 
_pdbx_entry_details.has_ligand_of_interest     Y 
_pdbx_entry_details.compound_details           ? 
_pdbx_entry_details.source_details             ? 
_pdbx_entry_details.nonpolymer_details         ? 
_pdbx_entry_details.sequence_details           ? 
_pdbx_entry_details.has_protein_modification   Y 
# 
loop_
_pdbx_validate_torsion.id 
_pdbx_validate_torsion.PDB_model_num 
_pdbx_validate_torsion.auth_comp_id 
_pdbx_validate_torsion.auth_asym_id 
_pdbx_validate_torsion.auth_seq_id 
_pdbx_validate_torsion.PDB_ins_code 
_pdbx_validate_torsion.label_alt_id 
_pdbx_validate_torsion.phi 
_pdbx_validate_torsion.psi 
1 1 PHE AAA 21  ? ? 74.27   -2.18   
2 1 LYS AAA 29  ? ? -115.23 76.14   
3 1 GLU AAA 109 ? ? 41.36   -129.95 
4 1 TYR AAA 123 ? ? 67.10   -29.62  
5 1 ASN AAA 125 ? ? -130.17 -48.12  
# 
loop_
_pdbx_unobs_or_zero_occ_residues.id 
_pdbx_unobs_or_zero_occ_residues.PDB_model_num 
_pdbx_unobs_or_zero_occ_residues.polymer_flag 
_pdbx_unobs_or_zero_occ_residues.occupancy_flag 
_pdbx_unobs_or_zero_occ_residues.auth_asym_id 
_pdbx_unobs_or_zero_occ_residues.auth_comp_id 
_pdbx_unobs_or_zero_occ_residues.auth_seq_id 
_pdbx_unobs_or_zero_occ_residues.PDB_ins_code 
_pdbx_unobs_or_zero_occ_residues.label_asym_id 
_pdbx_unobs_or_zero_occ_residues.label_comp_id 
_pdbx_unobs_or_zero_occ_residues.label_seq_id 
1  1 Y 1 AAA ALA 186 ? A ALA 167 
2  1 Y 1 AAA MET 187 ? A MET 168 
3  1 Y 1 AAA ASN 188 ? A ASN 169 
4  1 Y 1 AAA GLN 189 ? A GLN 170 
5  1 Y 1 AAA LYS 190 ? A LYS 171 
6  1 Y 1 AAA LEU 191 ? A LEU 172 
7  1 Y 1 AAA ALA 192 ? A ALA 173 
8  1 Y 1 AAA ALA 193 ? A ALA 174 
9  1 Y 1 AAA ALA 194 ? A ALA 175 
10 1 Y 1 AAA LEU 195 ? A LEU 176 
11 1 Y 1 AAA GLU 196 ? A GLU 177 
12 1 Y 1 AAA HIS 197 ? A HIS 178 
13 1 Y 1 AAA HIS 198 ? A HIS 179 
14 1 Y 1 AAA HIS 199 ? A HIS 180 
15 1 Y 1 AAA HIS 200 ? A HIS 181 
16 1 Y 1 AAA HIS 201 ? A HIS 182 
17 1 Y 1 AAA HIS 202 ? A HIS 183 
# 
loop_
_chem_comp_atom.comp_id 
_chem_comp_atom.atom_id 
_chem_comp_atom.type_symbol 
_chem_comp_atom.pdbx_aromatic_flag 
_chem_comp_atom.pdbx_stereo_config 
_chem_comp_atom.pdbx_ordinal 
ALA N    N N N 1   
ALA CA   C N S 2   
ALA C    C N N 3   
ALA O    O N N 4   
ALA CB   C N N 5   
ALA OXT  O N N 6   
ALA H    H N N 7   
ALA H2   H N N 8   
ALA HA   H N N 9   
ALA HB1  H N N 10  
ALA HB2  H N N 11  
ALA HB3  H N N 12  
ALA HXT  H N N 13  
ARG N    N N N 14  
ARG CA   C N S 15  
ARG C    C N N 16  
ARG O    O N N 17  
ARG CB   C N N 18  
ARG CG   C N N 19  
ARG CD   C N N 20  
ARG NE   N N N 21  
ARG CZ   C N N 22  
ARG NH1  N N N 23  
ARG NH2  N N N 24  
ARG OXT  O N N 25  
ARG H    H N N 26  
ARG H2   H N N 27  
ARG HA   H N N 28  
ARG HB2  H N N 29  
ARG HB3  H N N 30  
ARG HG2  H N N 31  
ARG HG3  H N N 32  
ARG HD2  H N N 33  
ARG HD3  H N N 34  
ARG HE   H N N 35  
ARG HH11 H N N 36  
ARG HH12 H N N 37  
ARG HH21 H N N 38  
ARG HH22 H N N 39  
ARG HXT  H N N 40  
ASN N    N N N 41  
ASN CA   C N S 42  
ASN C    C N N 43  
ASN O    O N N 44  
ASN CB   C N N 45  
ASN CG   C N N 46  
ASN OD1  O N N 47  
ASN ND2  N N N 48  
ASN OXT  O N N 49  
ASN H    H N N 50  
ASN H2   H N N 51  
ASN HA   H N N 52  
ASN HB2  H N N 53  
ASN HB3  H N N 54  
ASN HD21 H N N 55  
ASN HD22 H N N 56  
ASN HXT  H N N 57  
ASP N    N N N 58  
ASP CA   C N S 59  
ASP C    C N N 60  
ASP O    O N N 61  
ASP CB   C N N 62  
ASP CG   C N N 63  
ASP OD1  O N N 64  
ASP OD2  O N N 65  
ASP OXT  O N N 66  
ASP H    H N N 67  
ASP H2   H N N 68  
ASP HA   H N N 69  
ASP HB2  H N N 70  
ASP HB3  H N N 71  
ASP HD2  H N N 72  
ASP HXT  H N N 73  
BLA CHA  C N N 74  
BLA NA   N Y N 75  
BLA C1A  C Y N 76  
BLA C2A  C Y N 77  
BLA C3A  C Y N 78  
BLA C4A  C Y N 79  
BLA CMA  C N N 80  
BLA CAA  C N N 81  
BLA CBA  C N N 82  
BLA CGA  C N N 83  
BLA O1A  O N N 84  
BLA O2A  O N N 85  
BLA CHB  C N N 86  
BLA NB   N N N 87  
BLA C1B  C N N 88  
BLA C2B  C N N 89  
BLA C3B  C N N 90  
BLA C4B  C N N 91  
BLA CMB  C N N 92  
BLA OB   O N N 93  
BLA CAB  C N N 94  
BLA CBB  C N N 95  
BLA NC   N N N 96  
BLA C1C  C N N 97  
BLA C2C  C N N 98  
BLA C3C  C N N 99  
BLA C4C  C N N 100 
BLA CMC  C N N 101 
BLA OC   O N N 102 
BLA CAC  C N N 103 
BLA CBC  C N N 104 
BLA CHD  C N N 105 
BLA ND   N N N 106 
BLA C1D  C N N 107 
BLA C2D  C N N 108 
BLA C3D  C N N 109 
BLA C4D  C N N 110 
BLA CMD  C N N 111 
BLA CAD  C N N 112 
BLA CBD  C N N 113 
BLA CGD  C N N 114 
BLA O1D  O N N 115 
BLA O2D  O N N 116 
BLA HHA  H N N 117 
BLA HA   H N N 118 
BLA HMA1 H N N 119 
BLA HMA2 H N N 120 
BLA HMA3 H N N 121 
BLA HAA1 H N N 122 
BLA HAA2 H N N 123 
BLA HBA1 H N N 124 
BLA HBA2 H N N 125 
BLA H2A  H N N 126 
BLA HHB  H N N 127 
BLA HB   H N N 128 
BLA HMB1 H N N 129 
BLA HMB2 H N N 130 
BLA HMB3 H N N 131 
BLA HAB  H N N 132 
BLA HBB1 H N N 133 
BLA HBB2 H N N 134 
BLA HC   H N N 135 
BLA HMC1 H N N 136 
BLA HMC2 H N N 137 
BLA HMC3 H N N 138 
BLA HAC  H N N 139 
BLA HBC1 H N N 140 
BLA HBC2 H N N 141 
BLA HHD  H N N 142 
BLA HMD1 H N N 143 
BLA HMD2 H N N 144 
BLA HMD3 H N N 145 
BLA HAD1 H N N 146 
BLA HAD2 H N N 147 
BLA HBD1 H N N 148 
BLA HBD2 H N N 149 
BLA H2D  H N N 150 
CYS N    N N N 151 
CYS CA   C N R 152 
CYS C    C N N 153 
CYS O    O N N 154 
CYS CB   C N N 155 
CYS SG   S N N 156 
CYS OXT  O N N 157 
CYS H    H N N 158 
CYS H2   H N N 159 
CYS HA   H N N 160 
CYS HB2  H N N 161 
CYS HB3  H N N 162 
CYS HG   H N N 163 
CYS HXT  H N N 164 
GLN N    N N N 165 
GLN CA   C N S 166 
GLN C    C N N 167 
GLN O    O N N 168 
GLN CB   C N N 169 
GLN CG   C N N 170 
GLN CD   C N N 171 
GLN OE1  O N N 172 
GLN NE2  N N N 173 
GLN OXT  O N N 174 
GLN H    H N N 175 
GLN H2   H N N 176 
GLN HA   H N N 177 
GLN HB2  H N N 178 
GLN HB3  H N N 179 
GLN HG2  H N N 180 
GLN HG3  H N N 181 
GLN HE21 H N N 182 
GLN HE22 H N N 183 
GLN HXT  H N N 184 
GLU N    N N N 185 
GLU CA   C N S 186 
GLU C    C N N 187 
GLU O    O N N 188 
GLU CB   C N N 189 
GLU CG   C N N 190 
GLU CD   C N N 191 
GLU OE1  O N N 192 
GLU OE2  O N N 193 
GLU OXT  O N N 194 
GLU H    H N N 195 
GLU H2   H N N 196 
GLU HA   H N N 197 
GLU HB2  H N N 198 
GLU HB3  H N N 199 
GLU HG2  H N N 200 
GLU HG3  H N N 201 
GLU HE2  H N N 202 
GLU HXT  H N N 203 
GLY N    N N N 204 
GLY CA   C N N 205 
GLY C    C N N 206 
GLY O    O N N 207 
GLY OXT  O N N 208 
GLY H    H N N 209 
GLY H2   H N N 210 
GLY HA2  H N N 211 
GLY HA3  H N N 212 
GLY HXT  H N N 213 
HIS N    N N N 214 
HIS CA   C N S 215 
HIS C    C N N 216 
HIS O    O N N 217 
HIS CB   C N N 218 
HIS CG   C Y N 219 
HIS ND1  N Y N 220 
HIS CD2  C Y N 221 
HIS CE1  C Y N 222 
HIS NE2  N Y N 223 
HIS OXT  O N N 224 
HIS H    H N N 225 
HIS H2   H N N 226 
HIS HA   H N N 227 
HIS HB2  H N N 228 
HIS HB3  H N N 229 
HIS HD1  H N N 230 
HIS HD2  H N N 231 
HIS HE1  H N N 232 
HIS HE2  H N N 233 
HIS HXT  H N N 234 
HOH O    O N N 235 
HOH H1   H N N 236 
HOH H2   H N N 237 
ILE N    N N N 238 
ILE CA   C N S 239 
ILE C    C N N 240 
ILE O    O N N 241 
ILE CB   C N S 242 
ILE CG1  C N N 243 
ILE CG2  C N N 244 
ILE CD1  C N N 245 
ILE OXT  O N N 246 
ILE H    H N N 247 
ILE H2   H N N 248 
ILE HA   H N N 249 
ILE HB   H N N 250 
ILE HG12 H N N 251 
ILE HG13 H N N 252 
ILE HG21 H N N 253 
ILE HG22 H N N 254 
ILE HG23 H N N 255 
ILE HD11 H N N 256 
ILE HD12 H N N 257 
ILE HD13 H N N 258 
ILE HXT  H N N 259 
LEU N    N N N 260 
LEU CA   C N S 261 
LEU C    C N N 262 
LEU O    O N N 263 
LEU CB   C N N 264 
LEU CG   C N N 265 
LEU CD1  C N N 266 
LEU CD2  C N N 267 
LEU OXT  O N N 268 
LEU H    H N N 269 
LEU H2   H N N 270 
LEU HA   H N N 271 
LEU HB2  H N N 272 
LEU HB3  H N N 273 
LEU HG   H N N 274 
LEU HD11 H N N 275 
LEU HD12 H N N 276 
LEU HD13 H N N 277 
LEU HD21 H N N 278 
LEU HD22 H N N 279 
LEU HD23 H N N 280 
LEU HXT  H N N 281 
LYS N    N N N 282 
LYS CA   C N S 283 
LYS C    C N N 284 
LYS O    O N N 285 
LYS CB   C N N 286 
LYS CG   C N N 287 
LYS CD   C N N 288 
LYS CE   C N N 289 
LYS NZ   N N N 290 
LYS OXT  O N N 291 
LYS H    H N N 292 
LYS H2   H N N 293 
LYS HA   H N N 294 
LYS HB2  H N N 295 
LYS HB3  H N N 296 
LYS HG2  H N N 297 
LYS HG3  H N N 298 
LYS HD2  H N N 299 
LYS HD3  H N N 300 
LYS HE2  H N N 301 
LYS HE3  H N N 302 
LYS HZ1  H N N 303 
LYS HZ2  H N N 304 
LYS HZ3  H N N 305 
LYS HXT  H N N 306 
MET N    N N N 307 
MET CA   C N S 308 
MET C    C N N 309 
MET O    O N N 310 
MET CB   C N N 311 
MET CG   C N N 312 
MET SD   S N N 313 
MET CE   C N N 314 
MET OXT  O N N 315 
MET H    H N N 316 
MET H2   H N N 317 
MET HA   H N N 318 
MET HB2  H N N 319 
MET HB3  H N N 320 
MET HG2  H N N 321 
MET HG3  H N N 322 
MET HE1  H N N 323 
MET HE2  H N N 324 
MET HE3  H N N 325 
MET HXT  H N N 326 
PHE N    N N N 327 
PHE CA   C N S 328 
PHE C    C N N 329 
PHE O    O N N 330 
PHE CB   C N N 331 
PHE CG   C Y N 332 
PHE CD1  C Y N 333 
PHE CD2  C Y N 334 
PHE CE1  C Y N 335 
PHE CE2  C Y N 336 
PHE CZ   C Y N 337 
PHE OXT  O N N 338 
PHE H    H N N 339 
PHE H2   H N N 340 
PHE HA   H N N 341 
PHE HB2  H N N 342 
PHE HB3  H N N 343 
PHE HD1  H N N 344 
PHE HD2  H N N 345 
PHE HE1  H N N 346 
PHE HE2  H N N 347 
PHE HZ   H N N 348 
PHE HXT  H N N 349 
PRO N    N N N 350 
PRO CA   C N S 351 
PRO C    C N N 352 
PRO O    O N N 353 
PRO CB   C N N 354 
PRO CG   C N N 355 
PRO CD   C N N 356 
PRO OXT  O N N 357 
PRO H    H N N 358 
PRO HA   H N N 359 
PRO HB2  H N N 360 
PRO HB3  H N N 361 
PRO HG2  H N N 362 
PRO HG3  H N N 363 
PRO HD2  H N N 364 
PRO HD3  H N N 365 
PRO HXT  H N N 366 
SER N    N N N 367 
SER CA   C N S 368 
SER C    C N N 369 
SER O    O N N 370 
SER CB   C N N 371 
SER OG   O N N 372 
SER OXT  O N N 373 
SER H    H N N 374 
SER H2   H N N 375 
SER HA   H N N 376 
SER HB2  H N N 377 
SER HB3  H N N 378 
SER HG   H N N 379 
SER HXT  H N N 380 
THR N    N N N 381 
THR CA   C N S 382 
THR C    C N N 383 
THR O    O N N 384 
THR CB   C N R 385 
THR OG1  O N N 386 
THR CG2  C N N 387 
THR OXT  O N N 388 
THR H    H N N 389 
THR H2   H N N 390 
THR HA   H N N 391 
THR HB   H N N 392 
THR HG1  H N N 393 
THR HG21 H N N 394 
THR HG22 H N N 395 
THR HG23 H N N 396 
THR HXT  H N N 397 
TRP N    N N N 398 
TRP CA   C N S 399 
TRP C    C N N 400 
TRP O    O N N 401 
TRP CB   C N N 402 
TRP CG   C Y N 403 
TRP CD1  C Y N 404 
TRP CD2  C Y N 405 
TRP NE1  N Y N 406 
TRP CE2  C Y N 407 
TRP CE3  C Y N 408 
TRP CZ2  C Y N 409 
TRP CZ3  C Y N 410 
TRP CH2  C Y N 411 
TRP OXT  O N N 412 
TRP H    H N N 413 
TRP H2   H N N 414 
TRP HA   H N N 415 
TRP HB2  H N N 416 
TRP HB3  H N N 417 
TRP HD1  H N N 418 
TRP HE1  H N N 419 
TRP HE3  H N N 420 
TRP HZ2  H N N 421 
TRP HZ3  H N N 422 
TRP HH2  H N N 423 
TRP HXT  H N N 424 
TYR N    N N N 425 
TYR CA   C N S 426 
TYR C    C N N 427 
TYR O    O N N 428 
TYR CB   C N N 429 
TYR CG   C Y N 430 
TYR CD1  C Y N 431 
TYR CD2  C Y N 432 
TYR CE1  C Y N 433 
TYR CE2  C Y N 434 
TYR CZ   C Y N 435 
TYR OH   O N N 436 
TYR OXT  O N N 437 
TYR H    H N N 438 
TYR H2   H N N 439 
TYR HA   H N N 440 
TYR HB2  H N N 441 
TYR HB3  H N N 442 
TYR HD1  H N N 443 
TYR HD2  H N N 444 
TYR HE1  H N N 445 
TYR HE2  H N N 446 
TYR HH   H N N 447 
TYR HXT  H N N 448 
VAL N    N N N 449 
VAL CA   C N S 450 
VAL C    C N N 451 
VAL O    O N N 452 
VAL CB   C N N 453 
VAL CG1  C N N 454 
VAL CG2  C N N 455 
VAL OXT  O N N 456 
VAL H    H N N 457 
VAL H2   H N N 458 
VAL HA   H N N 459 
VAL HB   H N N 460 
VAL HG11 H N N 461 
VAL HG12 H N N 462 
VAL HG13 H N N 463 
VAL HG21 H N N 464 
VAL HG22 H N N 465 
VAL HG23 H N N 466 
VAL HXT  H N N 467 
# 
loop_
_chem_comp_bond.comp_id 
_chem_comp_bond.atom_id_1 
_chem_comp_bond.atom_id_2 
_chem_comp_bond.value_order 
_chem_comp_bond.pdbx_aromatic_flag 
_chem_comp_bond.pdbx_stereo_config 
_chem_comp_bond.pdbx_ordinal 
ALA N   CA   sing N N 1   
ALA N   H    sing N N 2   
ALA N   H2   sing N N 3   
ALA CA  C    sing N N 4   
ALA CA  CB   sing N N 5   
ALA CA  HA   sing N N 6   
ALA C   O    doub N N 7   
ALA C   OXT  sing N N 8   
ALA CB  HB1  sing N N 9   
ALA CB  HB2  sing N N 10  
ALA CB  HB3  sing N N 11  
ALA OXT HXT  sing N N 12  
ARG N   CA   sing N N 13  
ARG N   H    sing N N 14  
ARG N   H2   sing N N 15  
ARG CA  C    sing N N 16  
ARG CA  CB   sing N N 17  
ARG CA  HA   sing N N 18  
ARG C   O    doub N N 19  
ARG C   OXT  sing N N 20  
ARG CB  CG   sing N N 21  
ARG CB  HB2  sing N N 22  
ARG CB  HB3  sing N N 23  
ARG CG  CD   sing N N 24  
ARG CG  HG2  sing N N 25  
ARG CG  HG3  sing N N 26  
ARG CD  NE   sing N N 27  
ARG CD  HD2  sing N N 28  
ARG CD  HD3  sing N N 29  
ARG NE  CZ   sing N N 30  
ARG NE  HE   sing N N 31  
ARG CZ  NH1  sing N N 32  
ARG CZ  NH2  doub N N 33  
ARG NH1 HH11 sing N N 34  
ARG NH1 HH12 sing N N 35  
ARG NH2 HH21 sing N N 36  
ARG NH2 HH22 sing N N 37  
ARG OXT HXT  sing N N 38  
ASN N   CA   sing N N 39  
ASN N   H    sing N N 40  
ASN N   H2   sing N N 41  
ASN CA  C    sing N N 42  
ASN CA  CB   sing N N 43  
ASN CA  HA   sing N N 44  
ASN C   O    doub N N 45  
ASN C   OXT  sing N N 46  
ASN CB  CG   sing N N 47  
ASN CB  HB2  sing N N 48  
ASN CB  HB3  sing N N 49  
ASN CG  OD1  doub N N 50  
ASN CG  ND2  sing N N 51  
ASN ND2 HD21 sing N N 52  
ASN ND2 HD22 sing N N 53  
ASN OXT HXT  sing N N 54  
ASP N   CA   sing N N 55  
ASP N   H    sing N N 56  
ASP N   H2   sing N N 57  
ASP CA  C    sing N N 58  
ASP CA  CB   sing N N 59  
ASP CA  HA   sing N N 60  
ASP C   O    doub N N 61  
ASP C   OXT  sing N N 62  
ASP CB  CG   sing N N 63  
ASP CB  HB2  sing N N 64  
ASP CB  HB3  sing N N 65  
ASP CG  OD1  doub N N 66  
ASP CG  OD2  sing N N 67  
ASP OD2 HD2  sing N N 68  
ASP OXT HXT  sing N N 69  
BLA CHA C1A  sing N N 70  
BLA CHA C4D  doub N Z 71  
BLA CHA HHA  sing N N 72  
BLA NA  C1A  sing Y N 73  
BLA NA  C4A  sing Y N 74  
BLA NA  HA   sing N N 75  
BLA C1A C2A  doub Y N 76  
BLA C2A C3A  sing Y N 77  
BLA C2A CAA  sing N N 78  
BLA C3A C4A  doub Y N 79  
BLA C3A CMA  sing N N 80  
BLA C4A CHB  sing N N 81  
BLA CMA HMA1 sing N N 82  
BLA CMA HMA2 sing N N 83  
BLA CMA HMA3 sing N N 84  
BLA CAA CBA  sing N N 85  
BLA CAA HAA1 sing N N 86  
BLA CAA HAA2 sing N N 87  
BLA CBA CGA  sing N N 88  
BLA CBA HBA1 sing N N 89  
BLA CBA HBA2 sing N N 90  
BLA CGA O1A  doub N N 91  
BLA CGA O2A  sing N N 92  
BLA O2A H2A  sing N N 93  
BLA CHB C1B  doub N Z 94  
BLA CHB HHB  sing N N 95  
BLA NB  C1B  sing N N 96  
BLA NB  C4B  sing N N 97  
BLA NB  HB   sing N N 98  
BLA C1B C2B  sing N N 99  
BLA C2B C3B  doub N N 100 
BLA C2B CMB  sing N N 101 
BLA C3B C4B  sing N N 102 
BLA C3B CAB  sing N N 103 
BLA C4B OB   doub N N 104 
BLA CMB HMB1 sing N N 105 
BLA CMB HMB2 sing N N 106 
BLA CMB HMB3 sing N N 107 
BLA CAB CBB  doub N N 108 
BLA CAB HAB  sing N N 109 
BLA CBB HBB1 sing N N 110 
BLA CBB HBB2 sing N N 111 
BLA NC  C1C  sing N N 112 
BLA NC  C4C  sing N N 113 
BLA NC  HC   sing N N 114 
BLA C1C C2C  sing N N 115 
BLA C1C OC   doub N N 116 
BLA C2C C3C  doub N N 117 
BLA C2C CMC  sing N N 118 
BLA C3C C4C  sing N N 119 
BLA C3C CAC  sing N N 120 
BLA C4C CHD  doub N Z 121 
BLA CMC HMC1 sing N N 122 
BLA CMC HMC2 sing N N 123 
BLA CMC HMC3 sing N N 124 
BLA CAC CBC  doub N N 125 
BLA CAC HAC  sing N N 126 
BLA CBC HBC1 sing N N 127 
BLA CBC HBC2 sing N N 128 
BLA CHD C1D  sing N N 129 
BLA CHD HHD  sing N N 130 
BLA ND  C1D  doub N N 131 
BLA ND  C4D  sing N N 132 
BLA C1D C2D  sing N N 133 
BLA C2D C3D  doub N N 134 
BLA C2D CMD  sing N N 135 
BLA C3D C4D  sing N N 136 
BLA C3D CAD  sing N N 137 
BLA CMD HMD1 sing N N 138 
BLA CMD HMD2 sing N N 139 
BLA CMD HMD3 sing N N 140 
BLA CAD CBD  sing N N 141 
BLA CAD HAD1 sing N N 142 
BLA CAD HAD2 sing N N 143 
BLA CBD CGD  sing N N 144 
BLA CBD HBD1 sing N N 145 
BLA CBD HBD2 sing N N 146 
BLA CGD O1D  doub N N 147 
BLA CGD O2D  sing N N 148 
BLA O2D H2D  sing N N 149 
CYS N   CA   sing N N 150 
CYS N   H    sing N N 151 
CYS N   H2   sing N N 152 
CYS CA  C    sing N N 153 
CYS CA  CB   sing N N 154 
CYS CA  HA   sing N N 155 
CYS C   O    doub N N 156 
CYS C   OXT  sing N N 157 
CYS CB  SG   sing N N 158 
CYS CB  HB2  sing N N 159 
CYS CB  HB3  sing N N 160 
CYS SG  HG   sing N N 161 
CYS OXT HXT  sing N N 162 
GLN N   CA   sing N N 163 
GLN N   H    sing N N 164 
GLN N   H2   sing N N 165 
GLN CA  C    sing N N 166 
GLN CA  CB   sing N N 167 
GLN CA  HA   sing N N 168 
GLN C   O    doub N N 169 
GLN C   OXT  sing N N 170 
GLN CB  CG   sing N N 171 
GLN CB  HB2  sing N N 172 
GLN CB  HB3  sing N N 173 
GLN CG  CD   sing N N 174 
GLN CG  HG2  sing N N 175 
GLN CG  HG3  sing N N 176 
GLN CD  OE1  doub N N 177 
GLN CD  NE2  sing N N 178 
GLN NE2 HE21 sing N N 179 
GLN NE2 HE22 sing N N 180 
GLN OXT HXT  sing N N 181 
GLU N   CA   sing N N 182 
GLU N   H    sing N N 183 
GLU N   H2   sing N N 184 
GLU CA  C    sing N N 185 
GLU CA  CB   sing N N 186 
GLU CA  HA   sing N N 187 
GLU C   O    doub N N 188 
GLU C   OXT  sing N N 189 
GLU CB  CG   sing N N 190 
GLU CB  HB2  sing N N 191 
GLU CB  HB3  sing N N 192 
GLU CG  CD   sing N N 193 
GLU CG  HG2  sing N N 194 
GLU CG  HG3  sing N N 195 
GLU CD  OE1  doub N N 196 
GLU CD  OE2  sing N N 197 
GLU OE2 HE2  sing N N 198 
GLU OXT HXT  sing N N 199 
GLY N   CA   sing N N 200 
GLY N   H    sing N N 201 
GLY N   H2   sing N N 202 
GLY CA  C    sing N N 203 
GLY CA  HA2  sing N N 204 
GLY CA  HA3  sing N N 205 
GLY C   O    doub N N 206 
GLY C   OXT  sing N N 207 
GLY OXT HXT  sing N N 208 
HIS N   CA   sing N N 209 
HIS N   H    sing N N 210 
HIS N   H2   sing N N 211 
HIS CA  C    sing N N 212 
HIS CA  CB   sing N N 213 
HIS CA  HA   sing N N 214 
HIS C   O    doub N N 215 
HIS C   OXT  sing N N 216 
HIS CB  CG   sing N N 217 
HIS CB  HB2  sing N N 218 
HIS CB  HB3  sing N N 219 
HIS CG  ND1  sing Y N 220 
HIS CG  CD2  doub Y N 221 
HIS ND1 CE1  doub Y N 222 
HIS ND1 HD1  sing N N 223 
HIS CD2 NE2  sing Y N 224 
HIS CD2 HD2  sing N N 225 
HIS CE1 NE2  sing Y N 226 
HIS CE1 HE1  sing N N 227 
HIS NE2 HE2  sing N N 228 
HIS OXT HXT  sing N N 229 
HOH O   H1   sing N N 230 
HOH O   H2   sing N N 231 
ILE N   CA   sing N N 232 
ILE N   H    sing N N 233 
ILE N   H2   sing N N 234 
ILE CA  C    sing N N 235 
ILE CA  CB   sing N N 236 
ILE CA  HA   sing N N 237 
ILE C   O    doub N N 238 
ILE C   OXT  sing N N 239 
ILE CB  CG1  sing N N 240 
ILE CB  CG2  sing N N 241 
ILE CB  HB   sing N N 242 
ILE CG1 CD1  sing N N 243 
ILE CG1 HG12 sing N N 244 
ILE CG1 HG13 sing N N 245 
ILE CG2 HG21 sing N N 246 
ILE CG2 HG22 sing N N 247 
ILE CG2 HG23 sing N N 248 
ILE CD1 HD11 sing N N 249 
ILE CD1 HD12 sing N N 250 
ILE CD1 HD13 sing N N 251 
ILE OXT HXT  sing N N 252 
LEU N   CA   sing N N 253 
LEU N   H    sing N N 254 
LEU N   H2   sing N N 255 
LEU CA  C    sing N N 256 
LEU CA  CB   sing N N 257 
LEU CA  HA   sing N N 258 
LEU C   O    doub N N 259 
LEU C   OXT  sing N N 260 
LEU CB  CG   sing N N 261 
LEU CB  HB2  sing N N 262 
LEU CB  HB3  sing N N 263 
LEU CG  CD1  sing N N 264 
LEU CG  CD2  sing N N 265 
LEU CG  HG   sing N N 266 
LEU CD1 HD11 sing N N 267 
LEU CD1 HD12 sing N N 268 
LEU CD1 HD13 sing N N 269 
LEU CD2 HD21 sing N N 270 
LEU CD2 HD22 sing N N 271 
LEU CD2 HD23 sing N N 272 
LEU OXT HXT  sing N N 273 
LYS N   CA   sing N N 274 
LYS N   H    sing N N 275 
LYS N   H2   sing N N 276 
LYS CA  C    sing N N 277 
LYS CA  CB   sing N N 278 
LYS CA  HA   sing N N 279 
LYS C   O    doub N N 280 
LYS C   OXT  sing N N 281 
LYS CB  CG   sing N N 282 
LYS CB  HB2  sing N N 283 
LYS CB  HB3  sing N N 284 
LYS CG  CD   sing N N 285 
LYS CG  HG2  sing N N 286 
LYS CG  HG3  sing N N 287 
LYS CD  CE   sing N N 288 
LYS CD  HD2  sing N N 289 
LYS CD  HD3  sing N N 290 
LYS CE  NZ   sing N N 291 
LYS CE  HE2  sing N N 292 
LYS CE  HE3  sing N N 293 
LYS NZ  HZ1  sing N N 294 
LYS NZ  HZ2  sing N N 295 
LYS NZ  HZ3  sing N N 296 
LYS OXT HXT  sing N N 297 
MET N   CA   sing N N 298 
MET N   H    sing N N 299 
MET N   H2   sing N N 300 
MET CA  C    sing N N 301 
MET CA  CB   sing N N 302 
MET CA  HA   sing N N 303 
MET C   O    doub N N 304 
MET C   OXT  sing N N 305 
MET CB  CG   sing N N 306 
MET CB  HB2  sing N N 307 
MET CB  HB3  sing N N 308 
MET CG  SD   sing N N 309 
MET CG  HG2  sing N N 310 
MET CG  HG3  sing N N 311 
MET SD  CE   sing N N 312 
MET CE  HE1  sing N N 313 
MET CE  HE2  sing N N 314 
MET CE  HE3  sing N N 315 
MET OXT HXT  sing N N 316 
PHE N   CA   sing N N 317 
PHE N   H    sing N N 318 
PHE N   H2   sing N N 319 
PHE CA  C    sing N N 320 
PHE CA  CB   sing N N 321 
PHE CA  HA   sing N N 322 
PHE C   O    doub N N 323 
PHE C   OXT  sing N N 324 
PHE CB  CG   sing N N 325 
PHE CB  HB2  sing N N 326 
PHE CB  HB3  sing N N 327 
PHE CG  CD1  doub Y N 328 
PHE CG  CD2  sing Y N 329 
PHE CD1 CE1  sing Y N 330 
PHE CD1 HD1  sing N N 331 
PHE CD2 CE2  doub Y N 332 
PHE CD2 HD2  sing N N 333 
PHE CE1 CZ   doub Y N 334 
PHE CE1 HE1  sing N N 335 
PHE CE2 CZ   sing Y N 336 
PHE CE2 HE2  sing N N 337 
PHE CZ  HZ   sing N N 338 
PHE OXT HXT  sing N N 339 
PRO N   CA   sing N N 340 
PRO N   CD   sing N N 341 
PRO N   H    sing N N 342 
PRO CA  C    sing N N 343 
PRO CA  CB   sing N N 344 
PRO CA  HA   sing N N 345 
PRO C   O    doub N N 346 
PRO C   OXT  sing N N 347 
PRO CB  CG   sing N N 348 
PRO CB  HB2  sing N N 349 
PRO CB  HB3  sing N N 350 
PRO CG  CD   sing N N 351 
PRO CG  HG2  sing N N 352 
PRO CG  HG3  sing N N 353 
PRO CD  HD2  sing N N 354 
PRO CD  HD3  sing N N 355 
PRO OXT HXT  sing N N 356 
SER N   CA   sing N N 357 
SER N   H    sing N N 358 
SER N   H2   sing N N 359 
SER CA  C    sing N N 360 
SER CA  CB   sing N N 361 
SER CA  HA   sing N N 362 
SER C   O    doub N N 363 
SER C   OXT  sing N N 364 
SER CB  OG   sing N N 365 
SER CB  HB2  sing N N 366 
SER CB  HB3  sing N N 367 
SER OG  HG   sing N N 368 
SER OXT HXT  sing N N 369 
THR N   CA   sing N N 370 
THR N   H    sing N N 371 
THR N   H2   sing N N 372 
THR CA  C    sing N N 373 
THR CA  CB   sing N N 374 
THR CA  HA   sing N N 375 
THR C   O    doub N N 376 
THR C   OXT  sing N N 377 
THR CB  OG1  sing N N 378 
THR CB  CG2  sing N N 379 
THR CB  HB   sing N N 380 
THR OG1 HG1  sing N N 381 
THR CG2 HG21 sing N N 382 
THR CG2 HG22 sing N N 383 
THR CG2 HG23 sing N N 384 
THR OXT HXT  sing N N 385 
TRP N   CA   sing N N 386 
TRP N   H    sing N N 387 
TRP N   H2   sing N N 388 
TRP CA  C    sing N N 389 
TRP CA  CB   sing N N 390 
TRP CA  HA   sing N N 391 
TRP C   O    doub N N 392 
TRP C   OXT  sing N N 393 
TRP CB  CG   sing N N 394 
TRP CB  HB2  sing N N 395 
TRP CB  HB3  sing N N 396 
TRP CG  CD1  doub Y N 397 
TRP CG  CD2  sing Y N 398 
TRP CD1 NE1  sing Y N 399 
TRP CD1 HD1  sing N N 400 
TRP CD2 CE2  doub Y N 401 
TRP CD2 CE3  sing Y N 402 
TRP NE1 CE2  sing Y N 403 
TRP NE1 HE1  sing N N 404 
TRP CE2 CZ2  sing Y N 405 
TRP CE3 CZ3  doub Y N 406 
TRP CE3 HE3  sing N N 407 
TRP CZ2 CH2  doub Y N 408 
TRP CZ2 HZ2  sing N N 409 
TRP CZ3 CH2  sing Y N 410 
TRP CZ3 HZ3  sing N N 411 
TRP CH2 HH2  sing N N 412 
TRP OXT HXT  sing N N 413 
TYR N   CA   sing N N 414 
TYR N   H    sing N N 415 
TYR N   H2   sing N N 416 
TYR CA  C    sing N N 417 
TYR CA  CB   sing N N 418 
TYR CA  HA   sing N N 419 
TYR C   O    doub N N 420 
TYR C   OXT  sing N N 421 
TYR CB  CG   sing N N 422 
TYR CB  HB2  sing N N 423 
TYR CB  HB3  sing N N 424 
TYR CG  CD1  doub Y N 425 
TYR CG  CD2  sing Y N 426 
TYR CD1 CE1  sing Y N 427 
TYR CD1 HD1  sing N N 428 
TYR CD2 CE2  doub Y N 429 
TYR CD2 HD2  sing N N 430 
TYR CE1 CZ   doub Y N 431 
TYR CE1 HE1  sing N N 432 
TYR CE2 CZ   sing Y N 433 
TYR CE2 HE2  sing N N 434 
TYR CZ  OH   sing N N 435 
TYR OH  HH   sing N N 436 
TYR OXT HXT  sing N N 437 
VAL N   CA   sing N N 438 
VAL N   H    sing N N 439 
VAL N   H2   sing N N 440 
VAL CA  C    sing N N 441 
VAL CA  CB   sing N N 442 
VAL CA  HA   sing N N 443 
VAL C   O    doub N N 444 
VAL C   OXT  sing N N 445 
VAL CB  CG1  sing N N 446 
VAL CB  CG2  sing N N 447 
VAL CB  HB   sing N N 448 
VAL CG1 HG11 sing N N 449 
VAL CG1 HG12 sing N N 450 
VAL CG1 HG13 sing N N 451 
VAL CG2 HG21 sing N N 452 
VAL CG2 HG22 sing N N 453 
VAL CG2 HG23 sing N N 454 
VAL OXT HXT  sing N N 455 
# 
_pdbx_audit_support.funding_organization   'Department of Biotechnology (DBT, India)' 
_pdbx_audit_support.country                India 
_pdbx_audit_support.grant_number           'Grant BT/PR5801/INF/22/156/2012' 
_pdbx_audit_support.ordinal                1 
# 
_pdbx_initial_refinement_model.id               1 
_pdbx_initial_refinement_model.entity_id_list   ? 
_pdbx_initial_refinement_model.type             'experimental model' 
_pdbx_initial_refinement_model.source_name      PDB 
_pdbx_initial_refinement_model.accession_code   5EZ2 
_pdbx_initial_refinement_model.details          ? 
# 
_atom_sites.entry_id                    7O2Y 
_atom_sites.Cartn_transf_matrix[1][1]   ? 
_atom_sites.Cartn_transf_matrix[1][2]   ? 
_atom_sites.Cartn_transf_matrix[1][3]   ? 
_atom_sites.Cartn_transf_matrix[2][1]   ? 
_atom_sites.Cartn_transf_matrix[2][2]   ? 
_atom_sites.Cartn_transf_matrix[2][3]   ? 
_atom_sites.Cartn_transf_matrix[3][1]   ? 
_atom_sites.Cartn_transf_matrix[3][2]   ? 
_atom_sites.Cartn_transf_matrix[3][3]   ? 
_atom_sites.Cartn_transf_vector[1]      ? 
_atom_sites.Cartn_transf_vector[2]      ? 
_atom_sites.Cartn_transf_vector[3]      ? 
_atom_sites.fract_transf_matrix[1][1]   -0.01748887 
_atom_sites.fract_transf_matrix[1][2]   -0.01913964 
_atom_sites.fract_transf_matrix[1][3]   0.00191246 
_atom_sites.fract_transf_matrix[2][1]   -0.00397925 
_atom_sites.fract_transf_matrix[2][2]   0.00612898 
_atom_sites.fract_transf_matrix[2][3]   0.02494885 
_atom_sites.fract_transf_matrix[3][1]   -0.00615520 
_atom_sites.fract_transf_matrix[3][2]   0.00539382 
_atom_sites.fract_transf_matrix[3][3]   -0.00230679 
_atom_sites.fract_transf_vector[1]      -0.315643 
_atom_sites.fract_transf_vector[2]      0.246584 
_atom_sites.fract_transf_vector[3]      -0.002200 
_atom_sites.solution_primary            ? 
_atom_sites.solution_secondary          ? 
_atom_sites.solution_hydrogens          ? 
_atom_sites.special_details             ? 
# 
loop_
_atom_type.symbol 
_atom_type.pdbx_scat_Z 
_atom_type.pdbx_N_electrons 
_atom_type.scat_Cromer_Mann_a1 
_atom_type.scat_Cromer_Mann_b1 
_atom_type.scat_Cromer_Mann_a2 
_atom_type.scat_Cromer_Mann_b2 
_atom_type.scat_Cromer_Mann_a3 
_atom_type.scat_Cromer_Mann_b3 
_atom_type.scat_Cromer_Mann_a4 
_atom_type.scat_Cromer_Mann_b4 
_atom_type.scat_Cromer_Mann_c 
C 6  6  2.310  20.844 1.020 10.208 1.589 0.569  0.865 51.651 0.216   
H 1  1  0.493  10.511 0.323 26.126 0.140 3.142  0.041 57.800 0.003   
N 7  7  12.222 0.006  3.135 9.893  2.014 28.997 1.167 0.583  -11.538 
O 8  8  3.049  13.277 2.287 5.701  1.546 0.324  0.867 32.909 0.251   
S 16 16 6.905  1.468  5.203 22.215 1.438 0.254  1.586 56.172 0.867   
# 
loop_
_atom_site.group_PDB 
_atom_site.id 
_atom_site.type_symbol 
_atom_site.label_atom_id 
_atom_site.label_alt_id 
_atom_site.label_comp_id 
_atom_site.label_asym_id 
_atom_site.label_entity_id 
_atom_site.label_seq_id 
_atom_site.pdbx_PDB_ins_code 
_atom_site.Cartn_x 
_atom_site.Cartn_y 
_atom_site.Cartn_z 
_atom_site.occupancy 
_atom_site.B_iso_or_equiv 
_atom_site.pdbx_formal_charge 
_atom_site.auth_seq_id 
_atom_site.auth_comp_id 
_atom_site.auth_asym_id 
_atom_site.auth_atom_id 
_atom_site.pdbx_PDB_model_num 
_atom_site.calc_flag 
ATOM   1    N N   . MET A 1 1   ? 6.233   1.790   17.916  1.000 89.939  0 20  MET AAA N   1 ? 
ATOM   2    C CA  . MET A 1 1   ? 7.239   2.879   17.664  1.000 96.045  0 20  MET AAA CA  1 ? 
ATOM   3    C C   . MET A 1 1   ? 7.246   3.218   16.168  1.000 91.296  0 20  MET AAA C   1 ? 
ATOM   4    O O   . MET A 1 1   ? 7.016   4.405   15.840  1.000 92.508  0 20  MET AAA O   1 ? 
ATOM   5    C CB  . MET A 1 1   ? 8.663   2.473   18.073  1.000 105.989 0 20  MET AAA CB  1 ? 
ATOM   6    C CG  . MET A 1 1   ? 8.746   1.490   19.228  1.000 108.908 0 20  MET AAA CG  1 ? 
ATOM   7    S SD  . MET A 1 1   ? 10.422  1.386   19.914  1.000 110.606 0 20  MET AAA SD  1 ? 
ATOM   8    C CE  . MET A 1 1   ? 11.420  1.540   18.432  1.000 109.280 0 20  MET AAA CE  1 ? 
ATOM   9    N N   . PHE A 1 2   ? 7.567   2.224   15.321  1.000 76.900  0 21  PHE AAA N   1 ? 
ATOM   10   C CA  . PHE A 1 2   ? 7.441   2.236   13.834  1.000 67.620  0 21  PHE AAA CA  1 ? 
ATOM   11   C C   . PHE A 1 2   ? 8.528   3.101   13.170  1.000 56.786  0 21  PHE AAA C   1 ? 
ATOM   12   O O   . PHE A 1 2   ? 8.503   3.189   11.928  1.000 48.689  0 21  PHE AAA O   1 ? 
ATOM   13   C CB  . PHE A 1 2   ? 6.047   2.721   13.413  1.000 68.691  0 21  PHE AAA CB  1 ? 
ATOM   14   C CG  . PHE A 1 2   ? 4.889   2.068   14.135  1.000 73.712  0 21  PHE AAA CG  1 ? 
ATOM   15   C CD1 . PHE A 1 2   ? 4.657   0.705   14.020  1.000 69.776  0 21  PHE AAA CD1 1 ? 
ATOM   16   C CD2 . PHE A 1 2   ? 4.029   2.819   14.930  1.000 76.951  0 21  PHE AAA CD2 1 ? 
ATOM   17   C CE1 . PHE A 1 2   ? 3.595   0.109   14.681  1.000 73.282  0 21  PHE AAA CE1 1 ? 
ATOM   18   C CE2 . PHE A 1 2   ? 2.962   2.223   15.587  1.000 78.580  0 21  PHE AAA CE2 1 ? 
ATOM   19   C CZ  . PHE A 1 2   ? 2.743   0.869   15.454  1.000 79.737  0 21  PHE AAA CZ  1 ? 
ATOM   20   N N   . ILE A 1 3   ? 9.401   3.757   13.950  1.000 50.331  0 22  ILE AAA N   1 ? 
ATOM   21   C CA  . ILE A 1 3   ? 10.587  4.516   13.449  1.000 46.461  0 22  ILE AAA CA  1 ? 
ATOM   22   C C   . ILE A 1 3   ? 11.766  3.543   13.520  1.000 46.360  0 22  ILE AAA C   1 ? 
ATOM   23   O O   . ILE A 1 3   ? 11.982  2.979   14.617  1.000 41.703  0 22  ILE AAA O   1 ? 
ATOM   24   C CB  . ILE A 1 3   ? 10.891  5.793   14.262  1.000 46.404  0 22  ILE AAA CB  1 ? 
ATOM   25   C CG1 . ILE A 1 3   ? 9.636   6.567   14.680  1.000 51.804  0 22  ILE AAA CG1 1 ? 
ATOM   26   C CG2 . ILE A 1 3   ? 11.872  6.680   13.501  1.000 47.546  0 22  ILE AAA CG2 1 ? 
ATOM   27   C CD1 . ILE A 1 3   ? 8.695   6.890   13.545  1.000 51.799  0 22  ILE AAA CD1 1 ? 
ATOM   28   N N   . LYS A 1 4   ? 12.461  3.341   12.393  1.000 42.593  0 23  LYS AAA N   1 ? 
ATOM   29   C CA  . LYS A 1 4   ? 13.553  2.341   12.240  1.000 38.323  0 23  LYS AAA CA  1 ? 
ATOM   30   C C   . LYS A 1 4   ? 14.808  3.069   11.773  1.000 33.353  0 23  LYS AAA C   1 ? 
ATOM   31   O O   . LYS A 1 4   ? 14.744  4.050   11.016  1.000 30.188  0 23  LYS AAA O   1 ? 
ATOM   32   C CB  . LYS A 1 4   ? 13.165  1.227   11.262  1.000 41.734  0 23  LYS AAA CB  1 ? 
ATOM   33   C CG  . LYS A 1 4   ? 11.670  1.045   11.044  1.000 48.868  0 23  LYS AAA CG  1 ? 
ATOM   34   C CD  . LYS A 1 4   ? 11.308  -0.331  10.545  1.000 51.981  0 23  LYS AAA CD  1 ? 
ATOM   35   C CE  . LYS A 1 4   ? 10.873  -1.268  11.652  1.000 56.772  0 23  LYS AAA CE  1 ? 
ATOM   36   N NZ  . LYS A 1 4   ? 10.720  -2.659  11.150  1.000 64.447  0 23  LYS AAA NZ  1 ? 
ATOM   37   N N   . PRO A 1 5   ? 15.974  2.643   12.287  1.000 28.726  0 24  PRO AAA N   1 ? 
ATOM   38   C CA  . PRO A 1 5   ? 17.233  3.318   11.994  1.000 29.642  0 24  PRO AAA CA  1 ? 
ATOM   39   C C   . PRO A 1 5   ? 17.631  3.100   10.527  1.000 29.226  0 24  PRO AAA C   1 ? 
ATOM   40   O O   . PRO A 1 5   ? 17.217  2.108   9.919   1.000 26.073  0 24  PRO AAA O   1 ? 
ATOM   41   C CB  . PRO A 1 5   ? 18.232  2.723   13.000  1.000 28.042  0 24  PRO AAA CB  1 ? 
ATOM   42   C CG  . PRO A 1 5   ? 17.624  1.420   13.429  1.000 28.063  0 24  PRO AAA CG  1 ? 
ATOM   43   C CD  . PRO A 1 5   ? 16.126  1.590   13.298  1.000 29.490  0 24  PRO AAA CD  1 ? 
ATOM   44   N N   . GLY A 1 6   ? 18.400  4.051   10.002  1.000 27.248  0 25  GLY AAA N   1 ? 
ATOM   45   C CA  . GLY A 1 6   ? 18.817  4.086   8.592   1.000 27.250  0 25  GLY AAA CA  1 ? 
ATOM   46   C C   . GLY A 1 6   ? 17.805  4.827   7.757   1.000 26.783  0 25  GLY AAA C   1 ? 
ATOM   47   O O   . GLY A 1 6   ? 16.633  4.946   8.180   1.000 28.789  0 25  GLY AAA O   1 ? 
ATOM   48   N N   . ARG A 1 7   ? 18.234  5.284   6.593   1.000 27.245  0 26  ARG AAA N   1 ? 
ATOM   49   C CA  . ARG A 1 7   ? 17.384  5.989   5.608   1.000 29.060  0 26  ARG AAA CA  1 ? 
ATOM   50   C C   . ARG A 1 7   ? 16.876  4.964   4.594   1.000 30.852  0 26  ARG AAA C   1 ? 
ATOM   51   O O   . ARG A 1 7   ? 17.325  3.792   4.623   1.000 32.277  0 26  ARG AAA O   1 ? 
ATOM   52   C CB  . ARG A 1 7   ? 18.179  7.138   4.974   1.000 28.626  0 26  ARG AAA CB  1 ? 
ATOM   53   C CG  . ARG A 1 7   ? 18.425  8.270   5.958   1.000 28.524  0 26  ARG AAA CG  1 ? 
ATOM   54   C CD  . ARG A 1 7   ? 19.278  9.379   5.431   1.000 28.867  0 26  ARG AAA CD  1 ? 
ATOM   55   N NE  . ARG A 1 7   ? 18.609  10.013  4.318   1.000 34.035  0 26  ARG AAA NE  1 ? 
ATOM   56   C CZ  . ARG A 1 7   ? 17.690  10.979  4.416   1.000 29.328  0 26  ARG AAA CZ  1 ? 
ATOM   57   N NH1 . ARG A 1 7   ? 17.313  11.419  5.605   1.000 28.064  0 26  ARG AAA NH1 1 ? 
ATOM   58   N NH2 . ARG A 1 7   ? 17.167  11.486  3.315   1.000 25.211  0 26  ARG AAA NH2 1 ? 
ATOM   59   N N   . CYS A 1 8   ? 16.002  5.418   3.716   1.000 28.934  0 27  CYS AAA N   1 ? 
ATOM   60   C CA  . CYS A 1 8   ? 15.206  4.598   2.775   1.000 32.722  0 27  CYS AAA CA  1 ? 
ATOM   61   C C   . CYS A 1 8   ? 16.036  4.030   1.634   1.000 31.082  0 27  CYS AAA C   1 ? 
ATOM   62   O O   . CYS A 1 8   ? 16.839  4.734   1.039   1.000 34.596  0 27  CYS AAA O   1 ? 
ATOM   63   C CB  . CYS A 1 8   ? 14.120  5.457   2.140   1.000 31.666  0 27  CYS AAA CB  1 ? 
ATOM   64   S SG  . CYS A 1 8   ? 12.992  6.075   3.396   1.000 34.330  0 27  CYS AAA SG  1 ? 
ATOM   65   N N   . PRO A 1 9   ? 15.718  2.803   1.192   1.000 29.436  0 28  PRO AAA N   1 ? 
ATOM   66   C CA  . PRO A 1 9   ? 16.182  2.325   -0.098  1.000 31.945  0 28  PRO AAA CA  1 ? 
ATOM   67   C C   . PRO A 1 9   ? 15.322  3.008   -1.186  1.000 37.228  0 28  PRO AAA C   1 ? 
ATOM   68   O O   . PRO A 1 9   ? 14.294  3.613   -0.849  1.000 33.844  0 28  PRO AAA O   1 ? 
ATOM   69   C CB  . PRO A 1 9   ? 15.965  0.811   0.032   1.000 29.709  0 28  PRO AAA CB  1 ? 
ATOM   70   C CG  . PRO A 1 9   ? 14.703  0.718   0.844   1.000 30.773  0 28  PRO AAA CG  1 ? 
ATOM   71   C CD  . PRO A 1 9   ? 14.793  1.862   1.840   1.000 31.020  0 28  PRO AAA CD  1 ? 
ATOM   72   N N   . LYS A 1 10  ? 15.807  2.922   -2.435  1.000 41.597  0 29  LYS AAA N   1 ? 
ATOM   73   C CA  . LYS A 1 10  ? 15.158  3.319   -3.705  1.000 45.652  0 29  LYS AAA CA  1 ? 
ATOM   74   C C   . LYS A 1 10  ? 14.958  2.039   -4.511  1.000 42.480  0 29  LYS AAA C   1 ? 
ATOM   75   O O   . LYS A 1 10  ? 15.744  1.735   -5.400  1.000 45.939  0 29  LYS AAA O   1 ? 
ATOM   76   C CB  . LYS A 1 10  ? 16.030  4.331   -4.465  1.000 51.978  0 29  LYS AAA CB  1 ? 
ATOM   77   C CG  . LYS A 1 10  ? 16.642  5.450   -3.629  1.000 58.312  0 29  LYS AAA CG  1 ? 
ATOM   78   C CD  . LYS A 1 10  ? 18.026  5.116   -3.039  1.000 65.601  0 29  LYS AAA CD  1 ? 
ATOM   79   C CE  . LYS A 1 10  ? 18.523  6.126   -2.019  1.000 61.303  0 29  LYS AAA CE  1 ? 
ATOM   80   N NZ  . LYS A 1 10  ? 19.799  5.704   -1.395  1.000 59.514  0 29  LYS AAA NZ  1 ? 
ATOM   81   N N   . PRO A 1 11  ? 13.964  1.192   -4.175  1.000 38.145  0 30  PRO AAA N   1 ? 
ATOM   82   C CA  . PRO A 1 11  ? 13.666  0.016   -4.987  1.000 33.708  0 30  PRO AAA CA  1 ? 
ATOM   83   C C   . PRO A 1 11  ? 13.178  0.358   -6.403  1.000 39.167  0 30  PRO AAA C   1 ? 
ATOM   84   O O   . PRO A 1 11  ? 12.606  1.432   -6.622  1.000 39.382  0 30  PRO AAA O   1 ? 
ATOM   85   C CB  . PRO A 1 11  ? 12.518  -0.676  -4.235  1.000 33.550  0 30  PRO AAA CB  1 ? 
ATOM   86   C CG  . PRO A 1 11  ? 11.936  0.388   -3.324  1.000 32.042  0 30  PRO AAA CG  1 ? 
ATOM   87   C CD  . PRO A 1 11  ? 13.092  1.298   -2.992  1.000 35.420  0 30  PRO AAA CD  1 ? 
ATOM   88   N N   . ALA A 1 12  ? 13.348  -0.599  -7.315  1.000 37.537  0 31  ALA AAA N   1 ? 
ATOM   89   C CA  . ALA A 1 12  ? 12.808  -0.572  -8.685  1.000 35.491  0 31  ALA AAA CA  1 ? 
ATOM   90   C C   . ALA A 1 12  ? 11.277  -0.551  -8.623  1.000 35.229  0 31  ALA AAA C   1 ? 
ATOM   91   O O   . ALA A 1 12  ? 10.723  -1.035  -7.643  1.000 33.533  0 31  ALA AAA O   1 ? 
ATOM   92   C CB  . ALA A 1 12  ? 13.328  -1.774  -9.432  1.000 36.525  0 31  ALA AAA CB  1 ? 
ATOM   93   N N   . VAL A 1 13  ? 10.623  -0.034  -9.664  1.000 37.948  0 32  VAL AAA N   1 ? 
ATOM   94   C CA  . VAL A 1 13  ? 9.138   0.120   -9.719  1.000 41.053  0 32  VAL AAA CA  1 ? 
ATOM   95   C C   . VAL A 1 13  ? 8.620   -0.431  -11.055 1.000 41.583  0 32  VAL AAA C   1 ? 
ATOM   96   O O   . VAL A 1 13  ? 9.434   -0.641  -11.974 1.000 37.154  0 32  VAL AAA O   1 ? 
ATOM   97   C CB  . VAL A 1 13  ? 8.705   1.585   -9.522  1.000 39.518  0 32  VAL AAA CB  1 ? 
ATOM   98   C CG1 . VAL A 1 13  ? 9.401   2.247   -8.339  1.000 37.588  0 32  VAL AAA CG1 1 ? 
ATOM   99   C CG2 . VAL A 1 13  ? 8.892   2.402   -10.788 1.000 37.967  0 32  VAL AAA CG2 1 ? 
ATOM   100  N N   . GLN A 1 14  ? 7.307   -0.657  -11.133 1.000 39.779  0 33  GLN AAA N   1 ? 
ATOM   101  C CA  . GLN A 1 14  ? 6.592   -1.073  -12.364 1.000 45.649  0 33  GLN AAA CA  1 ? 
ATOM   102  C C   . GLN A 1 14  ? 6.846   -0.013  -13.435 1.000 49.991  0 33  GLN AAA C   1 ? 
ATOM   103  O O   . GLN A 1 14  ? 6.373   1.129   -13.250 1.000 52.135  0 33  GLN AAA O   1 ? 
ATOM   104  C CB  . GLN A 1 14  ? 5.103   -1.248  -12.054 1.000 47.399  0 33  GLN AAA CB  1 ? 
ATOM   105  C CG  . GLN A 1 14  ? 4.311   -1.931  -13.153 1.000 43.624  0 33  GLN AAA CG  1 ? 
ATOM   106  C CD  . GLN A 1 14  ? 4.697   -3.379  -13.264 1.000 43.901  0 33  GLN AAA CD  1 ? 
ATOM   107  O OE1 . GLN A 1 14  ? 4.398   -4.202  -12.399 1.000 38.711  0 33  GLN AAA OE1 1 ? 
ATOM   108  N NE2 . GLN A 1 14  ? 5.373   -3.698  -14.350 1.000 46.175  0 33  GLN AAA NE2 1 ? 
ATOM   109  N N   . GLU A 1 15  ? 7.583   -0.373  -14.491 1.000 59.872  0 34  GLU AAA N   1 ? 
ATOM   110  C CA  . GLU A 1 15  ? 8.078   0.574   -15.532 1.000 67.700  0 34  GLU AAA CA  1 ? 
ATOM   111  C C   . GLU A 1 15  ? 6.908   1.024   -16.407 1.000 69.287  0 34  GLU AAA C   1 ? 
ATOM   112  O O   . GLU A 1 15  ? 6.769   2.247   -16.626 1.000 69.666  0 34  GLU AAA O   1 ? 
ATOM   113  C CB  . GLU A 1 15  ? 9.172   -0.064  -16.389 1.000 75.191  0 34  GLU AAA CB  1 ? 
ATOM   114  C CG  . GLU A 1 15  ? 10.531  -0.050  -15.710 1.000 81.400  0 34  GLU AAA CG  1 ? 
ATOM   115  C CD  . GLU A 1 15  ? 11.454  -1.192  -16.104 1.000 87.277  0 34  GLU AAA CD  1 ? 
ATOM   116  O OE1 . GLU A 1 15  ? 11.007  -2.362  -16.056 1.000 76.148  0 34  GLU AAA OE1 1 ? 
ATOM   117  O OE2 . GLU A 1 15  ? 12.618  -0.907  -16.463 1.000 91.655  0 34  GLU AAA OE2 1 ? 
ATOM   118  N N   . ASP A 1 16  ? 6.104   0.071   -16.880 1.000 61.092  0 35  ASP AAA N   1 ? 
ATOM   119  C CA  . ASP A 1 16  ? 4.896   0.365   -17.683 1.000 66.150  0 35  ASP AAA CA  1 ? 
ATOM   120  C C   . ASP A 1 16  ? 3.714   0.258   -16.724 1.000 65.333  0 35  ASP AAA C   1 ? 
ATOM   121  O O   . ASP A 1 16  ? 3.151   -0.868  -16.569 1.000 63.753  0 35  ASP AAA O   1 ? 
ATOM   122  C CB  . ASP A 1 16  ? 4.825   -0.515  -18.937 1.000 76.496  0 35  ASP AAA CB  1 ? 
ATOM   123  C CG  . ASP A 1 16  ? 5.489   0.116   -20.158 1.000 86.138  0 35  ASP AAA CG  1 ? 
ATOM   124  O OD1 . ASP A 1 16  ? 6.750   0.130   -20.213 1.000 82.796  0 35  ASP AAA OD1 1 ? 
ATOM   125  O OD2 . ASP A 1 16  ? 4.742   0.612   -21.042 1.000 84.811  0 35  ASP AAA OD2 1 ? 
ATOM   126  N N   . PHE A 1 17  ? 3.422   1.372   -16.044 1.000 57.018  0 36  PHE AAA N   1 ? 
ATOM   127  C CA  . PHE A 1 17  ? 2.352   1.485   -15.021 1.000 52.263  0 36  PHE AAA CA  1 ? 
ATOM   128  C C   . PHE A 1 17  ? 1.254   2.385   -15.573 1.000 47.468  0 36  PHE AAA C   1 ? 
ATOM   129  O O   . PHE A 1 17  ? 1.518   3.566   -15.822 1.000 46.889  0 36  PHE AAA O   1 ? 
ATOM   130  C CB  . PHE A 1 17  ? 2.851   2.027   -13.676 1.000 50.870  0 36  PHE AAA CB  1 ? 
ATOM   131  C CG  . PHE A 1 17  ? 1.723   2.304   -12.708 1.000 47.268  0 36  PHE AAA CG  1 ? 
ATOM   132  C CD1 . PHE A 1 17  ? 1.098   1.268   -12.026 1.000 45.670  0 36  PHE AAA CD1 1 ? 
ATOM   133  C CD2 . PHE A 1 17  ? 1.229   3.587   -12.541 1.000 43.548  0 36  PHE AAA CD2 1 ? 
ATOM   134  C CE1 . PHE A 1 17  ? 0.029   1.514   -11.179 1.000 41.956  0 36  PHE AAA CE1 1 ? 
ATOM   135  C CE2 . PHE A 1 17  ? 0.174   3.835   -11.678 1.000 41.481  0 36  PHE AAA CE2 1 ? 
ATOM   136  C CZ  . PHE A 1 17  ? -0.427  2.799   -11.003 1.000 40.899  0 36  PHE AAA CZ  1 ? 
ATOM   137  N N   . ASP A 1 18  ? 0.066   1.812   -15.747 1.000 53.111  0 37  ASP AAA N   1 ? 
ATOM   138  C CA  . ASP A 1 18  ? -1.157  2.471   -16.282 1.000 51.851  0 37  ASP AAA CA  1 ? 
ATOM   139  C C   . ASP A 1 18  ? -2.143  2.646   -15.121 1.000 42.480  0 37  ASP AAA C   1 ? 
ATOM   140  O O   . ASP A 1 18  ? -2.783  1.653   -14.720 1.000 42.715  0 37  ASP AAA O   1 ? 
ATOM   141  C CB  . ASP A 1 18  ? -1.707  1.626   -17.437 1.000 55.826  0 37  ASP AAA CB  1 ? 
ATOM   142  C CG  . ASP A 1 18  ? -2.967  2.142   -18.113 1.000 60.354  0 37  ASP AAA CG  1 ? 
ATOM   143  O OD1 . ASP A 1 18  ? -3.420  3.267   -17.787 1.000 53.336  0 37  ASP AAA OD1 1 ? 
ATOM   144  O OD2 . ASP A 1 18  ? -3.489  1.401   -18.977 1.000 76.226  0 37  ASP AAA OD2 1 ? 
ATOM   145  N N   . ALA A 1 19  ? -2.261  3.859   -14.594 1.000 39.486  0 38  ALA AAA N   1 ? 
ATOM   146  C CA  . ALA A 1 19  ? -3.100  4.176   -13.409 1.000 40.221  0 38  ALA AAA CA  1 ? 
ATOM   147  C C   . ALA A 1 19  ? -4.568  3.788   -13.646 1.000 39.014  0 38  ALA AAA C   1 ? 
ATOM   148  O O   . ALA A 1 19  ? -5.265  3.461   -12.672 1.000 46.463  0 38  ALA AAA O   1 ? 
ATOM   149  C CB  . ALA A 1 19  ? -2.968  5.639   -13.073 1.000 37.268  0 38  ALA AAA CB  1 ? 
ATOM   150  N N   . ALA A 1 20  ? -5.025  3.831   -14.895 1.000 37.213  0 39  ALA AAA N   1 ? 
ATOM   151  C CA  . ALA A 1 20  ? -6.415  3.509   -15.284 1.000 36.118  0 39  ALA AAA CA  1 ? 
ATOM   152  C C   . ALA A 1 20  ? -6.690  2.023   -15.042 1.000 32.230  0 39  ALA AAA C   1 ? 
ATOM   153  O O   . ALA A 1 20  ? -7.784  1.704   -14.615 1.000 30.230  0 39  ALA AAA O   1 ? 
ATOM   154  C CB  . ALA A 1 20  ? -6.664  3.917   -16.716 1.000 36.333  0 39  ALA AAA CB  1 ? 
ATOM   155  N N   . ARG A 1 21  ? -5.721  1.132   -15.249 1.000 38.393  0 40  ARG AAA N   1 ? 
ATOM   156  C CA  . ARG A 1 21  ? -5.929  -0.329  -15.013 1.000 37.466  0 40  ARG AAA CA  1 ? 
ATOM   157  C C   . ARG A 1 21  ? -5.850  -0.657  -13.512 1.000 36.167  0 40  ARG AAA C   1 ? 
ATOM   158  O O   . ARG A 1 21  ? -6.380  -1.728  -13.103 1.000 30.843  0 40  ARG AAA O   1 ? 
ATOM   159  C CB  . ARG A 1 21  ? -4.904  -1.148  -15.792 1.000 43.265  0 40  ARG AAA CB  1 ? 
ATOM   160  C CG  . ARG A 1 21  ? -4.906  -0.886  -17.290 1.000 50.682  0 40  ARG AAA CG  1 ? 
ATOM   161  C CD  . ARG A 1 21  ? -4.229  -2.033  -18.013 1.000 52.749  0 40  ARG AAA CD  1 ? 
ATOM   162  N NE  . ARG A 1 21  ? -4.960  -3.233  -17.639 1.000 51.208  0 40  ARG AAA NE  1 ? 
ATOM   163  C CZ  . ARG A 1 21  ? -4.473  -4.462  -17.662 1.000 58.623  0 40  ARG AAA CZ  1 ? 
ATOM   164  N NH1 . ARG A 1 21  ? -3.221  -4.671  -18.045 1.000 54.410  0 40  ARG AAA NH1 1 ? 
ATOM   165  N NH2 . ARG A 1 21  ? -5.244  -5.474  -17.278 1.000 60.236  0 40  ARG AAA NH2 1 ? 
ATOM   166  N N   . TYR A 1 22  ? -5.227  0.237   -12.728 1.000 36.858  0 41  TYR AAA N   1 ? 
ATOM   167  C CA  . TYR A 1 22  ? -4.953  0.096   -11.273 1.000 32.838  0 41  TYR AAA CA  1 ? 
ATOM   168  C C   . TYR A 1 22  ? -6.204  0.451   -10.448 1.000 31.610  0 41  TYR AAA C   1 ? 
ATOM   169  O O   . TYR A 1 22  ? -6.199  0.172   -9.253  1.000 29.994  0 41  TYR AAA O   1 ? 
ATOM   170  C CB  . TYR A 1 22  ? -3.739  0.947   -10.894 1.000 29.425  0 41  TYR AAA CB  1 ? 
ATOM   171  C CG  . TYR A 1 22  ? -3.124  0.634   -9.547  1.000 29.410  0 41  TYR AAA CG  1 ? 
ATOM   172  C CD1 . TYR A 1 22  ? -2.495  -0.577  -9.302  1.000 29.502  0 41  TYR AAA CD1 1 ? 
ATOM   173  C CD2 . TYR A 1 22  ? -3.135  1.567   -8.518  1.000 29.921  0 41  TYR AAA CD2 1 ? 
ATOM   174  C CE1 . TYR A 1 22  ? -1.909  -0.857  -8.079  1.000 30.459  0 41  TYR AAA CE1 1 ? 
ATOM   175  C CE2 . TYR A 1 22  ? -2.559  1.306   -7.286  1.000 28.783  0 41  TYR AAA CE2 1 ? 
ATOM   176  C CZ  . TYR A 1 22  ? -1.938  0.090   -7.067  1.000 32.466  0 41  TYR AAA CZ  1 ? 
ATOM   177  O OH  . TYR A 1 22  ? -1.420  -0.189  -5.832  1.000 29.966  0 41  TYR AAA OH  1 ? 
ATOM   178  N N   . LEU A 1 23  ? -7.250  1.028   -11.053 1.000 31.243  0 42  LEU AAA N   1 ? 
ATOM   179  C CA  . LEU A 1 23  ? -8.416  1.603   -10.315 1.000 31.081  0 42  LEU AAA CA  1 ? 
ATOM   180  C C   . LEU A 1 23  ? -9.295  0.507   -9.722  1.000 26.204  0 42  LEU AAA C   1 ? 
ATOM   181  O O   . LEU A 1 23  ? -9.110  -0.636  -10.059 1.000 27.645  0 42  LEU AAA O   1 ? 
ATOM   182  C CB  . LEU A 1 23  ? -9.262  2.482   -11.244 1.000 35.777  0 42  LEU AAA CB  1 ? 
ATOM   183  C CG  . LEU A 1 23  ? -8.574  3.733   -11.772 1.000 37.135  0 42  LEU AAA CG  1 ? 
ATOM   184  C CD1 . LEU A 1 23  ? -9.575  4.661   -12.439 1.000 37.316  0 42  LEU AAA CD1 1 ? 
ATOM   185  C CD2 . LEU A 1 23  ? -7.820  4.441   -10.659 1.000 39.678  0 42  LEU AAA CD2 1 ? 
ATOM   186  N N   . GLY A 1 24  ? -10.232 0.887   -8.854  1.000 26.738  0 43  GLY AAA N   1 ? 
ATOM   187  C CA  . GLY A 1 24  ? -11.187 -0.032  -8.213  1.000 27.384  0 43  GLY AAA CA  1 ? 
ATOM   188  C C   . GLY A 1 24  ? -10.715 -0.485  -6.848  1.000 27.838  0 43  GLY AAA C   1 ? 
ATOM   189  O O   . GLY A 1 24  ? -10.010 0.286   -6.171  1.000 27.326  0 43  GLY AAA O   1 ? 
ATOM   190  N N   . VAL A 1 25  ? -11.125 -1.686  -6.443  1.000 29.473  0 44  VAL AAA N   1 ? 
ATOM   191  C CA  . VAL A 1 25  ? -10.960 -2.204  -5.057  1.000 26.089  0 44  VAL AAA CA  1 ? 
ATOM   192  C C   . VAL A 1 25  ? -9.752  -3.115  -5.007  1.000 26.836  0 44  VAL AAA C   1 ? 
ATOM   193  O O   . VAL A 1 25  ? -9.615  -3.983  -5.864  1.000 31.777  0 44  VAL AAA O   1 ? 
ATOM   194  C CB  . VAL A 1 25  ? -12.210 -2.944  -4.555  1.000 27.850  0 44  VAL AAA CB  1 ? 
ATOM   195  C CG1 . VAL A 1 25  ? -12.072 -3.263  -3.068  1.000 29.076  0 44  VAL AAA CG1 1 ? 
ATOM   196  C CG2 . VAL A 1 25  ? -13.496 -2.159  -4.821  1.000 26.193  0 44  VAL AAA CG2 1 ? 
ATOM   197  N N   . TRP A 1 26  ? -8.913  -2.896  -4.003  1.000 30.242  0 45  TRP AAA N   1 ? 
ATOM   198  C CA  . TRP A 1 26  ? -7.748  -3.733  -3.631  1.000 26.504  0 45  TRP AAA CA  1 ? 
ATOM   199  C C   . TRP A 1 26  ? -7.891  -4.126  -2.172  1.000 26.686  0 45  TRP AAA C   1 ? 
ATOM   200  O O   . TRP A 1 26  ? -8.302  -3.261  -1.373  1.000 25.661  0 45  TRP AAA O   1 ? 
ATOM   201  C CB  . TRP A 1 26  ? -6.451  -2.964  -3.846  1.000 26.677  0 45  TRP AAA CB  1 ? 
ATOM   202  C CG  . TRP A 1 26  ? -6.073  -2.740  -5.269  1.000 25.655  0 45  TRP AAA CG  1 ? 
ATOM   203  C CD1 . TRP A 1 26  ? -6.241  -1.593  -5.980  1.000 27.206  0 45  TRP AAA CD1 1 ? 
ATOM   204  C CD2 . TRP A 1 26  ? -5.444  -3.680  -6.159  1.000 26.102  0 45  TRP AAA CD2 1 ? 
ATOM   205  N NE1 . TRP A 1 26  ? -5.719  -1.735  -7.240  1.000 29.099  0 45  TRP AAA NE1 1 ? 
ATOM   206  C CE2 . TRP A 1 26  ? -5.225  -3.007  -7.384  1.000 28.393  0 45  TRP AAA CE2 1 ? 
ATOM   207  C CE3 . TRP A 1 26  ? -5.057  -5.014  -6.054  1.000 24.552  0 45  TRP AAA CE3 1 ? 
ATOM   208  C CZ2 . TRP A 1 26  ? -4.616  -3.619  -8.478  1.000 27.121  0 45  TRP AAA CZ2 1 ? 
ATOM   209  C CZ3 . TRP A 1 26  ? -4.419  -5.604  -7.123  1.000 25.706  0 45  TRP AAA CZ3 1 ? 
ATOM   210  C CH2 . TRP A 1 26  ? -4.205  -4.923  -8.317  1.000 25.867  0 45  TRP AAA CH2 1 ? 
ATOM   211  N N   . TYR A 1 27  ? -7.591  -5.385  -1.859  1.000 24.240  0 46  TYR AAA N   1 ? 
ATOM   212  C CA  . TYR A 1 27  ? -7.726  -5.940  -0.502  1.000 26.782  0 46  TYR AAA CA  1 ? 
ATOM   213  C C   . TYR A 1 27  ? -6.325  -6.117  0.081   1.000 27.278  0 46  TYR AAA C   1 ? 
ATOM   214  O O   . TYR A 1 27  ? -5.437  -6.624  -0.600  1.000 29.229  0 46  TYR AAA O   1 ? 
ATOM   215  C CB  . TYR A 1 27  ? -8.487  -7.263  -0.525  1.000 26.636  0 46  TYR AAA CB  1 ? 
ATOM   216  C CG  . TYR A 1 27  ? -9.951  -7.190  -0.872  1.000 26.453  0 46  TYR AAA CG  1 ? 
ATOM   217  C CD1 . TYR A 1 27  ? -10.353 -7.072  -2.188  1.000 28.252  0 46  TYR AAA CD1 1 ? 
ATOM   218  C CD2 . TYR A 1 27  ? -10.939 -7.325  0.094   1.000 28.384  0 46  TYR AAA CD2 1 ? 
ATOM   219  C CE1 . TYR A 1 27  ? -11.689 -7.023  -2.532  1.000 28.966  0 46  TYR AAA CE1 1 ? 
ATOM   220  C CE2 . TYR A 1 27  ? -12.287 -7.313  -0.238  1.000 26.502  0 46  TYR AAA CE2 1 ? 
ATOM   221  C CZ  . TYR A 1 27  ? -12.656 -7.159  -1.561  1.000 27.110  0 46  TYR AAA CZ  1 ? 
ATOM   222  O OH  . TYR A 1 27  ? -13.954 -7.126  -1.953  1.000 27.447  0 46  TYR AAA OH  1 ? 
ATOM   223  N N   . ASP A 1 28  ? -6.143  -5.729  1.335   1.000 30.283  0 47  ASP AAA N   1 ? 
ATOM   224  C CA  . ASP A 1 28  ? -4.849  -5.872  2.036   1.000 31.496  0 47  ASP AAA CA  1 ? 
ATOM   225  C C   . ASP A 1 28  ? -4.710  -7.351  2.408   1.000 29.938  0 47  ASP AAA C   1 ? 
ATOM   226  O O   . ASP A 1 28  ? -5.615  -7.884  3.071   1.000 26.763  0 47  ASP AAA O   1 ? 
ATOM   227  C CB  . ASP A 1 28  ? -4.774  -4.915  3.222   1.000 36.310  0 47  ASP AAA CB  1 ? 
ATOM   228  C CG  . ASP A 1 28  ? -3.427  -4.924  3.915   1.000 43.021  0 47  ASP AAA CG  1 ? 
ATOM   229  O OD1 . ASP A 1 28  ? -3.189  -5.840  4.744   1.000 45.919  0 47  ASP AAA OD1 1 ? 
ATOM   230  O OD2 . ASP A 1 28  ? -2.621  -4.036  3.597   1.000 47.278  0 47  ASP AAA OD2 1 ? 
ATOM   231  N N   . ILE A 1 29  ? -3.667  -8.000  1.895   1.000 30.791  0 48  ILE AAA N   1 ? 
ATOM   232  C CA  . ILE A 1 29  ? -3.315  -9.421  2.197   1.000 31.197  0 48  ILE AAA CA  1 ? 
ATOM   233  C C   . ILE A 1 29  ? -2.290  -9.439  3.334   1.000 31.418  0 48  ILE AAA C   1 ? 
ATOM   234  O O   . ILE A 1 29  ? -2.529  -10.150 4.315   1.000 31.211  0 48  ILE AAA O   1 ? 
ATOM   235  C CB  . ILE A 1 29  ? -2.780  -10.138 0.939   1.000 30.556  0 48  ILE AAA CB  1 ? 
ATOM   236  C CG1 . ILE A 1 29  ? -3.746  -9.998  -0.240  1.000 29.127  0 48  ILE AAA CG1 1 ? 
ATOM   237  C CG2 . ILE A 1 29  ? -2.473  -11.597 1.257   1.000 29.546  0 48  ILE AAA CG2 1 ? 
ATOM   238  C CD1 . ILE A 1 29  ? -5.191  -10.395 0.082   1.000 29.388  0 48  ILE AAA CD1 1 ? 
ATOM   239  N N   . GLN A 1 30  ? -1.193  -8.677  3.176   1.000 36.707  0 49  GLN AAA N   1 ? 
ATOM   240  C CA  . GLN A 1 30  ? -0.101  -8.498  4.176   1.000 34.744  0 49  GLN AAA CA  1 ? 
ATOM   241  C C   . GLN A 1 30  ? 0.347   -7.038  4.178   1.000 33.367  0 49  GLN AAA C   1 ? 
ATOM   242  O O   . GLN A 1 30  ? 0.312   -6.438  3.103   1.000 36.935  0 49  GLN AAA O   1 ? 
ATOM   243  C CB  . GLN A 1 30  ? 1.100   -9.396  3.873   1.000 36.105  0 49  GLN AAA CB  1 ? 
ATOM   244  C CG  . GLN A 1 30  ? 0.902   -10.830 4.333   1.000 38.506  0 49  GLN AAA CG  1 ? 
ATOM   245  C CD  . GLN A 1 30  ? 2.129   -11.709 4.192   1.000 38.394  0 49  GLN AAA CD  1 ? 
ATOM   246  O OE1 . GLN A 1 30  ? 2.909   -11.600 3.258   1.000 32.300  0 49  GLN AAA OE1 1 ? 
ATOM   247  N NE2 . GLN A 1 30  ? 2.283   -12.632 5.123   1.000 38.857  0 49  GLN AAA NE2 1 ? 
ATOM   248  N N   . ARG A 1 31  ? 0.760   -6.539  5.349   1.000 30.954  0 50  ARG AAA N   1 ? 
ATOM   249  C CA  . ARG A 1 31  ? 1.209   -5.153  5.628   1.000 30.867  0 50  ARG AAA CA  1 ? 
ATOM   250  C C   . ARG A 1 31  ? 2.245   -5.158  6.764   1.000 27.624  0 50  ARG AAA C   1 ? 
ATOM   251  O O   . ARG A 1 31  ? 2.108   -5.947  7.702   1.000 32.416  0 50  ARG AAA O   1 ? 
ATOM   252  C CB  . ARG A 1 31  ? 0.008   -4.279  6.016   1.000 34.229  0 50  ARG AAA CB  1 ? 
ATOM   253  C CG  . ARG A 1 31  ? -0.461  -4.417  7.465   1.000 37.064  0 50  ARG AAA CG  1 ? 
ATOM   254  C CD  . ARG A 1 31  ? -1.743  -3.647  7.673   1.000 42.810  0 50  ARG AAA CD  1 ? 
ATOM   255  N NE  . ARG A 1 31  ? -2.156  -3.393  9.052   1.000 48.261  0 50  ARG AAA NE  1 ? 
ATOM   256  C CZ  . ARG A 1 31  ? -2.966  -4.177  9.776   1.000 53.532  0 50  ARG AAA CZ  1 ? 
ATOM   257  N NH1 . ARG A 1 31  ? -3.429  -5.325  9.297   1.000 55.531  0 50  ARG AAA NH1 1 ? 
ATOM   258  N NH2 . ARG A 1 31  ? -3.303  -3.809  11.001  1.000 55.698  0 50  ARG AAA NH2 1 ? 
ATOM   259  N N   . LEU A 1 32  ? 3.239   -4.286  6.686   1.000 27.932  0 51  LEU AAA N   1 ? 
ATOM   260  C CA  . LEU A 1 32  ? 4.074   -3.860  7.833   1.000 32.007  0 51  LEU AAA CA  1 ? 
ATOM   261  C C   . LEU A 1 32  ? 3.191   -3.248  8.909   1.000 33.382  0 51  LEU AAA C   1 ? 
ATOM   262  O O   . LEU A 1 32  ? 2.346   -2.423  8.605   1.000 37.060  0 51  LEU AAA O   1 ? 
ATOM   263  C CB  . LEU A 1 32  ? 5.113   -2.837  7.371   1.000 32.031  0 51  LEU AAA CB  1 ? 
ATOM   264  C CG  . LEU A 1 32  ? 6.272   -3.414  6.553   1.000 33.846  0 51  LEU AAA CG  1 ? 
ATOM   265  C CD1 . LEU A 1 32  ? 7.103   -2.287  5.963   1.000 33.091  0 51  LEU AAA CD1 1 ? 
ATOM   266  C CD2 . LEU A 1 32  ? 7.140   -4.365  7.387   1.000 33.021  0 51  LEU AAA CD2 1 ? 
ATOM   267  N N   . PRO A 1 33  ? 3.390   -3.618  10.194  1.000 38.753  0 52  PRO AAA N   1 ? 
ATOM   268  C CA  . PRO A 1 33  ? 2.841   -2.854  11.313  1.000 41.925  0 52  PRO AAA CA  1 ? 
ATOM   269  C C   . PRO A 1 33  ? 3.151   -1.352  11.188  1.000 45.080  0 52  PRO AAA C   1 ? 
ATOM   270  O O   . PRO A 1 33  ? 4.319   -1.033  11.017  1.000 48.510  0 52  PRO AAA O   1 ? 
ATOM   271  C CB  . PRO A 1 33  ? 3.592   -3.425  12.525  1.000 42.248  0 52  PRO AAA CB  1 ? 
ATOM   272  C CG  . PRO A 1 33  ? 3.945   -4.836  12.115  1.000 40.635  0 52  PRO AAA CG  1 ? 
ATOM   273  C CD  . PRO A 1 33  ? 4.233   -4.745  10.635  1.000 38.986  0 52  PRO AAA CD  1 ? 
ATOM   274  N N   . ASN A 1 34  ? 2.130   -0.488  11.286  1.000 47.961  0 53  ASN AAA N   1 ? 
ATOM   275  C CA  . ASN A 1 34  ? 2.248   0.989   11.143  1.000 50.791  0 53  ASN AAA CA  1 ? 
ATOM   276  C C   . ASN A 1 34  ? 1.294   1.688   12.135  1.000 57.912  0 53  ASN AAA C   1 ? 
ATOM   277  O O   . ASN A 1 34  ? 0.597   0.979   12.905  1.000 57.010  0 53  ASN AAA O   1 ? 
ATOM   278  C CB  . ASN A 1 34  ? 2.035   1.402   9.677   1.000 55.478  0 53  ASN AAA CB  1 ? 
ATOM   279  C CG  . ASN A 1 34  ? 0.592   1.366   9.196   1.000 59.022  0 53  ASN AAA CG  1 ? 
ATOM   280  O OD1 . ASN A 1 34  ? -0.231  2.193   9.597   1.000 51.250  0 53  ASN AAA OD1 1 ? 
ATOM   281  N ND2 . ASN A 1 34  ? 0.281   0.461   8.276   1.000 64.184  0 53  ASN AAA ND2 1 ? 
ATOM   282  N N   . LYS A 1 35  ? 1.257   3.031   12.087  1.000 60.818  0 54  LYS AAA N   1 ? 
ATOM   283  C CA  . LYS A 1 35  ? 0.621   3.960   13.067  1.000 56.994  0 54  LYS AAA CA  1 ? 
ATOM   284  C C   . LYS A 1 35  ? -0.903  3.995   12.884  1.000 60.136  0 54  LYS AAA C   1 ? 
ATOM   285  O O   . LYS A 1 35  ? -1.632  3.951   13.899  1.000 57.775  0 54  LYS AAA O   1 ? 
ATOM   286  C CB  . LYS A 1 35  ? 1.184   5.361   12.833  1.000 56.566  0 54  LYS AAA CB  1 ? 
ATOM   287  C CG  . LYS A 1 35  ? 1.380   6.217   14.072  1.000 63.790  0 54  LYS AAA CG  1 ? 
ATOM   288  C CD  . LYS A 1 35  ? 1.584   7.690   13.756  1.000 65.318  0 54  LYS AAA CD  1 ? 
ATOM   289  C CE  . LYS A 1 35  ? 2.301   7.928   12.441  1.000 65.931  0 54  LYS AAA CE  1 ? 
ATOM   290  N NZ  . LYS A 1 35  ? 2.995   9.237   12.413  1.000 68.236  0 54  LYS AAA NZ  1 ? 
ATOM   291  N N   . PHE A 1 36  ? -1.355  4.052   11.626  1.000 62.813  0 55  PHE AAA N   1 ? 
ATOM   292  C CA  . PHE A 1 36  ? -2.734  4.428   11.205  1.000 57.904  0 55  PHE AAA CA  1 ? 
ATOM   293  C C   . PHE A 1 36  ? -3.639  3.196   11.186  1.000 54.144  0 55  PHE AAA C   1 ? 
ATOM   294  O O   . PHE A 1 36  ? -4.799  3.320   11.638  1.000 52.494  0 55  PHE AAA O   1 ? 
ATOM   295  C CB  . PHE A 1 36  ? -2.742  5.082   9.819   1.000 55.171  0 55  PHE AAA CB  1 ? 
ATOM   296  C CG  . PHE A 1 36  ? -1.482  5.822   9.453   1.000 52.717  0 55  PHE AAA CG  1 ? 
ATOM   297  C CD1 . PHE A 1 36  ? -1.192  7.062   10.010  1.000 55.368  0 55  PHE AAA CD1 1 ? 
ATOM   298  C CD2 . PHE A 1 36  ? -0.577  5.270   8.559   1.000 49.848  0 55  PHE AAA CD2 1 ? 
ATOM   299  C CE1 . PHE A 1 36  ? -0.037  7.752   9.662   1.000 50.225  0 55  PHE AAA CE1 1 ? 
ATOM   300  C CE2 . PHE A 1 36  ? 0.586   5.951   8.227   1.000 52.588  0 55  PHE AAA CE2 1 ? 
ATOM   301  C CZ  . PHE A 1 36  ? 0.852   7.189   8.775   1.000 50.352  0 55  PHE AAA CZ  1 ? 
ATOM   302  N N   . GLN A 1 37  ? -3.135  2.074   10.663  1.000 54.597  0 56  GLN AAA N   1 ? 
ATOM   303  C CA  . GLN A 1 37  ? -3.921  0.826   10.455  1.000 59.370  0 56  GLN AAA CA  1 ? 
ATOM   304  C C   . GLN A 1 37  ? -3.946  0.000   11.745  1.000 58.192  0 56  GLN AAA C   1 ? 
ATOM   305  O O   . GLN A 1 37  ? -3.073  -0.855  11.901  1.000 58.706  0 56  GLN AAA O   1 ? 
ATOM   306  C CB  . GLN A 1 37  ? -3.372  0.027   9.275   1.000 60.583  0 56  GLN AAA CB  1 ? 
ATOM   307  C CG  . GLN A 1 37  ? -4.027  0.404   7.954   1.000 66.548  0 56  GLN AAA CG  1 ? 
ATOM   308  C CD  . GLN A 1 37  ? -3.870  -0.679  6.914   1.000 73.902  0 56  GLN AAA CD  1 ? 
ATOM   309  O OE1 . GLN A 1 37  ? -4.520  -1.725  6.975   1.000 72.583  0 56  GLN AAA OE1 1 ? 
ATOM   310  N NE2 . GLN A 1 37  ? -2.997  -0.434  5.947   1.000 74.189  0 56  GLN AAA NE2 1 ? 
ATOM   311  N N   . LYS A 1 38  ? -4.959  0.221   12.592  1.000 56.804  0 57  LYS AAA N   1 ? 
ATOM   312  C CA  . LYS A 1 38  ? -5.156  -0.470  13.893  1.000 59.698  0 57  LYS AAA CA  1 ? 
ATOM   313  C C   . LYS A 1 38  ? -6.235  -1.557  13.782  1.000 55.414  0 57  LYS AAA C   1 ? 
ATOM   314  O O   . LYS A 1 38  ? -6.642  -2.075  14.844  1.000 57.257  0 57  LYS AAA O   1 ? 
ATOM   315  C CB  . LYS A 1 38  ? -5.568  0.553   14.957  1.000 70.223  0 57  LYS AAA CB  1 ? 
ATOM   316  C CG  . LYS A 1 38  ? -4.492  1.561   15.338  1.000 75.967  0 57  LYS AAA CG  1 ? 
ATOM   317  C CD  . LYS A 1 38  ? -4.845  2.372   16.578  1.000 83.739  0 57  LYS AAA CD  1 ? 
ATOM   318  C CE  . LYS A 1 38  ? -4.572  1.647   17.885  1.000 82.160  0 57  LYS AAA CE  1 ? 
ATOM   319  N NZ  . LYS A 1 38  ? -5.252  2.301   19.034  1.000 76.278  0 57  LYS AAA NZ  1 ? 
ATOM   320  N N   . GLY A 1 39  ? -6.686  -1.896  12.567  1.000 45.839  0 58  GLY AAA N   1 ? 
ATOM   321  C CA  . GLY A 1 39  ? -7.888  -2.726  12.347  1.000 41.816  0 58  GLY AAA CA  1 ? 
ATOM   322  C C   . GLY A 1 39  ? -7.631  -3.887  11.403  1.000 39.821  0 58  GLY AAA C   1 ? 
ATOM   323  O O   . GLY A 1 39  ? -6.459  -4.242  11.219  1.000 36.732  0 58  GLY AAA O   1 ? 
ATOM   324  N N   . GLU A 1 40  ? -8.698  -4.430  10.807  1.000 37.062  0 59  GLU AAA N   1 ? 
ATOM   325  C CA  . GLU A 1 40  ? -8.674  -5.590  9.875   1.000 35.894  0 59  GLU AAA CA  1 ? 
ATOM   326  C C   . GLU A 1 40  ? -9.575  -5.274  8.673   1.000 31.447  0 59  GLU AAA C   1 ? 
ATOM   327  O O   . GLU A 1 40  ? -10.045 -4.151  8.591   1.000 32.232  0 59  GLU AAA O   1 ? 
ATOM   328  C CB  . GLU A 1 40  ? -9.109  -6.847  10.644  1.000 39.028  0 59  GLU AAA CB  1 ? 
ATOM   329  C CG  . GLU A 1 40  ? -8.095  -7.314  11.680  1.000 39.170  0 59  GLU AAA CG  1 ? 
ATOM   330  C CD  . GLU A 1 40  ? -6.704  -7.620  11.128  1.000 44.895  0 59  GLU AAA CD  1 ? 
ATOM   331  O OE1 . GLU A 1 40  ? -6.557  -7.796  9.893   1.000 46.435  0 59  GLU AAA OE1 1 ? 
ATOM   332  O OE2 . GLU A 1 40  ? -5.760  -7.684  11.919  1.000 48.733  0 59  GLU AAA OE2 1 ? 
ATOM   333  N N   . CYS A 1 41  ? -9.792  -6.208  7.746   1.000 28.696  0 60  CYS AAA N   1 ? 
ATOM   334  C CA  . CYS A 1 41  ? -10.752 -6.030  6.625   1.000 27.478  0 60  CYS AAA CA  1 ? 
ATOM   335  C C   . CYS A 1 41  ? -10.357 -4.811  5.779   1.000 27.746  0 60  CYS AAA C   1 ? 
ATOM   336  O O   . CYS A 1 41  ? -11.271 -4.158  5.217   1.000 27.445  0 60  CYS AAA O   1 ? 
ATOM   337  C CB  . CYS A 1 41  ? -12.166 -5.770  7.142   1.000 30.652  0 60  CYS AAA CB  1 ? 
ATOM   338  S SG  . CYS A 1 41  ? -12.654 -6.830  8.526   1.000 33.009  0 60  CYS AAA SG  1 ? 
ATOM   339  N N   . ALA A 1 42  ? -9.070  -4.470  5.750   1.000 27.558  0 61  ALA AAA N   1 ? 
ATOM   340  C CA  . ALA A 1 42  ? -8.537  -3.237  5.127   1.000 28.542  0 61  ALA AAA CA  1 ? 
ATOM   341  C C   . ALA A 1 42  ? -8.668  -3.355  3.610   1.000 28.264  0 61  ALA AAA C   1 ? 
ATOM   342  O O   . ALA A 1 42  ? -8.099  -4.321  3.023   1.000 28.660  0 61  ALA AAA O   1 ? 
ATOM   343  C CB  . ALA A 1 42  ? -7.096  -2.982  5.525   1.000 28.378  0 61  ALA AAA CB  1 ? 
ATOM   344  N N   . THR A 1 43  ? -9.387  -2.401  3.015   1.000 27.849  0 62  THR AAA N   1 ? 
ATOM   345  C CA  . THR A 1 43  ? -9.550  -2.224  1.551   1.000 27.356  0 62  THR AAA CA  1 ? 
ATOM   346  C C   . THR A 1 43  ? -9.092  -0.813  1.154   1.000 26.560  0 62  THR AAA C   1 ? 
ATOM   347  O O   . THR A 1 43  ? -9.316  0.151   1.916   1.000 24.829  0 62  THR AAA O   1 ? 
ATOM   348  C CB  . THR A 1 43  ? -11.006 -2.485  1.132   1.000 27.656  0 62  THR AAA CB  1 ? 
ATOM   349  O OG1 . THR A 1 43  ? -11.814 -1.470  1.740   1.000 29.550  0 62  THR AAA OG1 1 ? 
ATOM   350  C CG2 . THR A 1 43  ? -11.489 -3.869  1.511   1.000 26.271  0 62  THR AAA CG2 1 ? 
ATOM   351  N N   . ALA A 1 44  ? -8.479  -0.693  -0.016  1.000 28.768  0 63  ALA AAA N   1 ? 
ATOM   352  C CA  . ALA A 1 44  ? -8.257  0.601   -0.702  1.000 29.887  0 63  ALA AAA CA  1 ? 
ATOM   353  C C   . ALA A 1 44  ? -9.122  0.619   -1.974  1.000 30.987  0 63  ALA AAA C   1 ? 
ATOM   354  O O   . ALA A 1 44  ? -9.133  -0.368  -2.731  1.000 31.680  0 63  ALA AAA O   1 ? 
ATOM   355  C CB  . ALA A 1 44  ? -6.786  0.819   -0.973  1.000 28.160  0 63  ALA AAA CB  1 ? 
ATOM   356  N N   . THR A 1 45  ? -9.888  1.685   -2.159  1.000 29.805  0 64  THR AAA N   1 ? 
ATOM   357  C CA  . THR A 1 45  ? -10.671 1.934   -3.391  1.000 29.512  0 64  THR AAA CA  1 ? 
ATOM   358  C C   . THR A 1 45  ? -10.071 3.150   -4.088  1.000 25.784  0 64  THR AAA C   1 ? 
ATOM   359  O O   . THR A 1 45  ? -9.940  4.213   -3.418  1.000 24.517  0 64  THR AAA O   1 ? 
ATOM   360  C CB  . THR A 1 45  ? -12.173 2.059   -3.097  1.000 29.549  0 64  THR AAA CB  1 ? 
ATOM   361  O OG1 . THR A 1 45  ? -12.578 0.940   -2.302  1.000 29.098  0 64  THR AAA OG1 1 ? 
ATOM   362  C CG2 . THR A 1 45  ? -13.000 2.096   -4.363  1.000 30.929  0 64  THR AAA CG2 1 ? 
ATOM   363  N N   . TYR A 1 46  ? -9.714  2.971   -5.364  1.000 26.294  0 65  TYR AAA N   1 ? 
ATOM   364  C CA  . TYR A 1 46  ? -9.170  4.016   -6.263  1.000 29.405  0 65  TYR AAA CA  1 ? 
ATOM   365  C C   . TYR A 1 46  ? -10.190 4.385   -7.358  1.000 31.252  0 65  TYR AAA C   1 ? 
ATOM   366  O O   . TYR A 1 46  ? -10.664 3.490   -8.071  1.000 34.585  0 65  TYR AAA O   1 ? 
ATOM   367  C CB  . TYR A 1 46  ? -7.826  3.548   -6.819  1.000 30.502  0 65  TYR AAA CB  1 ? 
ATOM   368  C CG  . TYR A 1 46  ? -6.839  3.111   -5.764  1.000 30.716  0 65  TYR AAA CG  1 ? 
ATOM   369  C CD1 . TYR A 1 46  ? -6.705  3.820   -4.582  1.000 33.400  0 65  TYR AAA CD1 1 ? 
ATOM   370  C CD2 . TYR A 1 46  ? -6.030  2.010   -5.949  1.000 29.327  0 65  TYR AAA CD2 1 ? 
ATOM   371  C CE1 . TYR A 1 46  ? -5.827  3.426   -3.584  1.000 31.300  0 65  TYR AAA CE1 1 ? 
ATOM   372  C CE2 . TYR A 1 46  ? -5.113  1.623   -4.986  1.000 33.130  0 65  TYR AAA CE2 1 ? 
ATOM   373  C CZ  . TYR A 1 46  ? -5.005  2.337   -3.795  1.000 35.052  0 65  TYR AAA CZ  1 ? 
ATOM   374  O OH  . TYR A 1 46  ? -4.133  1.965   -2.807  1.000 29.923  0 65  TYR AAA OH  1 ? 
ATOM   375  N N   . SER A 1 47  ? -10.427 5.691   -7.530  1.000 33.898  0 66  SER AAA N   1 ? 
ATOM   376  C CA  . SER A 1 47  ? -11.523 6.321   -8.329  1.000 36.724  0 66  SER AAA CA  1 ? 
ATOM   377  C C   . SER A 1 47  ? -10.998 7.336   -9.353  1.000 37.076  0 66  SER AAA C   1 ? 
ATOM   378  O O   . SER A 1 47  ? -9.995  8.058   -9.079  1.000 31.704  0 66  SER AAA O   1 ? 
ATOM   379  C CB  . SER A 1 47  ? -12.518 7.030   -7.452  1.000 32.252  0 66  SER AAA CB  1 ? 
ATOM   380  O OG  . SER A 1 47  ? -13.195 6.108   -6.630  1.000 35.672  0 66  SER AAA OG  1 ? 
ATOM   381  N N   . LEU A 1 48  ? -11.737 7.426   -10.461 1.000 42.969  0 67  LEU AAA N   1 ? 
ATOM   382  C CA  . LEU A 1 48  ? -11.649 8.503   -11.480 1.000 47.489  0 67  LEU AAA CA  1 ? 
ATOM   383  C C   . LEU A 1 48  ? -11.580 9.861   -10.787 1.000 45.265  0 67  LEU AAA C   1 ? 
ATOM   384  O O   . LEU A 1 48  ? -12.372 10.132  -9.869  1.000 46.609  0 67  LEU AAA O   1 ? 
ATOM   385  C CB  . LEU A 1 48  ? -12.857 8.438   -12.414 1.000 51.352  0 67  LEU AAA CB  1 ? 
ATOM   386  C CG  . LEU A 1 48  ? -12.821 7.296   -13.421 1.000 55.102  0 67  LEU AAA CG  1 ? 
ATOM   387  C CD1 . LEU A 1 48  ? -14.102 7.266   -14.237 1.000 59.613  0 67  LEU AAA CD1 1 ? 
ATOM   388  C CD2 . LEU A 1 48  ? -11.600 7.410   -14.318 1.000 56.620  0 67  LEU AAA CD2 1 ? 
ATOM   389  N N   . SER A 1 49  ? -10.587 10.632  -11.200 1.000 44.268  0 68  SER AAA N   1 ? 
ATOM   390  C CA  . SER A 1 49  ? -10.326 12.021  -10.794 1.000 44.966  0 68  SER AAA CA  1 ? 
ATOM   391  C C   . SER A 1 49  ? -10.133 12.790  -12.100 1.000 50.599  0 68  SER AAA C   1 ? 
ATOM   392  O O   . SER A 1 49  ? -9.597  12.219  -13.054 1.000 39.642  0 68  SER AAA O   1 ? 
ATOM   393  C CB  . SER A 1 49  ? -9.135  12.055  -9.876  1.000 42.811  0 68  SER AAA CB  1 ? 
ATOM   394  O OG  . SER A 1 49  ? -9.126  13.210  -9.055  1.000 45.714  0 68  SER AAA OG  1 ? 
ATOM   395  N N   . PRO A 1 50  ? -10.692 14.019  -12.237 1.000 53.548  0 69  PRO AAA N   1 ? 
ATOM   396  C CA  . PRO A 1 50  ? -10.200 14.994  -13.213 1.000 57.815  0 69  PRO AAA CA  1 ? 
ATOM   397  C C   . PRO A 1 50  ? -8.789  15.481  -12.843 1.000 60.469  0 69  PRO AAA C   1 ? 
ATOM   398  O O   . PRO A 1 50  ? -8.639  16.172  -11.856 1.000 68.094  0 69  PRO AAA O   1 ? 
ATOM   399  C CB  . PRO A 1 50  ? -11.227 16.146  -13.159 1.000 61.199  0 69  PRO AAA CB  1 ? 
ATOM   400  C CG  . PRO A 1 50  ? -12.451 15.551  -12.475 1.000 57.801  0 69  PRO AAA CG  1 ? 
ATOM   401  C CD  . PRO A 1 50  ? -11.894 14.497  -11.538 1.000 51.997  0 69  PRO AAA CD  1 ? 
ATOM   402  N N   . GLY A 1 51  ? -7.790  15.106  -13.642 1.000 61.706  0 70  GLY AAA N   1 ? 
ATOM   403  C CA  . GLY A 1 51  ? -6.367  15.384  -13.374 1.000 65.173  0 70  GLY AAA CA  1 ? 
ATOM   404  C C   . GLY A 1 51  ? -5.489  14.243  -13.853 1.000 67.445  0 70  GLY AAA C   1 ? 
ATOM   405  O O   . GLY A 1 51  ? -5.932  13.487  -14.730 1.000 66.196  0 70  GLY AAA O   1 ? 
ATOM   406  N N   . GLU A 1 52  ? -4.304  14.089  -13.266 1.000 70.363  0 71  GLU AAA N   1 ? 
ATOM   407  C CA  . GLU A 1 52  ? -3.294  13.079  -13.700 1.000 76.856  0 71  GLU AAA CA  1 ? 
ATOM   408  C C   . GLU A 1 52  ? -3.348  11.838  -12.789 1.000 70.832  0 71  GLU AAA C   1 ? 
ATOM   409  O O   . GLU A 1 52  ? -3.098  10.718  -13.299 1.000 61.372  0 71  GLU AAA O   1 ? 
ATOM   410  C CB  . GLU A 1 52  ? -1.895  13.705  -13.748 1.000 83.909  0 71  GLU AAA CB  1 ? 
ATOM   411  C CG  . GLU A 1 52  ? -1.778  15.047  -13.045 1.000 86.967  0 71  GLU AAA CG  1 ? 
ATOM   412  C CD  . GLU A 1 52  ? -0.456  15.756  -13.277 1.000 91.151  0 71  GLU AAA CD  1 ? 
ATOM   413  O OE1 . GLU A 1 52  ? 0.574   15.298  -12.725 1.000 87.932  0 71  GLU AAA OE1 1 ? 
ATOM   414  O OE2 . GLU A 1 52  ? -0.461  16.752  -14.028 1.000 88.509  0 71  GLU AAA OE2 1 ? 
ATOM   415  N N   . GLY A 1 53  ? -3.677  12.019  -11.502 1.000 61.998  0 72  GLY AAA N   1 ? 
ATOM   416  C CA  . GLY A 1 53  ? -3.702  10.944  -10.486 1.000 54.170  0 72  GLY AAA CA  1 ? 
ATOM   417  C C   . GLY A 1 53  ? -5.081  10.334  -10.322 1.000 47.772  0 72  GLY AAA C   1 ? 
ATOM   418  O O   . GLY A 1 53  ? -5.864  10.352  -11.291 1.000 53.322  0 72  GLY AAA O   1 ? 
ATOM   419  N N   . PHE A 1 54  ? -5.358  9.782   -9.141  1.000 43.027  0 73  PHE AAA N   1 ? 
ATOM   420  C CA  . PHE A 1 54  ? -6.657  9.162   -8.765  1.000 33.897  0 73  PHE AAA CA  1 ? 
ATOM   421  C C   . PHE A 1 54  ? -6.962  9.520   -7.303  1.000 32.155  0 73  PHE AAA C   1 ? 
ATOM   422  O O   . PHE A 1 54  ? -6.029  9.897   -6.541  1.000 30.565  0 73  PHE AAA O   1 ? 
ATOM   423  C CB  . PHE A 1 54  ? -6.666  7.661   -9.082  1.000 34.796  0 73  PHE AAA CB  1 ? 
ATOM   424  C CG  . PHE A 1 54  ? -5.508  6.842   -8.554  1.000 34.484  0 73  PHE AAA CG  1 ? 
ATOM   425  C CD1 . PHE A 1 54  ? -5.469  6.434   -7.228  1.000 36.524  0 73  PHE AAA CD1 1 ? 
ATOM   426  C CD2 . PHE A 1 54  ? -4.469  6.463   -9.386  1.000 35.744  0 73  PHE AAA CD2 1 ? 
ATOM   427  C CE1 . PHE A 1 54  ? -4.407  5.689   -6.733  1.000 37.628  0 73  PHE AAA CE1 1 ? 
ATOM   428  C CE2 . PHE A 1 54  ? -3.404  5.718   -8.898  1.000 40.290  0 73  PHE AAA CE2 1 ? 
ATOM   429  C CZ  . PHE A 1 54  ? -3.369  5.337   -7.567  1.000 39.011  0 73  PHE AAA CZ  1 ? 
ATOM   430  N N   . SER A 1 55  ? -8.256  9.511   -6.967  1.000 28.983  0 74  SER AAA N   1 ? 
ATOM   431  C CA  . SER A 1 55  ? -8.834  9.693   -5.611  1.000 27.162  0 74  SER AAA CA  1 ? 
ATOM   432  C C   . SER A 1 55  ? -8.697  8.387   -4.822  1.000 26.146  0 74  SER AAA C   1 ? 
ATOM   433  O O   . SER A 1 55  ? -9.034  7.341   -5.362  1.000 24.702  0 74  SER AAA O   1 ? 
ATOM   434  C CB  . SER A 1 55  ? -10.297 10.105  -5.716  1.000 27.348  0 74  SER AAA CB  1 ? 
ATOM   435  O OG  . SER A 1 55  ? -10.893 10.328  -4.441  1.000 26.187  0 74  SER AAA OG  1 ? 
ATOM   436  N N   . VAL A 1 56  ? -8.306  8.477   -3.551  1.000 26.211  0 75  VAL AAA N   1 ? 
ATOM   437  C CA  . VAL A 1 56  ? -8.112  7.328   -2.620  1.000 25.081  0 75  VAL AAA CA  1 ? 
ATOM   438  C C   . VAL A 1 56  ? -9.188  7.334   -1.531  1.000 25.555  0 75  VAL AAA C   1 ? 
ATOM   439  O O   . VAL A 1 56  ? -9.379  8.380   -0.917  1.000 26.749  0 75  VAL AAA O   1 ? 
ATOM   440  C CB  . VAL A 1 56  ? -6.728  7.404   -1.970  1.000 24.679  0 75  VAL AAA CB  1 ? 
ATOM   441  C CG1 . VAL A 1 56  ? -6.550  6.295   -0.940  1.000 24.855  0 75  VAL AAA CG1 1 ? 
ATOM   442  C CG2 . VAL A 1 56  ? -5.637  7.426   -3.027  1.000 25.042  0 75  VAL AAA CG2 1 ? 
ATOM   443  N N   . PHE A 1 57  ? -9.817  6.175   -1.294  1.000 27.165  0 76  PHE AAA N   1 ? 
ATOM   444  C CA  . PHE A 1 57  ? -10.717 5.904   -0.146  1.000 27.968  0 76  PHE AAA CA  1 ? 
ATOM   445  C C   . PHE A 1 57  ? -10.281 4.581   0.501   1.000 26.839  0 76  PHE AAA C   1 ? 
ATOM   446  O O   . PHE A 1 57  ? -10.571 3.499   -0.054  1.000 22.859  0 76  PHE AAA O   1 ? 
ATOM   447  C CB  . PHE A 1 57  ? -12.175 5.878   -0.595  1.000 31.338  0 76  PHE AAA CB  1 ? 
ATOM   448  C CG  . PHE A 1 57  ? -13.141 5.615   0.528   1.000 33.673  0 76  PHE AAA CG  1 ? 
ATOM   449  C CD1 . PHE A 1 57  ? -13.511 6.632   1.385   1.000 32.544  0 76  PHE AAA CD1 1 ? 
ATOM   450  C CD2 . PHE A 1 57  ? -13.680 4.346   0.721   1.000 35.495  0 76  PHE AAA CD2 1 ? 
ATOM   451  C CE1 . PHE A 1 57  ? -14.422 6.396   2.401   1.000 35.391  0 76  PHE AAA CE1 1 ? 
ATOM   452  C CE2 . PHE A 1 57  ? -14.580 4.106   1.747   1.000 34.479  0 76  PHE AAA CE2 1 ? 
ATOM   453  C CZ  . PHE A 1 57  ? -14.936 5.133   2.595   1.000 35.280  0 76  PHE AAA CZ  1 ? 
ATOM   454  N N   . ASN A 1 58  ? -9.570  4.696   1.628   1.000 24.202  0 77  ASN AAA N   1 ? 
ATOM   455  C CA  . ASN A 1 58  ? -9.068  3.562   2.432   1.000 25.826  0 77  ASN AAA CA  1 ? 
ATOM   456  C C   . ASN A 1 58  ? -10.059 3.314   3.572   1.000 24.112  0 77  ASN AAA C   1 ? 
ATOM   457  O O   . ASN A 1 58  ? -10.480 4.294   4.166   1.000 22.842  0 77  ASN AAA O   1 ? 
ATOM   458  C CB  . ASN A 1 58  ? -7.661  3.845   2.969   1.000 26.869  0 77  ASN AAA CB  1 ? 
ATOM   459  C CG  . ASN A 1 58  ? -6.612  4.052   1.902   1.000 25.711  0 77  ASN AAA CG  1 ? 
ATOM   460  O OD1 . ASN A 1 58  ? -6.738  3.578   0.786   1.000 25.387  0 77  ASN AAA OD1 1 ? 
ATOM   461  N ND2 . ASN A 1 58  ? -5.557  4.765   2.254   1.000 29.350  0 77  ASN AAA ND2 1 ? 
ATOM   462  N N   . ARG A 1 59  ? -10.374 2.052   3.854   1.000 24.708  0 78  ARG AAA N   1 ? 
ATOM   463  C CA  . ARG A 1 59  ? -11.453 1.597   4.784   1.000 28.406  0 78  ARG AAA CA  1 ? 
ATOM   464  C C   . ARG A 1 59  ? -10.921 0.405   5.594   1.000 26.378  0 78  ARG AAA C   1 ? 
ATOM   465  O O   . ARG A 1 59  ? -10.366 -0.545  4.977   1.000 25.513  0 78  ARG AAA O   1 ? 
ATOM   466  C CB  . ARG A 1 59  ? -12.698 1.151   4.003   1.000 31.740  0 78  ARG AAA CB  1 ? 
ATOM   467  C CG  . ARG A 1 59  ? -14.035 1.305   4.718   1.000 39.837  0 78  ARG AAA CG  1 ? 
ATOM   468  C CD  . ARG A 1 59  ? -15.076 0.230   4.395   1.000 45.264  0 78  ARG AAA CD  1 ? 
ATOM   469  N NE  . ARG A 1 59  ? -14.731 -1.004  5.123   1.000 55.473  0 78  ARG AAA NE  1 ? 
ATOM   470  C CZ  . ARG A 1 59  ? -15.588 -1.846  5.722   1.000 58.294  0 78  ARG AAA CZ  1 ? 
ATOM   471  N NH1 . ARG A 1 59  ? -16.894 -1.623  5.693   1.000 62.660  0 78  ARG AAA NH1 1 ? 
ATOM   472  N NH2 . ARG A 1 59  ? -15.128 -2.905  6.373   1.000 55.175  0 78  ARG AAA NH2 1 ? 
ATOM   473  N N   . GLU A 1 60  ? -11.124 0.414   6.909   1.000 25.162  0 79  GLU AAA N   1 ? 
ATOM   474  C CA  . GLU A 1 60  ? -10.834 -0.747  7.779   1.000 26.307  0 79  GLU AAA CA  1 ? 
ATOM   475  C C   . GLU A 1 60  ? -11.889 -0.847  8.879   1.000 25.812  0 79  GLU AAA C   1 ? 
ATOM   476  O O   . GLU A 1 60  ? -12.572 0.129   9.134   1.000 21.561  0 79  GLU AAA O   1 ? 
ATOM   477  C CB  . GLU A 1 60  ? -9.423  -0.649  8.363   1.000 28.319  0 79  GLU AAA CB  1 ? 
ATOM   478  C CG  . GLU A 1 60  ? -9.215  0.511   9.343   1.000 29.505  0 79  GLU AAA CG  1 ? 
ATOM   479  C CD  . GLU A 1 60  ? -7.965  0.352   10.196  1.000 32.039  0 79  GLU AAA CD  1 ? 
ATOM   480  O OE1 . GLU A 1 60  ? -7.135  -0.522  9.872   1.000 33.366  0 79  GLU AAA OE1 1 ? 
ATOM   481  O OE2 . GLU A 1 60  ? -7.826  1.084   11.192  1.000 37.485  0 79  GLU AAA OE2 1 ? 
ATOM   482  N N   . ARG A 1 61  ? -11.949 -2.010  9.525   1.000 29.309  0 80  ARG AAA N   1 ? 
ATOM   483  C CA  . ARG A 1 61  ? -12.773 -2.313  10.723  1.000 31.492  0 80  ARG AAA CA  1 ? 
ATOM   484  C C   . ARG A 1 61  ? -11.835 -2.428  11.947  1.000 30.627  0 80  ARG AAA C   1 ? 
ATOM   485  O O   . ARG A 1 61  ? -10.861 -3.180  11.891  1.000 27.946  0 80  ARG AAA O   1 ? 
ATOM   486  C CB  . ARG A 1 61  ? -13.617 -3.556  10.409  1.000 33.193  0 80  ARG AAA CB  1 ? 
ATOM   487  C CG  . ARG A 1 61  ? -14.532 -4.020  11.532  1.000 39.416  0 80  ARG AAA CG  1 ? 
ATOM   488  C CD  . ARG A 1 61  ? -15.903 -4.359  10.995  1.000 45.739  0 80  ARG AAA CD  1 ? 
ATOM   489  N NE  . ARG A 1 61  ? -16.863 -4.745  12.014  1.000 53.290  0 80  ARG AAA NE  1 ? 
ATOM   490  C CZ  . ARG A 1 61  ? -18.098 -5.186  11.752  1.000 66.621  0 80  ARG AAA CZ  1 ? 
ATOM   491  N NH1 . ARG A 1 61  ? -18.523 -5.272  10.498  1.000 67.810  0 80  ARG AAA NH1 1 ? 
ATOM   492  N NH2 . ARG A 1 61  ? -18.909 -5.532  12.743  1.000 64.312  0 80  ARG AAA NH2 1 ? 
ATOM   493  N N   . LEU A 1 62  ? -12.109 -1.655  13.001  1.000 34.742  0 81  LEU AAA N   1 ? 
ATOM   494  C CA  . LEU A 1 62  ? -11.367 -1.643  14.287  1.000 35.843  0 81  LEU AAA CA  1 ? 
ATOM   495  C C   . LEU A 1 62  ? -11.950 -2.723  15.196  1.000 38.324  0 81  LEU AAA C   1 ? 
ATOM   496  O O   . LEU A 1 62  ? -13.018 -3.259  14.865  1.000 38.057  0 81  LEU AAA O   1 ? 
ATOM   497  C CB  . LEU A 1 62  ? -11.495 -0.271  14.955  1.000 38.606  0 81  LEU AAA CB  1 ? 
ATOM   498  C CG  . LEU A 1 62  ? -11.116 0.944   14.107  1.000 41.248  0 81  LEU AAA CG  1 ? 
ATOM   499  C CD1 . LEU A 1 62  ? -11.480 2.231   14.830  1.000 41.747  0 81  LEU AAA CD1 1 ? 
ATOM   500  C CD2 . LEU A 1 62  ? -9.641  0.930   13.742  1.000 42.376  0 81  LEU AAA CD2 1 ? 
ATOM   501  N N   . ALA A 1 63  ? -11.242 -3.044  16.281  1.000 43.335  0 82  ALA AAA N   1 ? 
ATOM   502  C CA  . ALA A 1 63  ? -11.520 -4.188  17.183  1.000 45.616  0 82  ALA AAA CA  1 ? 
ATOM   503  C C   . ALA A 1 63  ? -12.911 -4.037  17.814  1.000 48.241  0 82  ALA AAA C   1 ? 
ATOM   504  O O   . ALA A 1 63  ? -13.561 -5.079  18.076  1.000 49.098  0 82  ALA AAA O   1 ? 
ATOM   505  C CB  . ALA A 1 63  ? -10.431 -4.279  18.224  1.000 44.021  0 82  ALA AAA CB  1 ? 
ATOM   506  N N   . ASN A 1 64  ? -13.365 -2.790  18.010  1.000 48.258  0 83  ASN AAA N   1 ? 
ATOM   507  C CA  . ASN A 1 64  ? -14.688 -2.443  18.599  1.000 44.814  0 83  ASN AAA CA  1 ? 
ATOM   508  C C   . ASN A 1 64  ? -15.809 -2.508  17.553  1.000 42.697  0 83  ASN AAA C   1 ? 
ATOM   509  O O   . ASN A 1 64  ? -16.934 -2.154  17.916  1.000 53.740  0 83  ASN AAA O   1 ? 
ATOM   510  C CB  . ASN A 1 64  ? -14.650 -1.059  19.253  1.000 51.560  0 83  ASN AAA CB  1 ? 
ATOM   511  C CG  . ASN A 1 64  ? -14.343 0.072   18.292  1.000 54.774  0 83  ASN AAA CG  1 ? 
ATOM   512  O OD1 . ASN A 1 64  ? -14.563 -0.029  17.088  1.000 53.878  0 83  ASN AAA OD1 1 ? 
ATOM   513  N ND2 . ASN A 1 64  ? -13.834 1.169   18.823  1.000 57.711  0 83  ASN AAA ND2 1 ? 
ATOM   514  N N   . GLY A 1 65  ? -15.528 -2.895  16.305  1.000 36.848  0 84  GLY AAA N   1 ? 
ATOM   515  C CA  . GLY A 1 65  ? -16.549 -3.085  15.259  1.000 36.659  0 84  GLY AAA CA  1 ? 
ATOM   516  C C   . GLY A 1 65  ? -16.851 -1.805  14.496  1.000 37.571  0 84  GLY AAA C   1 ? 
ATOM   517  O O   . GLY A 1 65  ? -17.699 -1.847  13.589  1.000 40.069  0 84  GLY AAA O   1 ? 
ATOM   518  N N   . THR A 1 66  ? -16.206 -0.700  14.859  1.000 37.333  0 85  THR AAA N   1 ? 
ATOM   519  C CA  . THR A 1 66  ? -16.315 0.619   14.180  1.000 36.595  0 85  THR AAA CA  1 ? 
ATOM   520  C C   . THR A 1 66  ? -15.518 0.626   12.875  1.000 36.309  0 85  THR AAA C   1 ? 
ATOM   521  O O   . THR A 1 66  ? -14.334 0.192   12.880  1.000 35.321  0 85  THR AAA O   1 ? 
ATOM   522  C CB  . THR A 1 66  ? -15.734 1.756   15.023  1.000 37.220  0 85  THR AAA CB  1 ? 
ATOM   523  O OG1 . THR A 1 66  ? -16.668 1.942   16.081  1.000 45.290  0 85  THR AAA OG1 1 ? 
ATOM   524  C CG2 . THR A 1 66  ? -15.542 3.039   14.254  1.000 39.989  0 85  THR AAA CG2 1 ? 
ATOM   525  N N   . ILE A 1 67  ? -16.149 1.141   11.821  1.000 33.801  0 86  ILE AAA N   1 ? 
ATOM   526  C CA  . ILE A 1 67  ? -15.522 1.419   10.505  1.000 29.250  0 86  ILE AAA CA  1 ? 
ATOM   527  C C   . ILE A 1 67  ? -14.882 2.796   10.568  1.000 31.657  0 86  ILE AAA C   1 ? 
ATOM   528  O O   . ILE A 1 67  ? -15.627 3.799   10.832  1.000 31.719  0 86  ILE AAA O   1 ? 
ATOM   529  C CB  . ILE A 1 67  ? -16.555 1.361   9.371   1.000 29.824  0 86  ILE AAA CB  1 ? 
ATOM   530  C CG1 . ILE A 1 67  ? -17.394 0.078   9.417   1.000 29.695  0 86  ILE AAA CG1 1 ? 
ATOM   531  C CG2 . ILE A 1 67  ? -15.866 1.583   8.024   1.000 29.604  0 86  ILE AAA CG2 1 ? 
ATOM   532  C CD1 . ILE A 1 67  ? -16.583 -1.191  9.277   1.000 31.955  0 86  ILE AAA CD1 1 ? 
ATOM   533  N N   . LYS A 1 68  ? -13.577 2.844   10.271  1.000 31.937  0 87  LYS AAA N   1 ? 
ATOM   534  C CA  . LYS A 1 68  ? -12.781 4.089   10.145  1.000 31.594  0 87  LYS AAA CA  1 ? 
ATOM   535  C C   . LYS A 1 68  ? -12.187 4.144   8.735   1.000 30.335  0 87  LYS AAA C   1 ? 
ATOM   536  O O   . LYS A 1 68  ? -11.659 3.115   8.255   1.000 30.893  0 87  LYS AAA O   1 ? 
ATOM   537  C CB  . LYS A 1 68  ? -11.761 4.148   11.280  1.000 34.447  0 87  LYS AAA CB  1 ? 
ATOM   538  C CG  . LYS A 1 68  ? -10.644 5.151   11.087  1.000 40.869  0 87  LYS AAA CG  1 ? 
ATOM   539  C CD  . LYS A 1 68  ? -11.116 6.581   11.127  1.000 46.680  0 87  LYS AAA CD  1 ? 
ATOM   540  C CE  . LYS A 1 68  ? -10.005 7.585   10.894  1.000 44.703  0 87  LYS AAA CE  1 ? 
ATOM   541  N NZ  . LYS A 1 68  ? -8.859  7.320   11.785  1.000 45.272  0 87  LYS AAA NZ  1 ? 
ATOM   542  N N   . SER A 1 69  ? -12.290 5.306   8.088   1.000 27.740  0 88  SER AAA N   1 ? 
ATOM   543  C CA  . SER A 1 69  ? -11.905 5.524   6.677   1.000 26.823  0 88  SER AAA CA  1 ? 
ATOM   544  C C   . SER A 1 69  ? -11.152 6.836   6.497   1.000 24.453  0 88  SER AAA C   1 ? 
ATOM   545  O O   . SER A 1 69  ? -11.277 7.721   7.314   1.000 31.045  0 88  SER AAA O   1 ? 
ATOM   546  C CB  . SER A 1 69  ? -13.116 5.456   5.806   1.000 29.641  0 88  SER AAA CB  1 ? 
ATOM   547  O OG  . SER A 1 69  ? -13.747 4.199   5.963   1.000 28.275  0 88  SER AAA OG  1 ? 
ATOM   548  N N   . VAL A 1 70  ? -10.415 6.947   5.407   1.000 26.353  0 89  VAL AAA N   1 ? 
ATOM   549  C CA  . VAL A 1 70  ? -9.662  8.173   5.020   1.000 26.194  0 89  VAL AAA CA  1 ? 
ATOM   550  C C   . VAL A 1 70  ? -9.777  8.341   3.506   1.000 25.046  0 89  VAL AAA C   1 ? 
ATOM   551  O O   . VAL A 1 70  ? -9.748  7.322   2.785   1.000 22.739  0 89  VAL AAA O   1 ? 
ATOM   552  C CB  . VAL A 1 70  ? -8.181  8.166   5.477   1.000 24.793  0 89  VAL AAA CB  1 ? 
ATOM   553  C CG1 . VAL A 1 70  ? -8.058  8.149   6.998   1.000 25.689  0 89  VAL AAA CG1 1 ? 
ATOM   554  C CG2 . VAL A 1 70  ? -7.381  7.037   4.862   1.000 24.460  0 89  VAL AAA CG2 1 ? 
ATOM   555  N N   . ILE A 1 71  ? -9.864  9.602   3.091   1.000 24.760  0 90  ILE AAA N   1 ? 
ATOM   556  C CA  . ILE A 1 71  ? -9.856  10.046  1.679   1.000 27.024  0 90  ILE AAA CA  1 ? 
ATOM   557  C C   . ILE A 1 71  ? -8.528  10.751  1.422   1.000 28.294  0 90  ILE AAA C   1 ? 
ATOM   558  O O   . ILE A 1 71  ? -8.106  11.609  2.274   1.000 25.573  0 90  ILE AAA O   1 ? 
ATOM   559  C CB  . ILE A 1 71  ? -11.036 11.000  1.393   1.000 30.197  0 90  ILE AAA CB  1 ? 
ATOM   560  C CG1 . ILE A 1 71  ? -12.361 10.418  1.888   1.000 31.909  0 90  ILE AAA CG1 1 ? 
ATOM   561  C CG2 . ILE A 1 71  ? -11.091 11.336  -0.086  1.000 30.508  0 90  ILE AAA CG2 1 ? 
ATOM   562  C CD1 . ILE A 1 71  ? -13.378 11.450  2.305   1.000 32.568  0 90  ILE AAA CD1 1 ? 
ATOM   563  N N   . GLY A 1 72  ? -7.915  10.431  0.280   1.000 25.185  0 91  GLY AAA N   1 ? 
ATOM   564  C CA  . GLY A 1 72  ? -6.724  11.149  -0.185  1.000 25.314  0 91  GLY AAA CA  1 ? 
ATOM   565  C C   . GLY A 1 72  ? -6.647  11.171  -1.691  1.000 25.765  0 91  GLY AAA C   1 ? 
ATOM   566  O O   . GLY A 1 72  ? -7.674  10.894  -2.359  1.000 23.477  0 91  GLY AAA O   1 ? 
ATOM   567  N N   . SER A 1 73  ? -5.457  11.477  -2.199  1.000 27.102  0 92  SER AAA N   1 ? 
ATOM   568  C CA  . SER A 1 73  ? -5.175  11.608  -3.647  1.000 29.175  0 92  SER AAA CA  1 ? 
ATOM   569  C C   . SER A 1 73  ? -3.809  10.982  -3.915  1.000 27.516  0 92  SER AAA C   1 ? 
ATOM   570  O O   . SER A 1 73  ? -2.945  11.193  -3.095  1.000 26.713  0 92  SER AAA O   1 ? 
ATOM   571  C CB  . SER A 1 73  ? -5.211  13.049  -4.056  1.000 31.178  0 92  SER AAA CB  1 ? 
ATOM   572  O OG  . SER A 1 73  ? -5.304  13.150  -5.462  1.000 35.286  0 92  SER AAA OG  1 ? 
ATOM   573  N N   . ALA A 1 74  ? -3.648  10.231  -5.001  1.000 27.080  0 93  ALA AAA N   1 ? 
ATOM   574  C CA  . ALA A 1 74  ? -2.347  9.702   -5.459  1.000 30.533  0 93  ALA AAA CA  1 ? 
ATOM   575  C C   . ALA A 1 74  ? -2.049  10.295  -6.823  1.000 30.100  0 93  ALA AAA C   1 ? 
ATOM   576  O O   . ALA A 1 74  ? -2.871  10.114  -7.699  1.000 39.023  0 93  ALA AAA O   1 ? 
ATOM   577  C CB  . ALA A 1 74  ? -2.361  8.192   -5.523  1.000 30.531  0 93  ALA AAA CB  1 ? 
ATOM   578  N N   . ILE A 1 75  ? -0.901  10.945  -6.983  1.000 36.298  0 94  ILE AAA N   1 ? 
ATOM   579  C CA  . ILE A 1 75  ? -0.506  11.664  -8.231  1.000 41.522  0 94  ILE AAA CA  1 ? 
ATOM   580  C C   . ILE A 1 75  ? 1.001   11.452  -8.443  1.000 39.466  0 94  ILE AAA C   1 ? 
ATOM   581  O O   . ILE A 1 75  ? 1.763   11.627  -7.465  1.000 41.453  0 94  ILE AAA O   1 ? 
ATOM   582  C CB  . ILE A 1 75  ? -0.903  13.158  -8.136  1.000 45.450  0 94  ILE AAA CB  1 ? 
ATOM   583  C CG1 . ILE A 1 75  ? -2.404  13.334  -7.863  1.000 46.276  0 94  ILE AAA CG1 1 ? 
ATOM   584  C CG2 . ILE A 1 75  ? -0.478  13.916  -9.391  1.000 47.004  0 94  ILE AAA CG2 1 ? 
ATOM   585  C CD1 . ILE A 1 75  ? -2.791  14.655  -7.213  1.000 45.497  0 94  ILE AAA CD1 1 ? 
ATOM   586  N N   . ALA A 1 76  ? 1.414   11.058  -9.653  1.000 40.293  0 95  ALA AAA N   1 ? 
ATOM   587  C CA  . ALA A 1 76  ? 2.839   10.939  -10.055 1.000 40.296  0 95  ALA AAA CA  1 ? 
ATOM   588  C C   . ALA A 1 76  ? 3.398   12.344  -10.313 1.000 46.914  0 95  ALA AAA C   1 ? 
ATOM   589  O O   . ALA A 1 76  ? 2.896   12.988  -11.250 1.000 46.197  0 95  ALA AAA O   1 ? 
ATOM   590  C CB  . ALA A 1 76  ? 2.975   10.062  -11.272 1.000 37.547  0 95  ALA AAA CB  1 ? 
ATOM   591  N N   . GLU A 1 77  ? 4.362   12.802  -9.493  1.000 53.542  0 96  GLU AAA N   1 ? 
ATOM   592  C CA  . GLU A 1 77  ? 5.049   14.121  -9.635  1.000 56.802  0 96  GLU AAA CA  1 ? 
ATOM   593  C C   . GLU A 1 77  ? 5.879   14.165  -10.928 1.000 55.344  0 96  GLU AAA C   1 ? 
ATOM   594  O O   . GLU A 1 77  ? 6.078   15.275  -11.429 1.000 54.677  0 96  GLU AAA O   1 ? 
ATOM   595  C CB  . GLU A 1 77  ? 5.940   14.437  -8.424  1.000 66.948  0 96  GLU AAA CB  1 ? 
ATOM   596  C CG  . GLU A 1 77  ? 5.353   15.460  -7.450  1.000 72.893  0 96  GLU AAA CG  1 ? 
ATOM   597  C CD  . GLU A 1 77  ? 4.393   14.925  -6.389  1.000 79.746  0 96  GLU AAA CD  1 ? 
ATOM   598  O OE1 . GLU A 1 77  ? 4.485   15.381  -5.218  1.000 79.614  0 96  GLU AAA OE1 1 ? 
ATOM   599  O OE2 . GLU A 1 77  ? 3.542   14.057  -6.725  1.000 79.684  0 96  GLU AAA OE2 1 ? 
ATOM   600  N N   . ASP A 1 78  ? 6.336   13.014  -11.446 1.000 56.253  0 97  ASP AAA N   1 ? 
ATOM   601  C CA  . ASP A 1 78  ? 7.081   12.883  -12.730 1.000 56.425  0 97  ASP AAA CA  1 ? 
ATOM   602  C C   . ASP A 1 78  ? 6.364   11.848  -13.601 1.000 61.449  0 97  ASP AAA C   1 ? 
ATOM   603  O O   . ASP A 1 78  ? 6.338   10.664  -13.261 1.000 64.554  0 97  ASP AAA O   1 ? 
ATOM   604  C CB  . ASP A 1 78  ? 8.557   12.555  -12.458 1.000 54.275  0 97  ASP AAA CB  1 ? 
ATOM   605  C CG  . ASP A 1 78  ? 9.439   12.274  -13.675 1.000 57.827  0 97  ASP AAA CG  1 ? 
ATOM   606  O OD1 . ASP A 1 78  ? 8.983   12.505  -14.832 1.000 52.996  0 97  ASP AAA OD1 1 ? 
ATOM   607  O OD2 . ASP A 1 78  ? 10.591  11.798  -13.459 1.000 52.269  0 97  ASP AAA OD2 1 ? 
ATOM   608  N N   . PRO A 1 79  ? 5.753   12.254  -14.743 1.000 64.321  0 98  PRO AAA N   1 ? 
ATOM   609  C CA  . PRO A 1 79  ? 5.114   11.310  -15.663 1.000 60.519  0 98  PRO AAA CA  1 ? 
ATOM   610  C C   . PRO A 1 79  ? 6.077   10.418  -16.463 1.000 63.745  0 98  PRO AAA C   1 ? 
ATOM   611  O O   . PRO A 1 79  ? 5.591   9.552   -17.164 1.000 58.129  0 98  PRO AAA O   1 ? 
ATOM   612  C CB  . PRO A 1 79  ? 4.329   12.194  -16.648 1.000 65.208  0 98  PRO AAA CB  1 ? 
ATOM   613  C CG  . PRO A 1 79  ? 4.295   13.577  -16.003 1.000 67.298  0 98  PRO AAA CG  1 ? 
ATOM   614  C CD  . PRO A 1 79  ? 5.557   13.652  -15.165 1.000 69.980  0 98  PRO AAA CD  1 ? 
ATOM   615  N N   . CYS A 1 80  ? 7.393   10.638  -16.364 1.000 66.952  0 99  CYS AAA N   1 ? 
ATOM   616  C CA  . CYS A 1 80  ? 8.423   9.663   -16.826 1.000 69.397  0 99  CYS AAA CA  1 ? 
ATOM   617  C C   . CYS A 1 80  ? 8.416   8.435   -15.903 1.000 66.365  0 99  CYS AAA C   1 ? 
ATOM   618  O O   . CYS A 1 80  ? 8.746   7.334   -16.398 1.000 59.477  0 99  CYS AAA O   1 ? 
ATOM   619  C CB  . CYS A 1 80  ? 9.823   10.270  -16.890 1.000 73.859  0 99  CYS AAA CB  1 ? 
ATOM   620  S SG  . CYS A 1 80  ? 10.324  10.761  -18.562 1.000 80.739  0 99  CYS AAA SG  1 ? 
ATOM   621  N N   . GLU A 1 81  ? 8.058   8.636   -14.623 1.000 64.375  0 100 GLU AAA N   1 ? 
ATOM   622  C CA  . GLU A 1 81  ? 7.994   7.603   -13.549 1.000 59.898  0 100 GLU AAA CA  1 ? 
ATOM   623  C C   . GLU A 1 81  ? 6.576   7.542   -12.985 1.000 56.833  0 100 GLU AAA C   1 ? 
ATOM   624  O O   . GLU A 1 81  ? 6.308   8.051   -11.891 1.000 53.762  0 100 GLU AAA O   1 ? 
ATOM   625  C CB  . GLU A 1 81  ? 8.994   7.936   -12.446 1.000 60.263  0 100 GLU AAA CB  1 ? 
ATOM   626  C CG  . GLU A 1 81  ? 10.419  7.544   -12.780 1.000 64.850  0 100 GLU AAA CG  1 ? 
ATOM   627  C CD  . GLU A 1 81  ? 11.437  8.150   -11.825 1.000 68.388  0 100 GLU AAA CD  1 ? 
ATOM   628  O OE1 . GLU A 1 81  ? 12.107  7.375   -11.100 1.000 65.655  0 100 GLU AAA OE1 1 ? 
ATOM   629  O OE2 . GLU A 1 81  ? 11.556  9.399   -11.804 1.000 73.633  0 100 GLU AAA OE2 1 ? 
ATOM   630  N N   . PRO A 1 82  ? 5.621   6.910   -13.710 1.000 47.347  0 101 PRO AAA N   1 ? 
ATOM   631  C CA  . PRO A 1 82  ? 4.214   6.962   -13.321 1.000 45.224  0 101 PRO AAA CA  1 ? 
ATOM   632  C C   . PRO A 1 82  ? 3.889   6.023   -12.146 1.000 41.024  0 101 PRO AAA C   1 ? 
ATOM   633  O O   . PRO A 1 82  ? 2.779   6.092   -11.675 1.000 37.429  0 101 PRO AAA O   1 ? 
ATOM   634  C CB  . PRO A 1 82  ? 3.489   6.541   -14.612 1.000 45.113  0 101 PRO AAA CB  1 ? 
ATOM   635  C CG  . PRO A 1 82  ? 4.456   5.551   -15.246 1.000 48.120  0 101 PRO AAA CG  1 ? 
ATOM   636  C CD  . PRO A 1 82  ? 5.834   6.095   -14.916 1.000 48.935  0 101 PRO AAA CD  1 ? 
ATOM   637  N N   . ALA A 1 83  ? 4.824   5.160   -11.711 1.000 36.656  0 102 ALA AAA N   1 ? 
ATOM   638  C CA  . ALA A 1 83  ? 4.590   4.232   -10.580 1.000 31.479  0 102 ALA AAA CA  1 ? 
ATOM   639  C C   . ALA A 1 83  ? 5.083   4.862   -9.271  1.000 29.680  0 102 ALA AAA C   1 ? 
ATOM   640  O O   . ALA A 1 83  ? 4.730   4.342   -8.193  1.000 30.274  0 102 ALA AAA O   1 ? 
ATOM   641  C CB  . ALA A 1 83  ? 5.208   2.889   -10.853 1.000 31.730  0 102 ALA AAA CB  1 ? 
ATOM   642  N N   . LYS A 1 84  ? 5.848   5.944   -9.355  1.000 26.588  0 103 LYS AAA N   1 ? 
ATOM   643  C CA  . LYS A 1 84  ? 6.210   6.784   -8.187  1.000 29.259  0 103 LYS AAA CA  1 ? 
ATOM   644  C C   . LYS A 1 84  ? 5.114   7.840   -7.975  1.000 29.265  0 103 LYS AAA C   1 ? 
ATOM   645  O O   . LYS A 1 84  ? 5.284   8.981   -8.422  1.000 27.892  0 103 LYS AAA O   1 ? 
ATOM   646  C CB  . LYS A 1 84  ? 7.598   7.407   -8.375  1.000 29.953  0 103 LYS AAA CB  1 ? 
ATOM   647  C CG  . LYS A 1 84  ? 8.691   6.363   -8.495  1.000 35.150  0 103 LYS AAA CG  1 ? 
ATOM   648  C CD  . LYS A 1 84  ? 10.106  6.869   -8.419  1.000 37.800  0 103 LYS AAA CD  1 ? 
ATOM   649  C CE  . LYS A 1 84  ? 11.100  5.744   -8.630  1.000 39.080  0 103 LYS AAA CE  1 ? 
ATOM   650  N NZ  . LYS A 1 84  ? 12.456  6.119   -8.169  1.000 43.986  0 103 LYS AAA NZ  1 ? 
ATOM   651  N N   . LEU A 1 85  ? 4.064   7.481   -7.242  1.000 28.225  0 104 LEU AAA N   1 ? 
ATOM   652  C CA  . LEU A 1 85  ? 3.027   8.441   -6.798  1.000 31.610  0 104 LEU AAA CA  1 ? 
ATOM   653  C C   . LEU A 1 85  ? 3.410   9.035   -5.435  1.000 30.780  0 104 LEU AAA C   1 ? 
ATOM   654  O O   . LEU A 1 85  ? 4.377   8.553   -4.802  1.000 28.426  0 104 LEU AAA O   1 ? 
ATOM   655  C CB  . LEU A 1 85  ? 1.673   7.717   -6.804  1.000 31.495  0 104 LEU AAA CB  1 ? 
ATOM   656  C CG  . LEU A 1 85  ? 1.305   7.142   -8.176  1.000 29.804  0 104 LEU AAA CG  1 ? 
ATOM   657  C CD1 . LEU A 1 85  ? 1.358   5.635   -8.191  1.000 30.533  0 104 LEU AAA CD1 1 ? 
ATOM   658  C CD2 . LEU A 1 85  ? -0.065  7.602   -8.599  1.000 31.921  0 104 LEU AAA CD2 1 ? 
ATOM   659  N N   . GLN A 1 86  ? 2.760   10.141  -5.094  1.000 32.595  0 105 GLN AAA N   1 ? 
ATOM   660  C CA  . GLN A 1 86  ? 2.725   10.736  -3.737  1.000 34.104  0 105 GLN AAA CA  1 ? 
ATOM   661  C C   . GLN A 1 86  ? 1.270   10.648  -3.288  1.000 35.605  0 105 GLN AAA C   1 ? 
ATOM   662  O O   . GLN A 1 86  ? 0.351   10.786  -4.153  1.000 34.790  0 105 GLN AAA O   1 ? 
ATOM   663  C CB  . GLN A 1 86  ? 3.229   12.181  -3.705  1.000 40.696  0 105 GLN AAA CB  1 ? 
ATOM   664  C CG  . GLN A 1 86  ? 4.639   12.383  -4.272  1.000 45.350  0 105 GLN AAA CG  1 ? 
ATOM   665  C CD  . GLN A 1 86  ? 5.772   12.426  -3.274  1.000 52.737  0 105 GLN AAA CD  1 ? 
ATOM   666  O OE1 . GLN A 1 86  ? 6.848   11.861  -3.496  1.000 56.769  0 105 GLN AAA OE1 1 ? 
ATOM   667  N NE2 . GLN A 1 86  ? 5.554   13.111  -2.164  1.000 56.869  0 105 GLN AAA NE2 1 ? 
ATOM   668  N N   . PHE A 1 87  ? 1.072   10.307  -2.017  1.000 32.487  0 106 PHE AAA N   1 ? 
ATOM   669  C CA  . PHE A 1 87  ? -0.256  10.157  -1.400  1.000 31.477  0 106 PHE AAA CA  1 ? 
ATOM   670  C C   . PHE A 1 87  ? -0.489  11.398  -0.550  1.000 32.089  0 106 PHE AAA C   1 ? 
ATOM   671  O O   . PHE A 1 87  ? 0.313   11.656  0.404   1.000 32.780  0 106 PHE AAA O   1 ? 
ATOM   672  C CB  . PHE A 1 87  ? -0.361  8.854   -0.605  1.000 33.062  0 106 PHE AAA CB  1 ? 
ATOM   673  C CG  . PHE A 1 87  ? -1.638  8.757   0.188   1.000 32.752  0 106 PHE AAA CG  1 ? 
ATOM   674  C CD1 . PHE A 1 87  ? -2.866  8.766   -0.455  1.000 33.352  0 106 PHE AAA CD1 1 ? 
ATOM   675  C CD2 . PHE A 1 87  ? -1.623  8.700   1.571   1.000 32.842  0 106 PHE AAA CD2 1 ? 
ATOM   676  C CE1 . PHE A 1 87  ? -4.046  8.695   0.271   1.000 32.577  0 106 PHE AAA CE1 1 ? 
ATOM   677  C CE2 . PHE A 1 87  ? -2.808  8.604   2.289   1.000 31.804  0 106 PHE AAA CE2 1 ? 
ATOM   678  C CZ  . PHE A 1 87  ? -4.012  8.629   1.639   1.000 30.523  0 106 PHE AAA CZ  1 ? 
ATOM   679  N N   . PHE A 1 88  ? -1.515  12.160  -0.930  1.000 31.167  0 107 PHE AAA N   1 ? 
ATOM   680  C CA  . PHE A 1 88  ? -1.984  13.387  -0.235  1.000 32.302  0 107 PHE AAA CA  1 ? 
ATOM   681  C C   . PHE A 1 88  ? -3.191  13.020  0.632   1.000 32.236  0 107 PHE AAA C   1 ? 
ATOM   682  O O   . PHE A 1 88  ? -4.152  12.403  0.110   1.000 29.205  0 107 PHE AAA O   1 ? 
ATOM   683  C CB  . PHE A 1 88  ? -2.296  14.481  -1.255  1.000 31.826  0 107 PHE AAA CB  1 ? 
ATOM   684  C CG  . PHE A 1 88  ? -1.107  14.938  -2.063  1.000 33.947  0 107 PHE AAA CG  1 ? 
ATOM   685  C CD1 . PHE A 1 88  ? -0.222  15.881  -1.557  1.000 34.983  0 107 PHE AAA CD1 1 ? 
ATOM   686  C CD2 . PHE A 1 88  ? -0.882  14.449  -3.349  1.000 34.524  0 107 PHE AAA CD2 1 ? 
ATOM   687  C CE1 . PHE A 1 88  ? 0.873   16.299  -2.309  1.000 36.969  0 107 PHE AAA CE1 1 ? 
ATOM   688  C CE2 . PHE A 1 88  ? 0.213   14.866  -4.099  1.000 33.176  0 107 PHE AAA CE2 1 ? 
ATOM   689  C CZ  . PHE A 1 88  ? 1.099   15.773  -3.570  1.000 35.304  0 107 PHE AAA CZ  1 ? 
ATOM   690  N N   . HIS A 1 89  ? -3.126  13.335  1.925   1.000 36.113  0 108 HIS AAA N   1 ? 
ATOM   691  C CA  . HIS A 1 89  ? -4.300  13.282  2.832   1.000 41.464  0 108 HIS AAA CA  1 ? 
ATOM   692  C C   . HIS A 1 89  ? -4.297  14.522  3.722   1.000 42.736  0 108 HIS AAA C   1 ? 
ATOM   693  O O   . HIS A 1 89  ? -3.209  15.071  3.923   1.000 39.580  0 108 HIS AAA O   1 ? 
ATOM   694  C CB  . HIS A 1 89  ? -4.359  11.922  3.550   1.000 48.382  0 108 HIS AAA CB  1 ? 
ATOM   695  C CG  . HIS A 1 89  ? -3.517  11.777  4.771   1.000 58.729  0 108 HIS AAA CG  1 ? 
ATOM   696  N ND1 . HIS A 1 89  ? -2.159  11.474  4.702   1.000 64.478  0 108 HIS AAA ND1 1 ? 
ATOM   697  C CD2 . HIS A 1 89  ? -3.833  11.832  6.089   1.000 64.239  0 108 HIS AAA CD2 1 ? 
ATOM   698  C CE1 . HIS A 1 89  ? -1.663  11.385  5.921   1.000 61.951  0 108 HIS AAA CE1 1 ? 
ATOM   699  N NE2 . HIS A 1 89  ? -2.676  11.593  6.795   1.000 66.650  0 108 HIS AAA NE2 1 ? 
ATOM   700  N N   . GLU A 1 90  ? -5.490  14.977  4.128   1.000 51.042  0 109 GLU AAA N   1 ? 
ATOM   701  C CA  . GLU A 1 90  ? -5.750  16.014  5.169   1.000 59.361  0 109 GLU AAA CA  1 ? 
ATOM   702  C C   . GLU A 1 90  ? -4.752  17.180  5.042   1.000 57.876  0 109 GLU AAA C   1 ? 
ATOM   703  O O   . GLU A 1 90  ? -4.581  17.703  3.914   1.000 58.541  0 109 GLU AAA O   1 ? 
ATOM   704  C CB  . GLU A 1 90  ? -5.709  15.360  6.556   1.000 63.273  0 109 GLU AAA CB  1 ? 
ATOM   705  C CG  . GLU A 1 90  ? -6.966  14.584  6.922   1.000 70.190  0 109 GLU AAA CG  1 ? 
ATOM   706  C CD  . GLU A 1 90  ? -7.886  15.262  7.937   1.000 71.992  0 109 GLU AAA CD  1 ? 
ATOM   707  O OE1 . GLU A 1 90  ? -7.943  14.788  9.104   1.000 62.297  0 109 GLU AAA OE1 1 ? 
ATOM   708  O OE2 . GLU A 1 90  ? -8.562  16.255  7.560   1.000 68.011  0 109 GLU AAA OE2 1 ? 
ATOM   709  N N   . ASN A 1 91  ? -4.116  17.562  6.156   1.000 58.836  0 110 ASN AAA N   1 ? 
ATOM   710  C CA  . ASN A 1 91  ? -3.055  18.605  6.239   1.000 63.515  0 110 ASN AAA CA  1 ? 
ATOM   711  C C   . ASN A 1 91  ? -1.670  17.975  6.015   1.000 58.113  0 110 ASN AAA C   1 ? 
ATOM   712  O O   . ASN A 1 91  ? -0.675  18.745  5.919   1.000 52.805  0 110 ASN AAA O   1 ? 
ATOM   713  C CB  . ASN A 1 91  ? -3.101  19.336  7.589   1.000 70.737  0 110 ASN AAA CB  1 ? 
ATOM   714  C CG  . ASN A 1 91  ? -3.800  20.676  7.500   1.000 77.537  0 110 ASN AAA CG  1 ? 
ATOM   715  O OD1 . ASN A 1 91  ? -4.987  20.779  7.800   1.000 84.924  0 110 ASN AAA OD1 1 ? 
ATOM   716  N ND2 . ASN A 1 91  ? -3.081  21.697  7.055   1.000 79.566  0 110 ASN AAA ND2 1 ? 
ATOM   717  N N   . ALA A 1 92  ? -1.600  16.640  5.910   1.000 49.709  0 111 ALA AAA N   1 ? 
ATOM   718  C CA  . ALA A 1 92  ? -0.336  15.875  6.040   1.000 48.192  0 111 ALA AAA CA  1 ? 
ATOM   719  C C   . ALA A 1 92  ? 0.618   16.237  4.900   1.000 42.588  0 111 ALA AAA C   1 ? 
ATOM   720  O O   . ALA A 1 92  ? 0.153   16.679  3.820   1.000 44.506  0 111 ALA AAA O   1 ? 
ATOM   721  C CB  . ALA A 1 92  ? -0.605  14.393  6.100   1.000 48.550  0 111 ALA AAA CB  1 ? 
ATOM   722  N N   . ALA A 1 93  ? 1.914   16.135  5.175   1.000 39.955  0 112 ALA AAA N   1 ? 
ATOM   723  C CA  . ALA A 1 93  ? 2.978   16.118  4.147   1.000 38.101  0 112 ALA AAA CA  1 ? 
ATOM   724  C C   . ALA A 1 93  ? 2.700   14.907  3.263   1.000 38.097  0 112 ALA AAA C   1 ? 
ATOM   725  O O   . ALA A 1 93  ? 2.291   13.860  3.774   1.000 35.330  0 112 ALA AAA O   1 ? 
ATOM   726  C CB  . ALA A 1 93  ? 4.339   16.026  4.802   1.000 37.347  0 112 ALA AAA CB  1 ? 
ATOM   727  N N   . PRO A 1 94  ? 2.892   15.007  1.928   1.000 37.226  0 113 PRO AAA N   1 ? 
ATOM   728  C CA  . PRO A 1 94  ? 2.733   13.846  1.058   1.000 36.985  0 113 PRO AAA CA  1 ? 
ATOM   729  C C   . PRO A 1 94  ? 3.709   12.747  1.508   1.000 35.931  0 113 PRO AAA C   1 ? 
ATOM   730  O O   . PRO A 1 94  ? 4.801   13.068  1.965   1.000 33.691  0 113 PRO AAA O   1 ? 
ATOM   731  C CB  . PRO A 1 94  ? 3.028   14.363  -0.358  1.000 37.173  0 113 PRO AAA CB  1 ? 
ATOM   732  C CG  . PRO A 1 94  ? 3.779   15.675  -0.141  1.000 38.285  0 113 PRO AAA CG  1 ? 
ATOM   733  C CD  . PRO A 1 94  ? 3.304   16.212  1.193   1.000 38.924  0 113 PRO AAA CD  1 ? 
ATOM   734  N N   . VAL A 1 95  ? 3.279   11.487  1.416   1.000 32.880  0 114 VAL AAA N   1 ? 
ATOM   735  C CA  . VAL A 1 95  ? 4.159   10.300  1.593   1.000 31.161  0 114 VAL AAA CA  1 ? 
ATOM   736  C C   . VAL A 1 95  ? 4.271   9.611   0.239   1.000 30.637  0 114 VAL AAA C   1 ? 
ATOM   737  O O   . VAL A 1 95  ? 3.349   9.683   -0.578  1.000 24.821  0 114 VAL AAA O   1 ? 
ATOM   738  C CB  . VAL A 1 95  ? 3.619   9.385   2.709   1.000 34.826  0 114 VAL AAA CB  1 ? 
ATOM   739  C CG1 . VAL A 1 95  ? 3.234   10.204  3.937   1.000 33.891  0 114 VAL AAA CG1 1 ? 
ATOM   740  C CG2 . VAL A 1 95  ? 2.443   8.530   2.253   1.000 33.740  0 114 VAL AAA CG2 1 ? 
ATOM   741  N N   . PRO A 1 96  ? 5.408   8.939   -0.078  1.000 29.620  0 115 PRO AAA N   1 ? 
ATOM   742  C CA  . PRO A 1 96  ? 5.502   8.188   -1.322  1.000 29.213  0 115 PRO AAA CA  1 ? 
ATOM   743  C C   . PRO A 1 96  ? 4.478   7.040   -1.348  1.000 28.281  0 115 PRO AAA C   1 ? 
ATOM   744  O O   . PRO A 1 96  ? 4.106   6.542   -0.320  1.000 29.276  0 115 PRO AAA O   1 ? 
ATOM   745  C CB  . PRO A 1 96  ? 6.955   7.715   -1.388  1.000 27.684  0 115 PRO AAA CB  1 ? 
ATOM   746  C CG  . PRO A 1 96  ? 7.673   8.622   -0.457  1.000 27.958  0 115 PRO AAA CG  1 ? 
ATOM   747  C CD  . PRO A 1 96  ? 6.679   8.946   0.640   1.000 30.305  0 115 PRO AAA CD  1 ? 
ATOM   748  N N   . TYR A 1 97  ? 4.013   6.726   -2.551  1.000 26.422  0 116 TYR AAA N   1 ? 
ATOM   749  C CA  . TYR A 1 97  ? 3.250   5.516   -2.913  1.000 25.637  0 116 TYR AAA CA  1 ? 
ATOM   750  C C   . TYR A 1 97  ? 3.902   5.031   -4.196  1.000 24.705  0 116 TYR AAA C   1 ? 
ATOM   751  O O   . TYR A 1 97  ? 3.761   5.722   -5.211  1.000 24.982  0 116 TYR AAA O   1 ? 
ATOM   752  C CB  . TYR A 1 97  ? 1.761   5.812   -3.062  1.000 26.979  0 116 TYR AAA CB  1 ? 
ATOM   753  C CG  . TYR A 1 97  ? 0.843   4.632   -3.282  1.000 27.483  0 116 TYR AAA CG  1 ? 
ATOM   754  C CD1 . TYR A 1 97  ? 0.651   4.100   -4.538  1.000 29.001  0 116 TYR AAA CD1 1 ? 
ATOM   755  C CD2 . TYR A 1 97  ? 0.035   4.158   -2.268  1.000 29.823  0 116 TYR AAA CD2 1 ? 
ATOM   756  C CE1 . TYR A 1 97  ? -0.242  3.069   -4.755  1.000 29.858  0 116 TYR AAA CE1 1 ? 
ATOM   757  C CE2 . TYR A 1 97  ? -0.862  3.120   -2.462  1.000 29.080  0 116 TYR AAA CE2 1 ? 
ATOM   758  C CZ  . TYR A 1 97  ? -1.003  2.572   -3.718  1.000 29.108  0 116 TYR AAA CZ  1 ? 
ATOM   759  O OH  . TYR A 1 97  ? -1.858  1.531   -3.931  1.000 28.536  0 116 TYR AAA OH  1 ? 
ATOM   760  N N   . TRP A 1 98  ? 4.676   3.950   -4.078  1.000 24.545  0 117 TRP AAA N   1 ? 
ATOM   761  C CA  . TRP A 1 98  ? 5.465   3.312   -5.152  1.000 24.481  0 117 TRP AAA CA  1 ? 
ATOM   762  C C   . TRP A 1 98  ? 4.843   1.956   -5.471  1.000 24.295  0 117 TRP AAA C   1 ? 
ATOM   763  O O   . TRP A 1 98  ? 4.795   1.117   -4.553  1.000 24.592  0 117 TRP AAA O   1 ? 
ATOM   764  C CB  . TRP A 1 98  ? 6.898   3.167   -4.657  1.000 26.214  0 117 TRP AAA CB  1 ? 
ATOM   765  C CG  . TRP A 1 98  ? 7.700   4.431   -4.694  1.000 27.359  0 117 TRP AAA CG  1 ? 
ATOM   766  C CD1 . TRP A 1 98  ? 7.242   5.713   -4.644  1.000 29.221  0 117 TRP AAA CD1 1 ? 
ATOM   767  C CD2 . TRP A 1 98  ? 9.128   4.519   -4.810  1.000 29.150  0 117 TRP AAA CD2 1 ? 
ATOM   768  N NE1 . TRP A 1 98  ? 8.289   6.590   -4.707  1.000 31.651  0 117 TRP AAA NE1 1 ? 
ATOM   769  C CE2 . TRP A 1 98  ? 9.456   5.887   -4.848  1.000 29.527  0 117 TRP AAA CE2 1 ? 
ATOM   770  C CE3 . TRP A 1 98  ? 10.161  3.573   -4.910  1.000 31.443  0 117 TRP AAA CE3 1 ? 
ATOM   771  C CZ2 . TRP A 1 98  ? 10.776  6.332   -4.939  1.000 31.637  0 117 TRP AAA CZ2 1 ? 
ATOM   772  C CZ3 . TRP A 1 98  ? 11.465  4.015   -5.029  1.000 32.327  0 117 TRP AAA CZ3 1 ? 
ATOM   773  C CH2 . TRP A 1 98  ? 11.769  5.376   -5.029  1.000 31.572  0 117 TRP AAA CH2 1 ? 
ATOM   774  N N   . VAL A 1 99  ? 4.388   1.742   -6.706  1.000 25.634  0 118 VAL AAA N   1 ? 
ATOM   775  C CA  . VAL A 1 99  ? 3.886   0.415   -7.184  1.000 26.104  0 118 VAL AAA CA  1 ? 
ATOM   776  C C   . VAL A 1 99  ? 5.092   -0.379  -7.698  1.000 27.233  0 118 VAL AAA C   1 ? 
ATOM   777  O O   . VAL A 1 99  ? 5.566   -0.059  -8.763  1.000 29.122  0 118 VAL AAA O   1 ? 
ATOM   778  C CB  . VAL A 1 99  ? 2.770   0.573   -8.237  1.000 26.510  0 118 VAL AAA CB  1 ? 
ATOM   779  C CG1 . VAL A 1 99  ? 2.236   -0.765  -8.739  1.000 25.445  0 118 VAL AAA CG1 1 ? 
ATOM   780  C CG2 . VAL A 1 99  ? 1.637   1.429   -7.707  1.000 25.010  0 118 VAL AAA CG2 1 ? 
ATOM   781  N N   . LEU A 1 100 ? 5.611   -1.337  -6.920  1.000 29.216  0 119 LEU AAA N   1 ? 
ATOM   782  C CA  . LEU A 1 100 ? 6.862   -2.067  -7.277  1.000 30.753  0 119 LEU AAA CA  1 ? 
ATOM   783  C C   . LEU A 1 100 ? 6.510   -3.126  -8.324  1.000 32.540  0 119 LEU AAA C   1 ? 
ATOM   784  O O   . LEU A 1 100 ? 7.322   -3.387  -9.246  1.000 32.330  0 119 LEU AAA O   1 ? 
ATOM   785  C CB  . LEU A 1 100 ? 7.500   -2.679  -6.027  1.000 28.385  0 119 LEU AAA CB  1 ? 
ATOM   786  C CG  . LEU A 1 100 ? 7.740   -1.724  -4.859  1.000 27.868  0 119 LEU AAA CG  1 ? 
ATOM   787  C CD1 . LEU A 1 100 ? 8.385   -2.474  -3.713  1.000 27.113  0 119 LEU AAA CD1 1 ? 
ATOM   788  C CD2 . LEU A 1 100 ? 8.611   -0.531  -5.248  1.000 27.262  0 119 LEU AAA CD2 1 ? 
ATOM   789  N N   . SER A 1 101 ? 5.312   -3.685  -8.209  1.000 34.169  0 120 SER AAA N   1 ? 
ATOM   790  C CA  . SER A 1 101 ? 4.809   -4.726  -9.131  1.000 34.771  0 120 SER AAA CA  1 ? 
ATOM   791  C C   . SER A 1 101 ? 3.282   -4.793  -9.016  1.000 34.150  0 120 SER AAA C   1 ? 
ATOM   792  O O   . SER A 1 101 ? 2.775   -4.801  -7.891  1.000 34.166  0 120 SER AAA O   1 ? 
ATOM   793  C CB  . SER A 1 101 ? 5.460   -6.059  -8.849  1.000 34.504  0 120 SER AAA CB  1 ? 
ATOM   794  O OG  . SER A 1 101 ? 5.101   -7.009  -9.850  1.000 38.127  0 120 SER AAA OG  1 ? 
ATOM   795  N N   . THR A 1 102 ? 2.601   -4.829  -10.159 1.000 36.246  0 121 THR AAA N   1 ? 
ATOM   796  C CA  . THR A 1 102 ? 1.170   -5.191  -10.308 1.000 39.231  0 121 THR AAA CA  1 ? 
ATOM   797  C C   . THR A 1 102 ? 0.979   -5.836  -11.684 1.000 42.438  0 121 THR AAA C   1 ? 
ATOM   798  O O   . THR A 1 102 ? 1.697   -5.432  -12.640 1.000 45.465  0 121 THR AAA O   1 ? 
ATOM   799  C CB  . THR A 1 102 ? 0.265   -3.955  -10.145 1.000 37.351  0 121 THR AAA CB  1 ? 
ATOM   800  O OG1 . THR A 1 102 ? -1.109  -4.344  -10.163 1.000 35.078  0 121 THR AAA OG1 1 ? 
ATOM   801  C CG2 . THR A 1 102 ? 0.488   -2.913  -11.217 1.000 36.423  0 121 THR AAA CG2 1 ? 
ATOM   802  N N   . ASP A 1 103 ? 0.020   -6.755  -11.786 1.000 41.265  0 122 ASP AAA N   1 ? 
ATOM   803  C CA  . ASP A 1 103 ? -0.548  -7.222  -13.071 1.000 43.888  0 122 ASP AAA CA  1 ? 
ATOM   804  C C   . ASP A 1 103 ? -1.954  -6.627  -13.254 1.000 42.736  0 122 ASP AAA C   1 ? 
ATOM   805  O O   . ASP A 1 103 ? -2.668  -7.125  -14.129 1.000 43.748  0 122 ASP AAA O   1 ? 
ATOM   806  C CB  . ASP A 1 103 ? -0.515  -8.750  -13.130 1.000 40.990  0 122 ASP AAA CB  1 ? 
ATOM   807  C CG  . ASP A 1 103 ? -1.447  -9.404  -12.136 1.000 47.428  0 122 ASP AAA CG  1 ? 
ATOM   808  O OD1 . ASP A 1 103 ? -2.104  -8.657  -11.358 1.000 43.917  0 122 ASP AAA OD1 1 ? 
ATOM   809  O OD2 . ASP A 1 103 ? -1.522  -10.653 -12.160 1.000 53.305  0 122 ASP AAA OD2 1 ? 
ATOM   810  N N   . TYR A 1 104 ? -2.329  -5.644  -12.421 1.000 41.893  0 123 TYR AAA N   1 ? 
ATOM   811  C CA  . TYR A 1 104 ? -3.607  -4.873  -12.396 1.000 40.167  0 123 TYR AAA CA  1 ? 
ATOM   812  C C   . TYR A 1 104 ? -4.806  -5.747  -12.009 1.000 39.994  0 123 TYR AAA C   1 ? 
ATOM   813  O O   . TYR A 1 104 ? -5.764  -5.172  -11.417 1.000 36.491  0 123 TYR AAA O   1 ? 
ATOM   814  C CB  . TYR A 1 104 ? -3.844  -4.133  -13.717 1.000 45.088  0 123 TYR AAA CB  1 ? 
ATOM   815  C CG  . TYR A 1 104 ? -2.668  -3.284  -14.131 1.000 50.941  0 123 TYR AAA CG  1 ? 
ATOM   816  C CD1 . TYR A 1 104 ? -2.473  -2.011  -13.606 1.000 49.659  0 123 TYR AAA CD1 1 ? 
ATOM   817  C CD2 . TYR A 1 104 ? -1.689  -3.797  -14.970 1.000 50.728  0 123 TYR AAA CD2 1 ? 
ATOM   818  C CE1 . TYR A 1 104 ? -1.376  -1.247  -13.966 1.000 47.820  0 123 TYR AAA CE1 1 ? 
ATOM   819  C CE2 . TYR A 1 104 ? -0.570  -3.058  -15.312 1.000 47.443  0 123 TYR AAA CE2 1 ? 
ATOM   820  C CZ  . TYR A 1 104 ? -0.419  -1.780  -14.814 1.000 47.220  0 123 TYR AAA CZ  1 ? 
ATOM   821  O OH  . TYR A 1 104 ? 0.688   -1.068  -15.171 1.000 53.112  0 123 TYR AAA OH  1 ? 
ATOM   822  N N   . ASP A 1 105 ? -4.779  -7.048  -12.319 1.000 39.652  0 124 ASP AAA N   1 ? 
ATOM   823  C CA  . ASP A 1 105 ? -5.980  -7.926  -12.287 1.000 43.234  0 124 ASP AAA CA  1 ? 
ATOM   824  C C   . ASP A 1 105 ? -5.965  -8.839  -11.060 1.000 41.274  0 124 ASP AAA C   1 ? 
ATOM   825  O O   . ASP A 1 105 ? -7.053  -9.305  -10.683 1.000 48.492  0 124 ASP AAA O   1 ? 
ATOM   826  C CB  . ASP A 1 105 ? -6.114  -8.760  -13.566 1.000 47.074  0 124 ASP AAA CB  1 ? 
ATOM   827  C CG  . ASP A 1 105 ? -6.311  -7.941  -14.837 1.000 52.041  0 124 ASP AAA CG  1 ? 
ATOM   828  O OD1 . ASP A 1 105 ? -6.759  -6.777  -14.750 1.000 51.339  0 124 ASP AAA OD1 1 ? 
ATOM   829  O OD2 . ASP A 1 105 ? -5.989  -8.470  -15.909 1.000 62.113  0 124 ASP AAA OD2 1 ? 
ATOM   830  N N   . ASN A 1 106 ? -4.813  -9.057  -10.431 1.000 37.424  0 125 ASN AAA N   1 ? 
ATOM   831  C CA  . ASN A 1 106 ? -4.682  -10.048 -9.330  1.000 38.817  0 125 ASN AAA CA  1 ? 
ATOM   832  C C   . ASN A 1 106 ? -3.991  -9.449  -8.099  1.000 35.389  0 125 ASN AAA C   1 ? 
ATOM   833  O O   . ASN A 1 106 ? -4.489  -9.702  -6.977  1.000 34.395  0 125 ASN AAA O   1 ? 
ATOM   834  C CB  . ASN A 1 106 ? -3.945  -11.294 -9.819  1.000 37.530  0 125 ASN AAA CB  1 ? 
ATOM   835  C CG  . ASN A 1 106 ? -4.686  -11.910 -10.980 1.000 38.578  0 125 ASN AAA CG  1 ? 
ATOM   836  O OD1 . ASN A 1 106 ? -5.754  -12.475 -10.785 1.000 37.540  0 125 ASN AAA OD1 1 ? 
ATOM   837  N ND2 . ASN A 1 106 ? -4.180  -11.725 -12.189 1.000 38.813  0 125 ASN AAA ND2 1 ? 
ATOM   838  N N   . TYR A 1 107 ? -2.863  -8.767  -8.302  1.000 29.850  0 126 TYR AAA N   1 ? 
ATOM   839  C CA  . TYR A 1 107 ? -1.936  -8.375  -7.226  1.000 31.001  0 126 TYR AAA CA  1 ? 
ATOM   840  C C   . TYR A 1 107 ? -1.334  -6.990  -7.491  1.000 28.248  0 126 TYR AAA C   1 ? 
ATOM   841  O O   . TYR A 1 107 ? -1.209  -6.528  -8.644  1.000 27.839  0 126 TYR AAA O   1 ? 
ATOM   842  C CB  . TYR A 1 107 ? -0.829  -9.431  -7.086  1.000 36.352  0 126 TYR AAA CB  1 ? 
ATOM   843  C CG  . TYR A 1 107 ? 0.261   -9.315  -8.127  1.000 38.454  0 126 TYR AAA CG  1 ? 
ATOM   844  C CD1 . TYR A 1 107 ? 1.313   -8.443  -7.937  1.000 35.967  0 126 TYR AAA CD1 1 ? 
ATOM   845  C CD2 . TYR A 1 107 ? 0.246   -10.074 -9.292  1.000 40.887  0 126 TYR AAA CD2 1 ? 
ATOM   846  C CE1 . TYR A 1 107 ? 2.308   -8.303  -8.885  1.000 40.330  0 126 TYR AAA CE1 1 ? 
ATOM   847  C CE2 . TYR A 1 107 ? 1.251   -9.961  -10.241 1.000 42.921  0 126 TYR AAA CE2 1 ? 
ATOM   848  C CZ  . TYR A 1 107 ? 2.285   -9.064  -10.037 1.000 41.305  0 126 TYR AAA CZ  1 ? 
ATOM   849  O OH  . TYR A 1 107 ? 3.278   -8.889  -10.950 1.000 40.939  0 126 TYR AAA OH  1 ? 
ATOM   850  N N   . ALA A 1 108 ? -0.910  -6.366  -6.397  1.000 25.040  0 127 ALA AAA N   1 ? 
ATOM   851  C CA  . ALA A 1 108 ? 0.070   -5.266  -6.373  1.000 23.893  0 127 ALA AAA CA  1 ? 
ATOM   852  C C   . ALA A 1 108 ? 0.956   -5.441  -5.135  1.000 23.831  0 127 ALA AAA C   1 ? 
ATOM   853  O O   . ALA A 1 108 ? 0.503   -6.053  -4.137  1.000 20.190  0 127 ALA AAA O   1 ? 
ATOM   854  C CB  . ALA A 1 108 ? -0.609  -3.927  -6.385  1.000 22.036  0 127 ALA AAA CB  1 ? 
ATOM   855  N N   . LEU A 1 109 ? 2.190   -4.950  -5.243  1.000 23.866  0 128 LEU AAA N   1 ? 
ATOM   856  C CA  . LEU A 1 109 ? 3.088   -4.676  -4.108  1.000 26.519  0 128 LEU AAA CA  1 ? 
ATOM   857  C C   . LEU A 1 109 ? 3.307   -3.159  -4.059  1.000 26.406  0 128 LEU AAA C   1 ? 
ATOM   858  O O   . LEU A 1 109 ? 3.832   -2.585  -5.022  1.000 24.738  0 128 LEU AAA O   1 ? 
ATOM   859  C CB  . LEU A 1 109 ? 4.407   -5.442  -4.272  1.000 27.102  0 128 LEU AAA CB  1 ? 
ATOM   860  C CG  . LEU A 1 109 ? 5.503   -5.067  -3.272  1.000 27.740  0 128 LEU AAA CG  1 ? 
ATOM   861  C CD1 . LEU A 1 109 ? 4.986   -5.031  -1.845  1.000 27.712  0 128 LEU AAA CD1 1 ? 
ATOM   862  C CD2 . LEU A 1 109 ? 6.676   -6.013  -3.374  1.000 28.931  0 128 LEU AAA CD2 1 ? 
ATOM   863  N N   . VAL A 1 110 ? 2.940   -2.553  -2.940  1.000 26.741  0 129 VAL AAA N   1 ? 
ATOM   864  C CA  . VAL A 1 110 ? 3.119   -1.103  -2.719  1.000 28.959  0 129 VAL AAA CA  1 ? 
ATOM   865  C C   . VAL A 1 110 ? 4.106   -0.914  -1.579  1.000 30.222  0 129 VAL AAA C   1 ? 
ATOM   866  O O   . VAL A 1 110 ? 4.069   -1.681  -0.592  1.000 35.217  0 129 VAL AAA O   1 ? 
ATOM   867  C CB  . VAL A 1 110 ? 1.770   -0.423  -2.448  1.000 28.861  0 129 VAL AAA CB  1 ? 
ATOM   868  C CG1 . VAL A 1 110 ? 1.924   1.075   -2.212  1.000 27.962  0 129 VAL AAA CG1 1 ? 
ATOM   869  C CG2 . VAL A 1 110 ? 0.822   -0.728  -3.592  1.000 27.013  0 129 VAL AAA CG2 1 ? 
ATOM   870  N N   . TYR A 1 111 ? 4.950   0.091   -1.746  1.000 27.556  0 130 TYR AAA N   1 ? 
ATOM   871  C CA  . TYR A 1 111 ? 5.945   0.520   -0.761  1.000 26.664  0 130 TYR AAA CA  1 ? 
ATOM   872  C C   . TYR A 1 111 ? 5.867   2.029   -0.611  1.000 25.427  0 130 TYR AAA C   1 ? 
ATOM   873  O O   . TYR A 1 111 ? 5.602   2.735   -1.597  1.000 27.134  0 130 TYR AAA O   1 ? 
ATOM   874  C CB  . TYR A 1 111 ? 7.325   0.089   -1.248  1.000 28.645  0 130 TYR AAA CB  1 ? 
ATOM   875  C CG  . TYR A 1 111 ? 8.464   0.423   -0.325  1.000 26.516  0 130 TYR AAA CG  1 ? 
ATOM   876  C CD1 . TYR A 1 111 ? 8.505   -0.130  0.933   1.000 28.820  0 130 TYR AAA CD1 1 ? 
ATOM   877  C CD2 . TYR A 1 111 ? 9.512   1.243   -0.718  1.000 26.982  0 130 TYR AAA CD2 1 ? 
ATOM   878  C CE1 . TYR A 1 111 ? 9.572   0.104   1.782   1.000 31.792  0 130 TYR AAA CE1 1 ? 
ATOM   879  C CE2 . TYR A 1 111 ? 10.582  1.499   0.124   1.000 27.438  0 130 TYR AAA CE2 1 ? 
ATOM   880  C CZ  . TYR A 1 111 ? 10.617  0.905   1.368   1.000 29.844  0 130 TYR AAA CZ  1 ? 
ATOM   881  O OH  . TYR A 1 111 ? 11.617  1.122   2.265   1.000 39.950  0 130 TYR AAA OH  1 ? 
ATOM   882  N N   . SER A 1 112 ? 6.120   2.481   0.608   1.000 25.127  0 131 SER AAA N   1 ? 
ATOM   883  C CA  . SER A 1 112 ? 6.327   3.892   0.983   1.000 25.983  0 131 SER AAA CA  1 ? 
ATOM   884  C C   . SER A 1 112 ? 7.412   3.911   2.048   1.000 26.774  0 131 SER AAA C   1 ? 
ATOM   885  O O   . SER A 1 112 ? 7.180   3.342   3.122   1.000 28.442  0 131 SER AAA O   1 ? 
ATOM   886  C CB  . SER A 1 112 ? 5.051   4.531   1.482   1.000 26.545  0 131 SER AAA CB  1 ? 
ATOM   887  O OG  . SER A 1 112 ? 5.310   5.700   2.262   1.000 24.267  0 131 SER AAA OG  1 ? 
ATOM   888  N N   . CYS A 1 113 ? 8.531   4.574   1.782   1.000 27.617  0 132 CYS AAA N   1 ? 
ATOM   889  C CA  . CYS A 1 113 ? 9.523   4.888   2.828   1.000 29.040  0 132 CYS AAA CA  1 ? 
ATOM   890  C C   . CYS A 1 113 ? 9.591   6.396   3.073   1.000 27.960  0 132 CYS AAA C   1 ? 
ATOM   891  O O   . CYS A 1 113 ? 9.886   7.153   2.136   1.000 32.065  0 132 CYS AAA O   1 ? 
ATOM   892  C CB  . CYS A 1 113 ? 10.869  4.274   2.476   1.000 32.644  0 132 CYS AAA CB  1 ? 
ATOM   893  S SG  . CYS A 1 113 ? 12.021  4.360   3.871   1.000 38.261  0 132 CYS AAA SG  1 ? 
ATOM   894  N N   . ILE A 1 114 ? 9.340   6.809   4.315   1.000 30.191  0 133 ILE AAA N   1 ? 
ATOM   895  C CA  . ILE A 1 114 ? 9.447   8.218   4.800   1.000 30.676  0 133 ILE AAA CA  1 ? 
ATOM   896  C C   . ILE A 1 114 ? 10.794  8.378   5.526   1.000 31.107  0 133 ILE AAA C   1 ? 
ATOM   897  O O   . ILE A 1 114 ? 10.990  7.698   6.565   1.000 31.486  0 133 ILE AAA O   1 ? 
ATOM   898  C CB  . ILE A 1 114 ? 8.263   8.581   5.719   1.000 31.670  0 133 ILE AAA CB  1 ? 
ATOM   899  C CG1 . ILE A 1 114 ? 6.943   8.662   4.954   1.000 33.956  0 133 ILE AAA CG1 1 ? 
ATOM   900  C CG2 . ILE A 1 114 ? 8.533   9.878   6.456   1.000 32.457  0 133 ILE AAA CG2 1 ? 
ATOM   901  C CD1 . ILE A 1 114 ? 6.233   7.350   4.820   1.000 36.337  0 133 ILE AAA CD1 1 ? 
ATOM   902  N N   . ASN A 1 115 ? 11.688  9.217   4.995   1.000 30.213  0 134 ASN AAA N   1 ? 
ATOM   903  C CA  . ASN A 1 115 ? 12.981  9.558   5.641   1.000 33.858  0 134 ASN AAA CA  1 ? 
ATOM   904  C C   . ASN A 1 115 ? 12.693  10.480  6.841   1.000 34.355  0 134 ASN AAA C   1 ? 
ATOM   905  O O   . ASN A 1 115 ? 11.903  11.418  6.671   1.000 36.156  0 134 ASN AAA O   1 ? 
ATOM   906  C CB  . ASN A 1 115 ? 13.973  10.131  4.625   1.000 32.909  0 134 ASN AAA CB  1 ? 
ATOM   907  C CG  . ASN A 1 115 ? 14.669  9.068   3.792   1.000 31.951  0 134 ASN AAA CG  1 ? 
ATOM   908  O OD1 . ASN A 1 115 ? 15.124  8.072   4.321   1.000 35.854  0 134 ASN AAA OD1 1 ? 
ATOM   909  N ND2 . ASN A 1 115 ? 14.780  9.255   2.493   1.000 30.376  0 134 ASN AAA ND2 1 ? 
ATOM   910  N N   . LEU A 1 116 ? 13.262  10.164  8.010   1.000 32.159  0 135 LEU AAA N   1 ? 
ATOM   911  C CA  . LEU A 1 116 ? 13.132  10.909  9.294   1.000 36.458  0 135 LEU AAA CA  1 ? 
ATOM   912  C C   . LEU A 1 116 ? 14.538  11.217  9.809   1.000 36.269  0 135 LEU AAA C   1 ? 
ATOM   913  O O   . LEU A 1 116 ? 14.890  10.686  10.870  1.000 34.538  0 135 LEU AAA O   1 ? 
ATOM   914  C CB  . LEU A 1 116 ? 12.405  10.069  10.355  1.000 36.821  0 135 LEU AAA CB  1 ? 
ATOM   915  C CG  . LEU A 1 116 ? 10.873  10.013  10.346  1.000 38.434  0 135 LEU AAA CG  1 ? 
ATOM   916  C CD1 . LEU A 1 116 ? 10.250  11.137  9.530   1.000 38.559  0 135 LEU AAA CD1 1 ? 
ATOM   917  C CD2 . LEU A 1 116 ? 10.382  8.655   9.875   1.000 38.323  0 135 LEU AAA CD2 1 ? 
ATOM   918  N N   . GLY A 1 117 ? 15.305  12.008  9.059   1.000 36.431  0 136 GLY AAA N   1 ? 
ATOM   919  C CA  . GLY A 1 117 ? 16.738  12.243  9.313   1.000 38.616  0 136 GLY AAA CA  1 ? 
ATOM   920  C C   . GLY A 1 117 ? 17.548  10.960  9.169   1.000 38.102  0 136 GLY AAA C   1 ? 
ATOM   921  O O   . GLY A 1 117 ? 17.723  10.469  8.031   1.000 34.660  0 136 GLY AAA O   1 ? 
ATOM   922  N N   . ALA A 1 118 ? 17.992  10.412  10.294  1.000 37.421  0 137 ALA AAA N   1 ? 
ATOM   923  C CA  . ALA A 1 118 ? 18.921  9.263   10.364  1.000 35.840  0 137 ALA AAA CA  1 ? 
ATOM   924  C C   . ALA A 1 118 ? 18.116  7.959   10.410  1.000 33.163  0 137 ALA AAA C   1 ? 
ATOM   925  O O   . ALA A 1 118 ? 18.693  6.911   10.155  1.000 36.549  0 137 ALA AAA O   1 ? 
ATOM   926  C CB  . ALA A 1 118 ? 19.840  9.436   11.545  1.000 31.582  0 137 ALA AAA CB  1 ? 
ATOM   927  N N   . SER A 1 119 ? 16.820  8.050   10.705  1.000 32.852  0 138 SER AAA N   1 ? 
ATOM   928  C CA  . SER A 1 119 ? 15.864  6.923   10.771  1.000 30.087  0 138 SER AAA CA  1 ? 
ATOM   929  C C   . SER A 1 119 ? 14.831  7.038   9.642   1.000 29.291  0 138 SER AAA C   1 ? 
ATOM   930  O O   . SER A 1 119 ? 14.986  7.872   8.775   1.000 24.330  0 138 SER AAA O   1 ? 
ATOM   931  C CB  . SER A 1 119 ? 15.235  6.899   12.114  1.000 30.575  0 138 SER AAA CB  1 ? 
ATOM   932  O OG  . SER A 1 119 ? 16.231  6.618   13.074  1.000 41.179  0 138 SER AAA OG  1 ? 
ATOM   933  N N   . HIS A 1 120 ? 13.794  6.202   9.655   1.000 32.673  0 139 HIS AAA N   1 ? 
ATOM   934  C CA  . HIS A 1 120 ? 12.810  6.122   8.551   1.000 29.341  0 139 HIS AAA CA  1 ? 
ATOM   935  C C   . HIS A 1 120 ? 11.579  5.383   9.070   1.000 29.033  0 139 HIS AAA C   1 ? 
ATOM   936  O O   . HIS A 1 120 ? 11.652  4.711   10.144  1.000 29.045  0 139 HIS AAA O   1 ? 
ATOM   937  C CB  . HIS A 1 120 ? 13.437  5.504   7.287   1.000 28.099  0 139 HIS AAA CB  1 ? 
ATOM   938  C CG  . HIS A 1 120 ? 13.540  4.020   7.365   1.000 33.143  0 139 HIS AAA CG  1 ? 
ATOM   939  N ND1 . HIS A 1 120 ? 14.687  3.378   7.808   1.000 34.515  0 139 HIS AAA ND1 1 ? 
ATOM   940  C CD2 . HIS A 1 120 ? 12.631  3.042   7.126   1.000 33.098  0 139 HIS AAA CD2 1 ? 
ATOM   941  C CE1 . HIS A 1 120 ? 14.481  2.074   7.818   1.000 33.490  0 139 HIS AAA CE1 1 ? 
ATOM   942  N NE2 . HIS A 1 120 ? 13.223  1.840   7.406   1.000 32.266  0 139 HIS AAA NE2 1 ? 
ATOM   943  N N   . ALA A 1 121 ? 10.466  5.619   8.391   1.000 28.134  0 140 ALA AAA N   1 ? 
ATOM   944  C CA  . ALA A 1 121 ? 9.182   4.910   8.568   1.000 29.089  0 140 ALA AAA CA  1 ? 
ATOM   945  C C   . ALA A 1 121 ? 8.830   4.285   7.216   1.000 25.812  0 140 ALA AAA C   1 ? 
ATOM   946  O O   . ALA A 1 121 ? 8.918   4.982   6.236   1.000 28.854  0 140 ALA AAA O   1 ? 
ATOM   947  C CB  . ALA A 1 121 ? 8.123   5.880   9.040   1.000 27.587  0 140 ALA AAA CB  1 ? 
ATOM   948  N N   . ALA A 1 122 ? 8.496   3.006   7.195   1.000 25.896  0 141 ALA AAA N   1 ? 
ATOM   949  C CA  . ALA A 1 122 ? 8.235   2.190   5.983   1.000 27.254  0 141 ALA AAA CA  1 ? 
ATOM   950  C C   . ALA A 1 122 ? 6.805   1.663   6.024   1.000 26.340  0 141 ALA AAA C   1 ? 
ATOM   951  O O   . ALA A 1 122 ? 6.401   1.132   7.073   1.000 26.702  0 141 ALA AAA O   1 ? 
ATOM   952  C CB  . ALA A 1 122 ? 9.208   1.029   5.906   1.000 26.696  0 141 ALA AAA CB  1 ? 
ATOM   953  N N   . TYR A 1 123 ? 6.087   1.786   4.913   1.000 29.145  0 142 TYR AAA N   1 ? 
ATOM   954  C CA  . TYR A 1 123 ? 4.795   1.104   4.678   1.000 32.807  0 142 TYR AAA CA  1 ? 
ATOM   955  C C   . TYR A 1 123 ? 5.016   0.191   3.478   1.000 30.047  0 142 TYR AAA C   1 ? 
ATOM   956  O O   . TYR A 1 123 ? 5.754   0.538   2.536   1.000 24.637  0 142 TYR AAA O   1 ? 
ATOM   957  C CB  . TYR A 1 123 ? 3.631   2.104   4.565   1.000 41.309  0 142 TYR AAA CB  1 ? 
ATOM   958  C CG  . TYR A 1 123 ? 3.656   3.167   5.637   1.000 52.049  0 142 TYR AAA CG  1 ? 
ATOM   959  C CD1 . TYR A 1 123 ? 3.958   2.817   6.946   1.000 59.639  0 142 TYR AAA CD1 1 ? 
ATOM   960  C CD2 . TYR A 1 123 ? 3.457   4.515   5.362   1.000 55.585  0 142 TYR AAA CD2 1 ? 
ATOM   961  C CE1 . TYR A 1 123 ? 4.056   3.763   7.952   1.000 65.343  0 142 TYR AAA CE1 1 ? 
ATOM   962  C CE2 . TYR A 1 123 ? 3.524   5.474   6.368   1.000 61.526  0 142 TYR AAA CE2 1 ? 
ATOM   963  C CZ  . TYR A 1 123 ? 3.832   5.096   7.668   1.000 63.881  0 142 TYR AAA CZ  1 ? 
ATOM   964  O OH  . TYR A 1 123 ? 3.932   5.975   8.708   1.000 61.887  0 142 TYR AAA OH  1 ? 
ATOM   965  N N   . ALA A 1 124 ? 4.410   -0.980  3.550   1.000 29.063  0 143 ALA AAA N   1 ? 
ATOM   966  C CA  . ALA A 1 124 ? 4.558   -2.031  2.531   1.000 34.928  0 143 ALA AAA CA  1 ? 
ATOM   967  C C   . ALA A 1 124 ? 3.327   -2.916  2.659   1.000 36.291  0 143 ALA AAA C   1 ? 
ATOM   968  O O   . ALA A 1 124 ? 3.121   -3.464  3.760   1.000 31.724  0 143 ALA AAA O   1 ? 
ATOM   969  C CB  . ALA A 1 124 ? 5.856   -2.798  2.725   1.000 30.659  0 143 ALA AAA CB  1 ? 
ATOM   970  N N   . SER A 1 125 ? 2.524   -2.990  1.597   1.000 34.624  0 144 SER AAA N   1 ? 
ATOM   971  C CA  . SER A 1 125 ? 1.361   -3.904  1.539   1.000 35.452  0 144 SER AAA CA  1 ? 
ATOM   972  C C   . SER A 1 125 ? 1.474   -4.820  0.328   1.000 30.844  0 144 SER AAA C   1 ? 
ATOM   973  O O   . SER A 1 125 ? 1.941   -4.374  -0.746  1.000 31.061  0 144 SER AAA O   1 ? 
ATOM   974  C CB  . SER A 1 125 ? 0.075   -3.143  1.548   1.000 37.203  0 144 SER AAA CB  1 ? 
ATOM   975  O OG  . SER A 1 125 ? 0.096   -2.218  2.634   1.000 39.854  0 144 SER AAA OG  1 ? 
ATOM   976  N N   . ILE A 1 126 ? 1.067   -6.064  0.532   1.000 26.856  0 145 ILE AAA N   1 ? 
ATOM   977  C CA  . ILE A 1 126 ? 0.661   -6.978  -0.561  1.000 28.124  0 145 ILE AAA CA  1 ? 
ATOM   978  C C   . ILE A 1 126 ? -0.856  -6.886  -0.637  1.000 24.736  0 145 ILE AAA C   1 ? 
ATOM   979  O O   . ILE A 1 126 ? -1.505  -7.195  0.380   1.000 22.974  0 145 ILE AAA O   1 ? 
ATOM   980  C CB  . ILE A 1 126 ? 1.190   -8.412  -0.327  1.000 32.136  0 145 ILE AAA CB  1 ? 
ATOM   981  C CG1 . ILE A 1 126 ? 2.706   -8.458  -0.493  1.000 31.469  0 145 ILE AAA CG1 1 ? 
ATOM   982  C CG2 . ILE A 1 126 ? 0.497   -9.402  -1.253  1.000 34.130  0 145 ILE AAA CG2 1 ? 
ATOM   983  C CD1 . ILE A 1 126 ? 3.328   -9.813  -0.179  1.000 35.163  0 145 ILE AAA CD1 1 ? 
ATOM   984  N N   . VAL A 1 127 ? -1.376  -6.448  -1.791  1.000 25.428  0 146 VAL AAA N   1 ? 
ATOM   985  C CA  . VAL A 1 127 ? -2.838  -6.279  -2.050  1.000 25.329  0 146 VAL AAA CA  1 ? 
ATOM   986  C C   . VAL A 1 127 ? -3.311  -7.222  -3.155  1.000 24.496  0 146 VAL AAA C   1 ? 
ATOM   987  O O   . VAL A 1 127 ? -2.494  -7.659  -3.950  1.000 23.145  0 146 VAL AAA O   1 ? 
ATOM   988  C CB  . VAL A 1 127 ? -3.203  -4.824  -2.371  1.000 24.278  0 146 VAL AAA CB  1 ? 
ATOM   989  C CG1 . VAL A 1 127 ? -3.024  -3.948  -1.150  1.000 24.632  0 146 VAL AAA CG1 1 ? 
ATOM   990  C CG2 . VAL A 1 127 ? -2.428  -4.278  -3.554  1.000 24.406  0 146 VAL AAA CG2 1 ? 
ATOM   991  N N   . SER A 1 128 ? -4.615  -7.489  -3.169  1.000 26.277  0 147 SER AAA N   1 ? 
ATOM   992  C CA  . SER A 1 128 ? -5.296  -8.402  -4.109  1.000 28.770  0 147 SER AAA CA  1 ? 
ATOM   993  C C   . SER A 1 128 ? -6.653  -7.816  -4.540  1.000 31.732  0 147 SER AAA C   1 ? 
ATOM   994  O O   . SER A 1 128 ? -7.283  -7.100  -3.732  1.000 25.924  0 147 SER AAA O   1 ? 
ATOM   995  C CB  . SER A 1 128 ? -5.457  -9.746  -3.457  1.000 30.882  0 147 SER AAA CB  1 ? 
ATOM   996  O OG  . SER A 1 128 ? -6.167  -10.647 -4.295  1.000 34.028  0 147 SER AAA OG  1 ? 
ATOM   997  N N   . ARG A 1 129 ? -7.088  -8.144  -5.768  1.000 33.090  0 148 ARG AAA N   1 ? 
ATOM   998  C CA  . ARG A 1 129 ? -8.449  -7.856  -6.288  1.000 33.422  0 148 ARG AAA CA  1 ? 
ATOM   999  C C   . ARG A 1 129 ? -9.478  -8.723  -5.543  1.000 35.625  0 148 ARG AAA C   1 ? 
ATOM   1000 O O   . ARG A 1 129 ? -10.682 -8.376  -5.599  1.000 37.349  0 148 ARG AAA O   1 ? 
ATOM   1001 C CB  . ARG A 1 129 ? -8.491  -8.075  -7.803  1.000 30.452  0 148 ARG AAA CB  1 ? 
ATOM   1002 C CG  . ARG A 1 129 ? -7.641  -7.085  -8.588  1.000 29.845  0 148 ARG AAA CG  1 ? 
ATOM   1003 C CD  . ARG A 1 129 ? -8.007  -5.643  -8.331  1.000 27.868  0 148 ARG AAA CD  1 ? 
ATOM   1004 N NE  . ARG A 1 129 ? -7.549  -4.766  -9.382  1.000 29.185  0 148 ARG AAA NE  1 ? 
ATOM   1005 C CZ  . ARG A 1 129 ? -7.930  -3.496  -9.531  1.000 30.118  0 148 ARG AAA CZ  1 ? 
ATOM   1006 N NH1 . ARG A 1 129 ? -8.747  -2.931  -8.654  1.000 34.095  0 148 ARG AAA NH1 1 ? 
ATOM   1007 N NH2 . ARG A 1 129 ? -7.447  -2.779  -10.525 1.000 27.952  0 148 ARG AAA NH2 1 ? 
ATOM   1008 N N   . GLN A 1 130 ? -9.014  -9.796  -4.882  1.000 35.828  0 149 GLN AAA N   1 ? 
ATOM   1009 C CA  . GLN A 1 130 ? -9.820  -10.744 -4.062  1.000 36.039  0 149 GLN AAA CA  1 ? 
ATOM   1010 C C   . GLN A 1 130 ? -9.387  -10.615 -2.610  1.000 37.452  0 149 GLN AAA C   1 ? 
ATOM   1011 O O   . GLN A 1 130 ? -8.296  -10.126 -2.303  1.000 32.642  0 149 GLN AAA O   1 ? 
ATOM   1012 C CB  . GLN A 1 130 ? -9.583  -12.211 -4.455  1.000 39.279  0 149 GLN AAA CB  1 ? 
ATOM   1013 C CG  . GLN A 1 130 ? -9.988  -12.601 -5.868  1.000 39.674  0 149 GLN AAA CG  1 ? 
ATOM   1014 C CD  . GLN A 1 130 ? -11.422 -12.236 -6.160  1.000 43.111  0 149 GLN AAA CD  1 ? 
ATOM   1015 O OE1 . GLN A 1 130 ? -12.281 -12.256 -5.278  1.000 46.618  0 149 GLN AAA OE1 1 ? 
ATOM   1016 N NE2 . GLN A 1 130 ? -11.685 -11.864 -7.405  1.000 44.601  0 149 GLN AAA NE2 1 ? 
ATOM   1017 N N   . PRO A 1 131 ? -10.217 -11.088 -1.658  1.000 37.596  0 150 PRO AAA N   1 ? 
ATOM   1018 C CA  . PRO A 1 131 ? -9.849  -11.007 -0.249  1.000 34.234  0 150 PRO AAA CA  1 ? 
ATOM   1019 C C   . PRO A 1 131 ? -8.703  -11.972 0.113   1.000 34.061  0 150 PRO AAA C   1 ? 
ATOM   1020 O O   . PRO A 1 131 ? -8.252  -11.933 1.272   1.000 30.904  0 150 PRO AAA O   1 ? 
ATOM   1021 C CB  . PRO A 1 131 ? -11.161 -11.307 0.500   1.000 36.309  0 150 PRO AAA CB  1 ? 
ATOM   1022 C CG  . PRO A 1 131 ? -12.080 -11.991 -0.510  1.000 37.831  0 150 PRO AAA CG  1 ? 
ATOM   1023 C CD  . PRO A 1 131 ? -11.562 -11.639 -1.889  1.000 37.234  0 150 PRO AAA CD  1 ? 
ATOM   1024 N N   . THR A 1 132 ? -8.273  -12.818 -0.844  1.000 32.877  0 151 THR AAA N   1 ? 
ATOM   1025 C CA  . THR A 1 132 ? -7.128  -13.773 -0.716  1.000 30.267  0 151 THR AAA CA  1 ? 
ATOM   1026 C C   . THR A 1 132 ? -6.227  -13.673 -1.951  1.000 28.748  0 151 THR AAA C   1 ? 
ATOM   1027 O O   . THR A 1 132 ? -6.683  -13.137 -2.992  1.000 30.240  0 151 THR AAA O   1 ? 
ATOM   1028 C CB  . THR A 1 132 ? -7.577  -15.233 -0.524  1.000 29.374  0 151 THR AAA CB  1 ? 
ATOM   1029 O OG1 . THR A 1 132 ? -8.579  -15.565 -1.478  1.000 32.093  0 151 THR AAA OG1 1 ? 
ATOM   1030 C CG2 . THR A 1 132 ? -8.159  -15.535 0.833   1.000 30.665  0 151 THR AAA CG2 1 ? 
ATOM   1031 N N   . LEU A 1 133 ? -5.012  -14.201 -1.838  1.000 27.779  0 152 LEU AAA N   1 ? 
ATOM   1032 C CA  . LEU A 1 133 ? -3.969  -14.208 -2.904  1.000 31.371  0 152 LEU AAA CA  1 ? 
ATOM   1033 C C   . LEU A 1 133 ? -3.194  -15.529 -2.829  1.000 32.368  0 152 LEU AAA C   1 ? 
ATOM   1034 O O   . LEU A 1 133 ? -2.881  -15.988 -1.730  1.000 27.214  0 152 LEU AAA O   1 ? 
ATOM   1035 C CB  . LEU A 1 133 ? -3.051  -12.995 -2.682  1.000 30.582  0 152 LEU AAA CB  1 ? 
ATOM   1036 C CG  . LEU A 1 133 ? -2.137  -12.606 -3.834  1.000 30.352  0 152 LEU AAA CG  1 ? 
ATOM   1037 C CD1 . LEU A 1 133 ? -2.922  -12.139 -5.042  1.000 31.170  0 152 LEU AAA CD1 1 ? 
ATOM   1038 C CD2 . LEU A 1 133 ? -1.141  -11.545 -3.398  1.000 31.687  0 152 LEU AAA CD2 1 ? 
ATOM   1039 N N   . PRO A 1 134 ? -2.898  -16.210 -3.969  1.000 34.053  0 153 PRO AAA N   1 ? 
ATOM   1040 C CA  . PRO A 1 134 ? -2.183  -17.495 -3.933  1.000 34.782  0 153 PRO AAA CA  1 ? 
ATOM   1041 C C   . PRO A 1 134 ? -0.847  -17.386 -3.178  1.000 36.629  0 153 PRO AAA C   1 ? 
ATOM   1042 O O   . PRO A 1 134 ? -0.165  -16.415 -3.373  1.000 35.240  0 153 PRO AAA O   1 ? 
ATOM   1043 C CB  . PRO A 1 134 ? -1.978  -17.875 -5.410  1.000 34.395  0 153 PRO AAA CB  1 ? 
ATOM   1044 C CG  . PRO A 1 134 ? -3.049  -17.087 -6.172  1.000 35.227  0 153 PRO AAA CG  1 ? 
ATOM   1045 C CD  . PRO A 1 134 ? -3.312  -15.842 -5.336  1.000 35.067  0 153 PRO AAA CD  1 ? 
ATOM   1046 N N   . GLU A 1 135 ? -0.551  -18.359 -2.306  1.000 41.865  0 154 GLU AAA N   1 ? 
ATOM   1047 C CA  . GLU A 1 135 ? 0.654   -18.407 -1.433  1.000 44.675  0 154 GLU AAA CA  1 ? 
ATOM   1048 C C   . GLU A 1 135 ? 1.927   -18.358 -2.281  1.000 44.473  0 154 GLU AAA C   1 ? 
ATOM   1049 O O   . GLU A 1 135 ? 2.956   -17.957 -1.726  1.000 44.963  0 154 GLU AAA O   1 ? 
ATOM   1050 C CB  . GLU A 1 135 ? 0.690   -19.660 -0.552  1.000 49.491  0 154 GLU AAA CB  1 ? 
ATOM   1051 C CG  . GLU A 1 135 ? -0.375  -19.688 0.537   1.000 57.623  0 154 GLU AAA CG  1 ? 
ATOM   1052 C CD  . GLU A 1 135 ? 0.093   -20.092 1.934   1.000 67.968  0 154 GLU AAA CD  1 ? 
ATOM   1053 O OE1 . GLU A 1 135 ? 0.866   -21.096 2.054   1.000 75.622  0 154 GLU AAA OE1 1 ? 
ATOM   1054 O OE2 . GLU A 1 135 ? -0.320  -19.404 2.915   1.000 58.227  0 154 GLU AAA OE2 1 ? 
ATOM   1055 N N   . GLU A 1 136 ? 1.858   -18.718 -3.565  1.000 45.067  0 155 GLU AAA N   1 ? 
ATOM   1056 C CA  . GLU A 1 136 ? 2.999   -18.611 -4.514  1.000 46.841  0 155 GLU AAA CA  1 ? 
ATOM   1057 C C   . GLU A 1 136 ? 3.306   -17.138 -4.798  1.000 45.036  0 155 GLU AAA C   1 ? 
ATOM   1058 O O   . GLU A 1 136 ? 4.530   -16.767 -4.778  1.000 37.080  0 155 GLU AAA O   1 ? 
ATOM   1059 C CB  . GLU A 1 136 ? 2.704   -19.321 -5.834  1.000 53.905  0 155 GLU AAA CB  1 ? 
ATOM   1060 C CG  . GLU A 1 136 ? 2.276   -20.768 -5.667  1.000 61.567  0 155 GLU AAA CG  1 ? 
ATOM   1061 C CD  . GLU A 1 136 ? 0.782   -20.924 -5.447  1.000 62.415  0 155 GLU AAA CD  1 ? 
ATOM   1062 O OE1 . GLU A 1 136 ? 0.402   -21.521 -4.428  1.000 65.627  0 155 GLU AAA OE1 1 ? 
ATOM   1063 O OE2 . GLU A 1 136 ? 0.007   -20.427 -6.289  1.000 63.275  0 155 GLU AAA OE2 1 ? 
ATOM   1064 N N   . THR A 1 137 ? 2.253   -16.348 -5.072  1.000 38.447  0 156 THR AAA N   1 ? 
ATOM   1065 C CA  . THR A 1 137 ? 2.352   -14.922 -5.465  1.000 36.065  0 156 THR AAA CA  1 ? 
ATOM   1066 C C   . THR A 1 137 ? 2.935   -14.172 -4.268  1.000 34.040  0 156 THR AAA C   1 ? 
ATOM   1067 O O   . THR A 1 137 ? 3.868   -13.389 -4.449  1.000 38.895  0 156 THR AAA O   1 ? 
ATOM   1068 C CB  . THR A 1 137 ? 1.007   -14.370 -5.969  1.000 37.223  0 156 THR AAA CB  1 ? 
ATOM   1069 O OG1 . THR A 1 137 ? 0.618   -14.983 -7.199  1.000 41.342  0 156 THR AAA OG1 1 ? 
ATOM   1070 C CG2 . THR A 1 137 ? 1.050   -12.892 -6.275  1.000 37.311  0 156 THR AAA CG2 1 ? 
ATOM   1071 N N   . ILE A 1 138 ? 2.459   -14.491 -3.074  1.000 32.376  0 157 ILE AAA N   1 ? 
ATOM   1072 C CA  . ILE A 1 138 ? 2.855   -13.844 -1.795  1.000 31.840  0 157 ILE AAA CA  1 ? 
ATOM   1073 C C   . ILE A 1 138 ? 4.345   -14.111 -1.544  1.000 33.122  0 157 ILE AAA C   1 ? 
ATOM   1074 O O   . ILE A 1 138 ? 5.056   -13.192 -1.072  1.000 28.521  0 157 ILE AAA O   1 ? 
ATOM   1075 C CB  . ILE A 1 138 ? 1.951   -14.356 -0.659  1.000 32.424  0 157 ILE AAA CB  1 ? 
ATOM   1076 C CG1 . ILE A 1 138 ? 0.472   -14.063 -0.956  1.000 34.172  0 157 ILE AAA CG1 1 ? 
ATOM   1077 C CG2 . ILE A 1 138 ? 2.394   -13.792 0.682   1.000 31.747  0 157 ILE AAA CG2 1 ? 
ATOM   1078 C CD1 . ILE A 1 138 ? -0.514  -14.578 0.095   1.000 33.592  0 157 ILE AAA CD1 1 ? 
ATOM   1079 N N   . LYS A 1 139 ? 4.803   -15.321 -1.880  1.000 37.260  0 158 LYS AAA N   1 ? 
ATOM   1080 C CA  . LYS A 1 139 ? 6.211   -15.756 -1.712  1.000 37.051  0 158 LYS AAA CA  1 ? 
ATOM   1081 C C   . LYS A 1 139 ? 7.107   -14.910 -2.615  1.000 33.720  0 158 LYS AAA C   1 ? 
ATOM   1082 O O   . LYS A 1 139 ? 8.094   -14.408 -2.102  1.000 31.201  0 158 LYS AAA O   1 ? 
ATOM   1083 C CB  . LYS A 1 139 ? 6.395   -17.240 -2.038  1.000 43.328  0 158 LYS AAA CB  1 ? 
ATOM   1084 C CG  . LYS A 1 139 ? 7.418   -17.928 -1.157  1.000 47.343  0 158 LYS AAA CG  1 ? 
ATOM   1085 C CD  . LYS A 1 139 ? 8.228   -19.025 -1.814  1.000 47.087  0 158 LYS AAA CD  1 ? 
ATOM   1086 C CE  . LYS A 1 139 ? 9.263   -19.544 -0.828  1.000 50.722  0 158 LYS AAA CE  1 ? 
ATOM   1087 N NZ  . LYS A 1 139 ? 10.653  -19.463 -1.340  1.000 51.846  0 158 LYS AAA NZ  1 ? 
ATOM   1088 N N   . LYS A 1 140 ? 6.744   -14.750 -3.893  1.000 34.078  0 159 LYS AAA N   1 ? 
ATOM   1089 C CA  . LYS A 1 140 ? 7.489   -13.937 -4.896  1.000 33.903  0 159 LYS AAA CA  1 ? 
ATOM   1090 C C   . LYS A 1 140 ? 7.573   -12.480 -4.410  1.000 34.066  0 159 LYS AAA C   1 ? 
ATOM   1091 O O   . LYS A 1 140 ? 8.676   -11.891 -4.421  1.000 32.038  0 159 LYS AAA O   1 ? 
ATOM   1092 C CB  . LYS A 1 140 ? 6.805   -13.973 -6.271  1.000 37.810  0 159 LYS AAA CB  1 ? 
ATOM   1093 C CG  . LYS A 1 140 ? 7.090   -15.201 -7.137  1.000 45.875  0 159 LYS AAA CG  1 ? 
ATOM   1094 C CD  . LYS A 1 140 ? 7.432   -14.876 -8.603  1.000 48.314  0 159 LYS AAA CD  1 ? 
ATOM   1095 C CE  . LYS A 1 140 ? 6.265   -15.008 -9.566  1.000 51.277  0 159 LYS AAA CE  1 ? 
ATOM   1096 N NZ  . LYS A 1 140 ? 6.591   -14.517 -10.932 1.000 46.205  0 159 LYS AAA NZ  1 ? 
ATOM   1097 N N   . LEU A 1 141 ? 6.439   -11.910 -4.003  1.000 31.227  0 160 LEU AAA N   1 ? 
ATOM   1098 C CA  . LEU A 1 141 ? 6.365   -10.494 -3.558  1.000 33.116  0 160 LEU AAA CA  1 ? 
ATOM   1099 C C   . LEU A 1 141 ? 7.161   -10.323 -2.261  1.000 30.565  0 160 LEU AAA C   1 ? 
ATOM   1100 O O   . LEU A 1 141 ? 7.946   -9.369  -2.214  1.000 28.169  0 160 LEU AAA O   1 ? 
ATOM   1101 C CB  . LEU A 1 141 ? 4.900   -10.066 -3.410  1.000 32.022  0 160 LEU AAA CB  1 ? 
ATOM   1102 C CG  . LEU A 1 141 ? 4.081   -10.195 -4.693  1.000 29.416  0 160 LEU AAA CG  1 ? 
ATOM   1103 C CD1 . LEU A 1 141 ? 2.611   -9.940  -4.428  1.000 26.639  0 160 LEU AAA CD1 1 ? 
ATOM   1104 C CD2 . LEU A 1 141 ? 4.620   -9.266  -5.776  1.000 29.903  0 160 LEU AAA CD2 1 ? 
ATOM   1105 N N   . GLN A 1 142 ? 6.996   -11.215 -1.276  1.000 29.916  0 161 GLN AAA N   1 ? 
ATOM   1106 C CA  . GLN A 1 142 ? 7.834   -11.228 -0.040  1.000 32.609  0 161 GLN AAA CA  1 ? 
ATOM   1107 C C   . GLN A 1 142 ? 9.324   -11.277 -0.411  1.000 32.814  0 161 GLN AAA C   1 ? 
ATOM   1108 O O   . GLN A 1 142 ? 10.128  -10.676 0.297   1.000 34.774  0 161 GLN AAA O   1 ? 
ATOM   1109 C CB  . GLN A 1 142 ? 7.521   -12.441 0.839   1.000 34.974  0 161 GLN AAA CB  1 ? 
ATOM   1110 C CG  . GLN A 1 142 ? 6.316   -12.251 1.746   1.000 37.448  0 161 GLN AAA CG  1 ? 
ATOM   1111 C CD  . GLN A 1 142 ? 6.089   -13.448 2.637   1.000 44.127  0 161 GLN AAA CD  1 ? 
ATOM   1112 O OE1 . GLN A 1 142 ? 6.787   -14.460 2.552   1.000 47.695  0 161 GLN AAA OE1 1 ? 
ATOM   1113 N NE2 . GLN A 1 142 ? 5.115   -13.332 3.520   1.000 42.885  0 161 GLN AAA NE2 1 ? 
ATOM   1114 N N   . GLY A 1 143 ? 9.663   -12.041 -1.445  1.000 33.433  0 162 GLY AAA N   1 ? 
ATOM   1115 C CA  . GLY A 1 143 ? 11.018  -12.148 -2.017  1.000 37.274  0 162 GLY AAA CA  1 ? 
ATOM   1116 C C   . GLY A 1 143 ? 11.559  -10.803 -2.458  1.000 34.249  0 162 GLY AAA C   1 ? 
ATOM   1117 O O   . GLY A 1 143 ? 12.700  -10.491 -2.104  1.000 38.388  0 162 GLY AAA O   1 ? 
ATOM   1118 N N   . THR A 1 144 ? 10.768  -10.036 -3.201  1.000 34.408  0 163 THR AAA N   1 ? 
ATOM   1119 C CA  . THR A 1 144 ? 11.093  -8.650  -3.627  1.000 30.317  0 163 THR AAA CA  1 ? 
ATOM   1120 C C   . THR A 1 144 ? 11.310  -7.784  -2.390  1.000 28.664  0 163 THR AAA C   1 ? 
ATOM   1121 O O   . THR A 1 144 ? 12.231  -6.952  -2.397  1.000 29.941  0 163 THR AAA O   1 ? 
ATOM   1122 C CB  . THR A 1 144 ? 9.980   -8.113  -4.523  1.000 30.457  0 163 THR AAA CB  1 ? 
ATOM   1123 O OG1 . THR A 1 144 ? 9.830   -9.147  -5.486  1.000 30.125  0 163 THR AAA OG1 1 ? 
ATOM   1124 C CG2 . THR A 1 144 ? 10.299  -6.792  -5.188  1.000 30.039  0 163 THR AAA CG2 1 ? 
ATOM   1125 N N   . MET A 1 145 ? 10.516  -8.002  -1.347  1.000 28.471  0 164 MET AAA N   1 ? 
ATOM   1126 C CA  . MET A 1 145 ? 10.520  -7.127  -0.153  1.000 29.589  0 164 MET AAA CA  1 ? 
ATOM   1127 C C   . MET A 1 145 ? 11.829  -7.280  0.617   1.000 28.559  0 164 MET AAA C   1 ? 
ATOM   1128 O O   . MET A 1 145 ? 12.450  -6.246  0.916   1.000 25.409  0 164 MET AAA O   1 ? 
ATOM   1129 C CB  . MET A 1 145 ? 9.323   -7.414  0.749   1.000 33.002  0 164 MET AAA CB  1 ? 
ATOM   1130 C CG  . MET A 1 145 ? 8.118   -6.605  0.352   1.000 38.580  0 164 MET AAA CG  1 ? 
ATOM   1131 S SD  . MET A 1 145 ? 6.722   -6.682  1.512   1.000 50.910  0 164 MET AAA SD  1 ? 
ATOM   1132 C CE  . MET A 1 145 ? 6.085   -8.298  1.073   1.000 43.099  0 164 MET AAA CE  1 ? 
ATOM   1133 N N   . SER A 1 146 ? 12.209  -8.520  0.927   1.000 30.218  0 165 SER AAA N   1 ? 
ATOM   1134 C CA  . SER A 1 146 ? 13.467  -8.901  1.618   1.000 33.719  0 165 SER AAA CA  1 ? 
ATOM   1135 C C   . SER A 1 146 ? 14.681  -8.290  0.907   1.000 34.107  0 165 SER AAA C   1 ? 
ATOM   1136 O O   . SER A 1 146 ? 15.628  -7.954  1.600   1.000 34.216  0 165 SER AAA O   1 ? 
ATOM   1137 C CB  . SER A 1 146 ? 13.608  -10.406 1.726   1.000 39.553  0 165 SER AAA CB  1 ? 
ATOM   1138 O OG  . SER A 1 146 ? 13.207  -10.870 3.015   1.000 48.199  0 165 SER AAA OG  1 ? 
ATOM   1139 N N   . SER A 1 147 ? 14.645  -8.129  -0.419  1.000 34.834  0 166 SER AAA N   1 ? 
ATOM   1140 C CA  . SER A 1 147 ? 15.779  -7.610  -1.240  1.000 36.414  0 166 SER AAA CA  1 ? 
ATOM   1141 C C   . SER A 1 147 ? 16.059  -6.113  -0.987  1.000 37.244  0 166 SER AAA C   1 ? 
ATOM   1142 O O   . SER A 1 147 ? 17.100  -5.640  -1.478  1.000 35.922  0 166 SER AAA O   1 ? 
ATOM   1143 C CB  . SER A 1 147 ? 15.518  -7.838  -2.704  1.000 32.412  0 166 SER AAA CB  1 ? 
ATOM   1144 O OG  . SER A 1 147 ? 14.681  -6.809  -3.193  1.000 31.749  0 166 SER AAA OG  1 ? 
ATOM   1145 N N   . PHE A 1 148 ? 15.156  -5.363  -0.338  1.000 35.958  0 167 PHE AAA N   1 ? 
ATOM   1146 C CA  . PHE A 1 148 ? 15.384  -3.929  -0.025  1.000 35.528  0 167 PHE AAA CA  1 ? 
ATOM   1147 C C   . PHE A 1 148 ? 15.121  -3.653  1.457   1.000 33.046  0 167 PHE AAA C   1 ? 
ATOM   1148 O O   . PHE A 1 148 ? 14.904  -2.497  1.782   1.000 34.440  0 167 PHE AAA O   1 ? 
ATOM   1149 C CB  . PHE A 1 148 ? 14.646  -2.995  -0.997  1.000 38.162  0 167 PHE AAA CB  1 ? 
ATOM   1150 C CG  . PHE A 1 148 ? 13.149  -3.154  -1.126  1.000 38.377  0 167 PHE AAA CG  1 ? 
ATOM   1151 C CD1 . PHE A 1 148 ? 12.288  -2.606  -0.186  1.000 41.635  0 167 PHE AAA CD1 1 ? 
ATOM   1152 C CD2 . PHE A 1 148 ? 12.595  -3.795  -2.223  1.000 39.976  0 167 PHE AAA CD2 1 ? 
ATOM   1153 C CE1 . PHE A 1 148 ? 10.909  -2.722  -0.317  1.000 42.981  0 167 PHE AAA CE1 1 ? 
ATOM   1154 C CE2 . PHE A 1 148 ? 11.217  -3.914  -2.356  1.000 45.674  0 167 PHE AAA CE2 1 ? 
ATOM   1155 C CZ  . PHE A 1 148 ? 10.371  -3.385  -1.397  1.000 44.748  0 167 PHE AAA CZ  1 ? 
ATOM   1156 N N   . GLY A 1 149 ? 15.290  -4.639  2.341   1.000 33.931  0 168 GLY AAA N   1 ? 
ATOM   1157 C CA  . GLY A 1 149 ? 15.474  -4.394  3.786   1.000 33.845  0 168 GLY AAA CA  1 ? 
ATOM   1158 C C   . GLY A 1 149 ? 14.185  -4.457  4.587   1.000 38.899  0 168 GLY AAA C   1 ? 
ATOM   1159 O O   . GLY A 1 149 ? 14.208  -4.088  5.784   1.000 39.540  0 168 GLY AAA O   1 ? 
ATOM   1160 N N   . VAL A 1 150 ? 13.106  -4.957  3.986   1.000 41.543  0 169 VAL AAA N   1 ? 
ATOM   1161 C CA  . VAL A 1 150 ? 11.871  -5.350  4.720   1.000 47.803  0 169 VAL AAA CA  1 ? 
ATOM   1162 C C   . VAL A 1 150 ? 12.118  -6.758  5.284   1.000 54.837  0 169 VAL AAA C   1 ? 
ATOM   1163 O O   . VAL A 1 150 ? 12.616  -7.627  4.519   1.000 63.138  0 169 VAL AAA O   1 ? 
ATOM   1164 C CB  . VAL A 1 150 ? 10.626  -5.310  3.805   1.000 49.450  0 169 VAL AAA CB  1 ? 
ATOM   1165 C CG1 . VAL A 1 150 ? 9.349   -5.593  4.577   1.000 51.539  0 169 VAL AAA CG1 1 ? 
ATOM   1166 C CG2 . VAL A 1 150 ? 10.488  -3.998  3.039   1.000 46.845  0 169 VAL AAA CG2 1 ? 
ATOM   1167 N N   . GLY A 1 151 ? 11.778  -6.989  6.556   1.000 53.920  0 170 GLY AAA N   1 ? 
ATOM   1168 C CA  . GLY A 1 151 ? 11.743  -8.342  7.146   1.000 53.900  0 170 GLY AAA CA  1 ? 
ATOM   1169 C C   . GLY A 1 151 ? 10.365  -8.974  7.010   1.000 52.912  0 170 GLY AAA C   1 ? 
ATOM   1170 O O   . GLY A 1 151 ? 9.478   -8.568  7.772   1.000 49.716  0 170 GLY AAA O   1 ? 
ATOM   1171 N N   . VAL A 1 152 ? 10.213  -9.961  6.112   1.000 58.944  0 171 VAL AAA N   1 ? 
ATOM   1172 C CA  . VAL A 1 152 ? 8.950   -10.719 5.825   1.000 64.375  0 171 VAL AAA CA  1 ? 
ATOM   1173 C C   . VAL A 1 152 ? 8.354   -11.256 7.134   1.000 63.998  0 171 VAL AAA C   1 ? 
ATOM   1174 O O   . VAL A 1 152 ? 7.153   -11.588 7.146   1.000 55.664  0 171 VAL AAA O   1 ? 
ATOM   1175 C CB  . VAL A 1 152 ? 9.174   -11.894 4.848   1.000 73.311  0 171 VAL AAA CB  1 ? 
ATOM   1176 C CG1 . VAL A 1 152 ? 9.840   -11.445 3.558   1.000 77.299  0 171 VAL AAA CG1 1 ? 
ATOM   1177 C CG2 . VAL A 1 152 ? 9.945   -13.048 5.486   1.000 74.176  0 171 VAL AAA CG2 1 ? 
ATOM   1178 N N   . ASP A 1 153 ? 9.196   -11.381 8.165   1.000 63.875  0 172 ASP AAA N   1 ? 
ATOM   1179 C CA  . ASP A 1 153 ? 8.873   -11.937 9.506   1.000 59.749  0 172 ASP AAA CA  1 ? 
ATOM   1180 C C   . ASP A 1 153 ? 8.141   -10.900 10.368  1.000 48.797  0 172 ASP AAA C   1 ? 
ATOM   1181 O O   . ASP A 1 153 ? 7.576   -11.316 11.377  1.000 49.597  0 172 ASP AAA O   1 ? 
ATOM   1182 C CB  . ASP A 1 153 ? 10.150  -12.428 10.197  1.000 62.509  0 172 ASP AAA CB  1 ? 
ATOM   1183 C CG  . ASP A 1 153 ? 11.252  -11.386 10.208  1.000 63.852  0 172 ASP AAA CG  1 ? 
ATOM   1184 O OD1 . ASP A 1 153 ? 11.263  -10.576 11.152  1.000 57.186  0 172 ASP AAA OD1 1 ? 
ATOM   1185 O OD2 . ASP A 1 153 ? 12.058  -11.363 9.237   1.000 66.864  0 172 ASP AAA OD2 1 ? 
ATOM   1186 N N   . THR A 1 154 ? 8.158   -9.617  9.999   1.000 47.243  0 173 THR AAA N   1 ? 
ATOM   1187 C CA  . THR A 1 154 ? 7.362   -8.529  10.653  1.000 48.147  0 173 THR AAA CA  1 ? 
ATOM   1188 C C   . THR A 1 154 ? 5.941   -8.433  10.057  1.000 43.973  0 173 THR AAA C   1 ? 
ATOM   1189 O O   . THR A 1 154 ? 5.030   -7.997  10.787  1.000 45.300  0 173 THR AAA O   1 ? 
ATOM   1190 C CB  . THR A 1 154 ? 8.079   -7.176  10.554  1.000 55.056  0 173 THR AAA CB  1 ? 
ATOM   1191 O OG1 . THR A 1 154 ? 8.129   -6.789  9.180   1.000 53.854  0 173 THR AAA OG1 1 ? 
ATOM   1192 C CG2 . THR A 1 154 ? 9.484   -7.214  11.125  1.000 57.195  0 173 THR AAA CG2 1 ? 
ATOM   1193 N N   . LEU A 1 155 ? 5.732   -8.871  8.809   1.000 37.593  0 174 LEU AAA N   1 ? 
ATOM   1194 C CA  . LEU A 1 155 ? 4.437   -8.739  8.073   1.000 35.023  0 174 LEU AAA CA  1 ? 
ATOM   1195 C C   . LEU A 1 155 ? 3.246   -9.295  8.875   1.000 33.595  0 174 LEU AAA C   1 ? 
ATOM   1196 O O   . LEU A 1 155 ? 3.194   -10.507 9.121   1.000 31.292  0 174 LEU AAA O   1 ? 
ATOM   1197 C CB  . LEU A 1 155 ? 4.565   -9.492  6.748   1.000 33.798  0 174 LEU AAA CB  1 ? 
ATOM   1198 C CG  . LEU A 1 155 ? 5.542   -8.905  5.735   1.000 35.014  0 174 LEU AAA CG  1 ? 
ATOM   1199 C CD1 . LEU A 1 155 ? 5.540   -9.738  4.452   1.000 35.023  0 174 LEU AAA CD1 1 ? 
ATOM   1200 C CD2 . LEU A 1 155 ? 5.201   -7.450  5.429   1.000 35.073  0 174 LEU AAA CD2 1 ? 
ATOM   1201 N N   . LEU A 1 156 ? 2.270   -8.447  9.192   1.000 36.785  0 175 LEU AAA N   1 ? 
ATOM   1202 C CA  . LEU A 1 156 ? 0.901   -8.863  9.618   1.000 37.625  0 175 LEU AAA CA  1 ? 
ATOM   1203 C C   . LEU A 1 156 ? 0.226   -9.597  8.454   1.000 33.746  0 175 LEU AAA C   1 ? 
ATOM   1204 O O   . LEU A 1 156 ? 0.332   -9.119  7.343   1.000 35.895  0 175 LEU AAA O   1 ? 
ATOM   1205 C CB  . LEU A 1 156 ? 0.072   -7.621  9.982   1.000 40.238  0 175 LEU AAA CB  1 ? 
ATOM   1206 C CG  . LEU A 1 156 ? -0.026  -7.237  11.459  1.000 44.202  0 175 LEU AAA CG  1 ? 
ATOM   1207 C CD1 . LEU A 1 156 ? -1.286  -7.843  12.095  1.000 48.735  0 175 LEU AAA CD1 1 ? 
ATOM   1208 C CD2 . LEU A 1 156 ? 1.224   -7.627  12.239  1.000 41.299  0 175 LEU AAA CD2 1 ? 
ATOM   1209 N N   . THR A 1 157 ? -0.465  -10.698 8.716   1.000 34.164  0 176 THR AAA N   1 ? 
ATOM   1210 C CA  . THR A 1 157 ? -1.501  -11.271 7.814   1.000 39.313  0 176 THR AAA CA  1 ? 
ATOM   1211 C C   . THR A 1 157 ? -2.840  -10.625 8.203   1.000 39.693  0 176 THR AAA C   1 ? 
ATOM   1212 O O   . THR A 1 157 ? -3.292  -10.774 9.377   1.000 39.410  0 176 THR AAA O   1 ? 
ATOM   1213 C CB  . THR A 1 157 ? -1.496  -12.807 7.840   1.000 37.534  0 176 THR AAA CB  1 ? 
ATOM   1214 O OG1 . THR A 1 157 ? -0.425  -13.246 7.009   1.000 38.742  0 176 THR AAA OG1 1 ? 
ATOM   1215 C CG2 . THR A 1 157 ? -2.761  -13.437 7.316   1.000 39.717  0 176 THR AAA CG2 1 ? 
ATOM   1216 N N   . THR A 1 158 ? -3.427  -9.894  7.262   1.000 37.125  0 177 THR AAA N   1 ? 
ATOM   1217 C CA  . THR A 1 158 ? -4.680  -9.132  7.477   1.000 35.651  0 177 THR AAA CA  1 ? 
ATOM   1218 C C   . THR A 1 158 ? -5.856  -10.100 7.484   1.000 30.737  0 177 THR AAA C   1 ? 
ATOM   1219 O O   . THR A 1 158 ? -5.941  -10.915 6.581   1.000 35.503  0 177 THR AAA O   1 ? 
ATOM   1220 C CB  . THR A 1 158 ? -4.839  -8.014  6.443   1.000 32.354  0 177 THR AAA CB  1 ? 
ATOM   1221 O OG1 . THR A 1 158 ? -3.736  -7.158  6.738   1.000 30.370  0 177 THR AAA OG1 1 ? 
ATOM   1222 C CG2 . THR A 1 158 ? -6.174  -7.294  6.537   1.000 33.502  0 177 THR AAA CG2 1 ? 
ATOM   1223 N N   . ASN A 1 159 ? -6.718  -9.977  8.480   1.000 30.883  0 178 ASN AAA N   1 ? 
ATOM   1224 C CA  . ASN A 1 159 ? -8.013  -10.704 8.557   1.000 32.192  0 178 ASN AAA CA  1 ? 
ATOM   1225 C C   . ASN A 1 159 ? -8.958  -10.156 7.484   1.000 32.744  0 178 ASN AAA C   1 ? 
ATOM   1226 O O   . ASN A 1 159 ? -9.313  -8.966  7.591   1.000 38.922  0 178 ASN AAA O   1 ? 
ATOM   1227 C CB  . ASN A 1 159 ? -8.637  -10.555 9.942   1.000 29.642  0 178 ASN AAA CB  1 ? 
ATOM   1228 C CG  . ASN A 1 159 ? -9.619  -11.660 10.235  1.000 34.227  0 178 ASN AAA CG  1 ? 
ATOM   1229 O OD1 . ASN A 1 159 ? -9.484  -12.395 11.216  1.000 40.605  0 178 ASN AAA OD1 1 ? 
ATOM   1230 N ND2 . ASN A 1 159 ? -10.570 -11.841 9.345   1.000 34.073  0 178 ASN AAA ND2 1 ? 
ATOM   1231 N N   . GLN A 1 160 ? -9.343  -10.976 6.504   1.000 30.608  0 179 GLN AAA N   1 ? 
ATOM   1232 C CA  . GLN A 1 160 ? -10.344 -10.628 5.460   1.000 29.807  0 179 GLN AAA CA  1 ? 
ATOM   1233 C C   . GLN A 1 160 ? -11.499 -11.638 5.511   1.000 27.636  0 179 GLN AAA C   1 ? 
ATOM   1234 O O   . GLN A 1 160 ? -12.095 -11.921 4.482   1.000 28.106  0 179 GLN AAA O   1 ? 
ATOM   1235 C CB  . GLN A 1 160 ? -9.703  -10.586 4.068   1.000 28.231  0 179 GLN AAA CB  1 ? 
ATOM   1236 C CG  . GLN A 1 160 ? -8.649  -9.486  3.887   1.000 29.217  0 179 GLN AAA CG  1 ? 
ATOM   1237 C CD  . GLN A 1 160 ? -9.225  -8.090  3.868   1.000 25.721  0 179 GLN AAA CD  1 ? 
ATOM   1238 O OE1 . GLN A 1 160 ? -10.429 -7.898  3.936   1.000 25.809  0 179 GLN AAA OE1 1 ? 
ATOM   1239 N NE2 . GLN A 1 160 ? -8.362  -7.094  3.781   1.000 23.685  0 179 GLN AAA NE2 1 ? 
ATOM   1240 N N   . ASP A 1 161 ? -11.808 -12.190 6.664   1.000 25.634  0 180 ASP AAA N   1 ? 
ATOM   1241 C CA  . ASP A 1 161 ? -12.836 -13.255 6.745   1.000 27.400  0 180 ASP AAA CA  1 ? 
ATOM   1242 C C   . ASP A 1 161 ? -14.219 -12.582 6.695   1.000 31.021  0 180 ASP AAA C   1 ? 
ATOM   1243 O O   . ASP A 1 161 ? -14.456 -11.699 7.544   1.000 25.470  0 180 ASP AAA O   1 ? 
ATOM   1244 C CB  . ASP A 1 161 ? -12.600 -14.121 7.980   1.000 28.356  0 180 ASP AAA CB  1 ? 
ATOM   1245 C CG  . ASP A 1 161 ? -11.249 -14.839 7.973   1.000 29.537  0 180 ASP AAA CG  1 ? 
ATOM   1246 O OD1 . ASP A 1 161 ? -10.746 -15.127 6.869   1.000 27.846  0 180 ASP AAA OD1 1 ? 
ATOM   1247 O OD2 . ASP A 1 161 ? -10.707 -15.106 9.073   1.000 29.918  0 180 ASP AAA OD2 1 ? 
ATOM   1248 N N   . ALA A 1 162 ? -15.096 -12.975 5.752   1.000 31.189  0 181 ALA AAA N   1 ? 
ATOM   1249 C CA  . ALA A 1 162 ? -16.459 -12.406 5.618   1.000 35.787  0 181 ALA AAA CA  1 ? 
ATOM   1250 C C   . ALA A 1 162 ? -17.206 -12.454 6.960   1.000 37.613  0 181 ALA AAA C   1 ? 
ATOM   1251 O O   . ALA A 1 162 ? -18.005 -11.543 7.204   1.000 36.069  0 181 ALA AAA O   1 ? 
ATOM   1252 C CB  . ALA A 1 162 ? -17.249 -13.124 4.563   1.000 37.361  0 181 ALA AAA CB  1 ? 
ATOM   1253 N N   . ALA A 1 163 ? -16.979 -13.446 7.825   1.000 37.169  0 182 ALA AAA N   1 ? 
ATOM   1254 C CA  . ALA A 1 163 ? -17.732 -13.540 9.102   1.000 42.272  0 182 ALA AAA CA  1 ? 
ATOM   1255 C C   . ALA A 1 163 ? -17.447 -12.327 10.002  1.000 45.376  0 182 ALA AAA C   1 ? 
ATOM   1256 O O   . ALA A 1 163 ? -18.325 -12.018 10.826  1.000 55.458  0 182 ALA AAA O   1 ? 
ATOM   1257 C CB  . ALA A 1 163 ? -17.458 -14.835 9.824   1.000 40.413  0 182 ALA AAA CB  1 ? 
ATOM   1258 N N   . TYR A 1 164 ? -16.286 -11.672 9.880   1.000 48.924  0 183 TYR AAA N   1 ? 
ATOM   1259 C CA  . TYR A 1 164 ? -15.925 -10.472 10.687  1.000 55.975  0 183 TYR AAA CA  1 ? 
ATOM   1260 C C   . TYR A 1 164 ? -16.102 -9.189  9.854   1.000 46.820  0 183 TYR AAA C   1 ? 
ATOM   1261 O O   . TYR A 1 164 ? -16.568 -8.177  10.425  1.000 52.116  0 183 TYR AAA O   1 ? 
ATOM   1262 C CB  . TYR A 1 164 ? -14.521 -10.589 11.307  1.000 63.929  0 183 TYR AAA CB  1 ? 
ATOM   1263 C CG  . TYR A 1 164 ? -14.202 -9.501  12.312  1.000 83.073  0 183 TYR AAA CG  1 ? 
ATOM   1264 C CD1 . TYR A 1 164 ? -15.144 -9.085  13.252  1.000 90.940  0 183 TYR AAA CD1 1 ? 
ATOM   1265 C CD2 . TYR A 1 164 ? -12.968 -8.855  12.318  1.000 91.662  0 183 TYR AAA CD2 1 ? 
ATOM   1266 C CE1 . TYR A 1 164 ? -14.875 -8.070  14.161  1.000 88.512  0 183 TYR AAA CE1 1 ? 
ATOM   1267 C CE2 . TYR A 1 164 ? -12.679 -7.843  13.226  1.000 88.569  0 183 TYR AAA CE2 1 ? 
ATOM   1268 C CZ  . TYR A 1 164 ? -13.634 -7.453  14.154  1.000 91.480  0 183 TYR AAA CZ  1 ? 
ATOM   1269 O OH  . TYR A 1 164 ? -13.367 -6.461  15.054  1.000 93.758  0 183 TYR AAA OH  1 ? 
ATOM   1270 N N   . CYS A 1 165 ? -15.838 -9.259  8.551   1.000 38.044  0 184 CYS AAA N   1 ? 
ATOM   1271 C CA  . CYS A 1 165 ? -15.610 -8.116  7.634   1.000 45.255  0 184 CYS AAA CA  1 ? 
ATOM   1272 C C   . CYS A 1 165 ? -16.866 -7.696  6.844   1.000 51.139  0 184 CYS AAA C   1 ? 
ATOM   1273 O O   . CYS A 1 165 ? -16.888 -6.527  6.389   1.000 53.197  0 184 CYS AAA O   1 ? 
ATOM   1274 C CB  . CYS A 1 165 ? -14.465 -8.441  6.678   1.000 41.222  0 184 CYS AAA CB  1 ? 
ATOM   1275 S SG  . CYS A 1 165 ? -12.883 -8.621  7.550   1.000 45.089  0 184 CYS AAA SG  1 ? 
ATOM   1276 N N   . SER A 1 166 ? -17.859 -8.579  6.683   1.000 55.069  0 185 SER AAA N   1 ? 
ATOM   1277 C CA  . SER A 1 166 ? -19.135 -8.342  5.950   1.000 56.184  0 185 SER AAA CA  1 ? 
ATOM   1278 C C   . SER A 1 166 ? -19.563 -6.872  6.076   1.000 61.508  0 185 SER AAA C   1 ? 
ATOM   1279 O O   . SER A 1 166 ? -20.198 -6.291  5.196   1.000 60.285  0 185 SER AAA O   1 ? 
ATOM   1280 C CB  . SER A 1 166 ? -20.221 -9.250  6.464   1.000 54.900  0 185 SER AAA CB  1 ? 
ATOM   1281 O OG  . SER A 1 166 ? -20.395 -9.070  7.863   1.000 55.177  0 185 SER AAA OG  1 ? 
HETATM 1282 C CHA . BLA B 2 .   ? -4.503  5.307   6.207   1.000 30.373  0 301 BLA AAA CHA 1 ? 
HETATM 1283 N NA  . BLA B 2 .   ? -2.402  5.070   5.014   1.000 37.217  0 301 BLA AAA NA  1 ? 
HETATM 1284 C C1A . BLA B 2 .   ? -3.296  5.821   5.742   1.000 33.925  0 301 BLA AAA C1A 1 ? 
HETATM 1285 C C2A . BLA B 2 .   ? -2.715  7.134   5.906   1.000 37.608  0 301 BLA AAA C2A 1 ? 
HETATM 1286 C C3A . BLA B 2 .   ? -1.512  7.125   5.250   1.000 36.532  0 301 BLA AAA C3A 1 ? 
HETATM 1287 C C4A . BLA B 2 .   ? -1.299  5.827   4.692   1.000 39.534  0 301 BLA AAA C4A 1 ? 
HETATM 1288 C CMA . BLA B 2 .   ? -0.547  8.254   5.130   1.000 39.224  0 301 BLA AAA CMA 1 ? 
HETATM 1289 C CAA . BLA B 2 .   ? -3.346  8.320   6.584   1.000 45.019  0 301 BLA AAA CAA 1 ? 
HETATM 1290 C CBA . BLA B 2 .   ? -3.375  8.266   8.105   1.000 55.193  0 301 BLA AAA CBA 1 ? 
HETATM 1291 C CGA . BLA B 2 .   ? -4.667  8.798   8.714   1.000 67.677  0 301 BLA AAA CGA 1 ? 
HETATM 1292 O O1A . BLA B 2 .   ? -5.317  8.029   9.477   1.000 73.150  0 301 BLA AAA O1A 1 ? 
HETATM 1293 O O2A . BLA B 2 .   ? -5.032  9.972   8.420   1.000 63.823  0 301 BLA AAA O2A 1 ? 
HETATM 1294 C CHB . BLA B 2 .   ? -0.209  5.405   3.967   1.000 39.958  0 301 BLA AAA CHB 1 ? 
HETATM 1295 N NB  . BLA B 2 .   ? -0.359  2.993   3.952   1.000 39.301  0 301 BLA AAA NB  1 ? 
HETATM 1296 C C1B . BLA B 2 .   ? 0.048   4.202   3.447   1.000 39.622  0 301 BLA AAA C1B 1 ? 
HETATM 1297 C C2B . BLA B 2 .   ? 0.784   3.992   2.245   1.000 42.940  0 301 BLA AAA C2B 1 ? 
HETATM 1298 C C3B . BLA B 2 .   ? 0.832   2.613   2.021   1.000 44.681  0 301 BLA AAA C3B 1 ? 
HETATM 1299 C C4B . BLA B 2 .   ? 0.005   2.000   3.076   1.000 43.519  0 301 BLA AAA C4B 1 ? 
HETATM 1300 C CMB . BLA B 2 .   ? 1.399   5.038   1.362   1.000 47.395  0 301 BLA AAA CMB 1 ? 
HETATM 1301 O OB  . BLA B 2 .   ? -0.305  0.829   3.173   1.000 46.200  0 301 BLA AAA OB  1 ? 
HETATM 1302 C CAB . BLA B 2 .   ? 1.517   1.932   1.031   1.000 51.530  0 301 BLA AAA CAB 1 ? 
HETATM 1303 C CBB . BLA B 2 .   ? 2.092   0.771   1.209   1.000 54.370  0 301 BLA AAA CBB 1 ? 
HETATM 1304 N NC  . BLA B 2 .   ? -3.368  2.024   2.663   1.000 29.194  0 301 BLA AAA NC  1 ? 
HETATM 1305 C C1C . BLA B 2 .   ? -2.827  1.713   1.426   1.000 28.078  0 301 BLA AAA C1C 1 ? 
HETATM 1306 C C2C . BLA B 2 .   ? -3.323  0.456   1.018   1.000 30.910  0 301 BLA AAA C2C 1 ? 
HETATM 1307 C C3C . BLA B 2 .   ? -4.274  0.081   1.996   1.000 31.199  0 301 BLA AAA C3C 1 ? 
HETATM 1308 C C4C . BLA B 2 .   ? -4.363  1.099   2.960   1.000 28.121  0 301 BLA AAA C4C 1 ? 
HETATM 1309 C CMC . BLA B 2 .   ? -2.895  -0.297  -0.212  1.000 31.609  0 301 BLA AAA CMC 1 ? 
HETATM 1310 O OC  . BLA B 2 .   ? -2.069  2.400   0.811   1.000 27.790  0 301 BLA AAA OC  1 ? 
HETATM 1311 C CAC . BLA B 2 .   ? -4.976  -1.133  2.040   1.000 34.060  0 301 BLA AAA CAC 1 ? 
HETATM 1312 C CBC . BLA B 2 .   ? -5.421  -1.790  1.004   1.000 36.470  0 301 BLA AAA CBC 1 ? 
HETATM 1313 C CHD . BLA B 2 .   ? -5.222  1.152   4.001   1.000 29.117  0 301 BLA AAA CHD 1 ? 
HETATM 1314 N ND  . BLA B 2 .   ? -4.407  3.139   5.135   1.000 26.925  0 301 BLA AAA ND  1 ? 
HETATM 1315 C C1D . BLA B 2 .   ? -5.308  2.129   4.963   1.000 27.819  0 301 BLA AAA C1D 1 ? 
HETATM 1316 C C2D . BLA B 2 .   ? -6.374  2.257   5.938   1.000 29.519  0 301 BLA AAA C2D 1 ? 
HETATM 1317 C C3D . BLA B 2 .   ? -6.232  3.466   6.523   1.000 31.031  0 301 BLA AAA C3D 1 ? 
HETATM 1318 C C4D . BLA B 2 .   ? -5.011  4.036   5.967   1.000 29.570  0 301 BLA AAA C4D 1 ? 
HETATM 1319 C CMD . BLA B 2 .   ? -7.452  1.259   6.227   1.000 32.523  0 301 BLA AAA CMD 1 ? 
HETATM 1320 C CAD . BLA B 2 .   ? -7.147  4.101   7.524   1.000 33.347  0 301 BLA AAA CAD 1 ? 
HETATM 1321 C CBD . BLA B 2 .   ? -6.627  3.950   8.949   1.000 36.964  0 301 BLA AAA CBD 1 ? 
HETATM 1322 C CGD . BLA B 2 .   ? -7.543  4.547   9.997   1.000 39.733  0 301 BLA AAA CGD 1 ? 
HETATM 1323 O O1D . BLA B 2 .   ? -7.859  5.737   9.855   1.000 38.194  0 301 BLA AAA O1D 1 ? 
HETATM 1324 O O2D . BLA B 2 .   ? -7.940  3.813   10.953  1.000 39.266  0 301 BLA AAA O2D 1 ? 
HETATM 1325 O O   . HOH C 3 .   ? -2.357  4.553   1.367   1.000 29.742  0 401 HOH AAA O   1 ? 
HETATM 1326 O O   . HOH C 3 .   ? 0.207   -0.762  4.726   1.000 34.479  0 402 HOH AAA O   1 ? 
HETATM 1327 O O   . HOH C 3 .   ? -2.537  -1.564  4.009   1.000 69.654  0 403 HOH AAA O   1 ? 
HETATM 1328 O O   . HOH C 3 .   ? 1.136   19.517  7.263   1.000 50.033  0 404 HOH AAA O   1 ? 
HETATM 1329 O O   . HOH C 3 .   ? -11.877 1.141   0.023   1.000 17.741  0 405 HOH AAA O   1 ? 
HETATM 1330 O O   . HOH C 3 .   ? 5.513   -12.617 11.522  1.000 42.434  0 406 HOH AAA O   1 ? 
HETATM 1331 O O   . HOH C 3 .   ? 15.899  -3.807  7.528   1.000 33.946  0 407 HOH AAA O   1 ? 
HETATM 1332 O O   . HOH C 3 .   ? -4.345  3.326   -0.777  1.000 26.930  0 408 HOH AAA O   1 ? 
HETATM 1333 O O   . HOH C 3 .   ? -20.529 -6.658  8.343   1.000 42.667  0 409 HOH AAA O   1 ? 
HETATM 1334 O O   . HOH C 3 .   ? -6.140  -2.696  9.208   1.000 37.519  0 410 HOH AAA O   1 ? 
HETATM 1335 O O   . HOH C 3 .   ? -11.860 8.748   -2.767  1.000 29.572  0 411 HOH AAA O   1 ? 
HETATM 1336 O O   . HOH C 3 .   ? -4.620  -11.503 4.509   1.000 40.796  0 412 HOH AAA O   1 ? 
HETATM 1337 O O   . HOH C 3 .   ? 11.403  9.391   2.502   1.000 39.028  0 413 HOH AAA O   1 ? 
HETATM 1338 O O   . HOH C 3 .   ? 7.230   9.636   -4.612  1.000 34.309  0 414 HOH AAA O   1 ? 
HETATM 1339 O O   . HOH C 3 .   ? -12.579 -2.257  4.199   1.000 29.732  0 415 HOH AAA O   1 ? 
HETATM 1340 O O   . HOH C 3 .   ? 10.532  12.107  4.640   1.000 31.330  0 416 HOH AAA O   1 ? 
HETATM 1341 O O   . HOH C 3 .   ? -1.800  1.842   6.122   1.000 41.303  0 417 HOH AAA O   1 ? 
HETATM 1342 O O   . HOH C 3 .   ? -5.618  5.742   11.203  1.000 46.961  0 418 HOH AAA O   1 ? 
HETATM 1343 O O   . HOH C 3 .   ? 5.236   11.479  -7.439  1.000 36.493  0 419 HOH AAA O   1 ? 
HETATM 1344 O O   . HOH C 3 .   ? -11.507 6.158   -4.139  1.000 28.633  0 420 HOH AAA O   1 ? 
HETATM 1345 O O   . HOH C 3 .   ? 16.806  7.349   1.087   1.000 29.231  0 421 HOH AAA O   1 ? 
HETATM 1346 O O   . HOH C 3 .   ? -0.096  12.250  3.264   1.000 57.127  0 422 HOH AAA O   1 ? 
HETATM 1347 O O   . HOH C 3 .   ? 16.320  -0.299  10.635  1.000 20.566  0 423 HOH AAA O   1 ? 
HETATM 1348 O O   . HOH C 3 .   ? 6.792   10.279  -10.468 1.000 43.406  0 424 HOH AAA O   1 ? 
HETATM 1349 O O   . HOH C 3 .   ? -16.104 2.290   19.781  1.000 41.607  0 425 HOH AAA O   1 ? 
HETATM 1350 O O   . HOH C 3 .   ? -8.475  -13.716 6.192   1.000 29.866  0 426 HOH AAA O   1 ? 
HETATM 1351 O O   . HOH C 3 .   ? -1.325  15.457  1.699   1.000 36.943  0 427 HOH AAA O   1 ? 
HETATM 1352 O O   . HOH C 3 .   ? -14.070 -10.250 -4.501  1.000 54.242  0 428 HOH AAA O   1 ? 
HETATM 1353 O O   . HOH C 3 .   ? 5.008   -12.774 8.545   1.000 35.448  0 429 HOH AAA O   1 ? 
HETATM 1354 O O   . HOH C 3 .   ? -6.472  -12.206 -6.642  1.000 38.411  0 430 HOH AAA O   1 ? 
HETATM 1355 O O   . HOH C 3 .   ? -6.931  -14.279 -5.579  1.000 36.231  0 431 HOH AAA O   1 ? 
HETATM 1356 O O   . HOH C 3 .   ? -8.206  12.805  -6.380  1.000 45.926  0 432 HOH AAA O   1 ? 
HETATM 1357 O O   . HOH C 3 .   ? 2.321   -1.057  6.089   1.000 18.811  0 433 HOH AAA O   1 ? 
HETATM 1358 O O   . HOH C 3 .   ? 9.938   -8.390  3.662   1.000 78.976  0 434 HOH AAA O   1 ? 
HETATM 1359 O O   . HOH C 3 .   ? -10.674 9.907   9.155   1.000 50.034  0 435 HOH AAA O   1 ? 
HETATM 1360 O O   . HOH C 3 .   ? 4.407   4.259   11.028  1.000 34.026  0 436 HOH AAA O   1 ? 
HETATM 1361 O O   . HOH C 3 .   ? -5.961  -4.611  7.932   1.000 60.494  0 437 HOH AAA O   1 ? 
HETATM 1362 O O   . HOH C 3 .   ? -4.891  0.395   -21.563 1.000 44.095  0 438 HOH AAA O   1 ? 
HETATM 1363 O O   . HOH C 3 .   ? 2.042   19.826  4.834   1.000 47.911  0 439 HOH AAA O   1 ? 
HETATM 1364 O O   . HOH C 3 .   ? 9.363   -0.107  14.283  1.000 62.642  0 440 HOH AAA O   1 ? 
HETATM 1365 O O   . HOH C 3 .   ? -6.773  11.930  5.210   1.000 36.731  0 441 HOH AAA O   1 ? 
HETATM 1366 O O   . HOH C 3 .   ? 5.624   9.753   10.076  1.000 37.647  0 442 HOH AAA O   1 ? 
HETATM 1367 O O   . HOH C 3 .   ? 10.360  -2.258  7.606   1.000 31.812  0 443 HOH AAA O   1 ? 
HETATM 1368 O O   . HOH C 3 .   ? 12.274  11.807  2.019   1.000 40.569  0 444 HOH AAA O   1 ? 
HETATM 1369 O O   . HOH C 3 .   ? -10.341 -0.954  -13.908 1.000 38.482  0 445 HOH AAA O   1 ? 
HETATM 1370 O O   . HOH C 3 .   ? -15.400 -0.982  -0.649  1.000 43.642  0 446 HOH AAA O   1 ? 
HETATM 1371 O O   . HOH C 3 .   ? -6.424  -18.600 -2.989  1.000 41.366  0 447 HOH AAA O   1 ? 
HETATM 1372 O O   . HOH C 3 .   ? 9.543   -12.687 -8.367  1.000 31.275  0 448 HOH AAA O   1 ? 
HETATM 1373 O O   . HOH C 3 .   ? 11.984  2.767   -18.427 1.000 42.787  0 449 HOH AAA O   1 ? 
HETATM 1374 O O   . HOH C 3 .   ? -15.582 -11.595 -2.532  1.000 41.198  0 450 HOH AAA O   1 ? 
HETATM 1375 O O   . HOH C 3 .   ? 10.686  14.423  -4.367  1.000 38.411  0 451 HOH AAA O   1 ? 
# 
